data_1ZZ1
#
_entry.id   1ZZ1
#
_cell.length_a   68.606
_cell.length_b   94.716
_cell.length_c   123.924
_cell.angle_alpha   90.00
_cell.angle_beta   104.75
_cell.angle_gamma   90.00
#
_symmetry.space_group_name_H-M   'P 1 21 1'
#
loop_
_entity.id
_entity.type
_entity.pdbx_description
1 polymer 'Histone deacetylase-like amidohydrolase'
2 non-polymer 'ZINC ION'
3 non-polymer 'POTASSIUM ION'
4 non-polymer 'OCTANEDIOIC ACID HYDROXYAMIDE PHENYLAMIDE'
5 water water
#
_entity_poly.entity_id   1
_entity_poly.type   'polypeptide(L)'
_entity_poly.pdbx_seq_one_letter_code
;MAIGYVWNTLYGWVDTGTGSLAAANLTARMQPISHHLAHPDTKRRFHELVCASGQIEHLTPIAAVAATDADILRAHSAAH
LENMKRVSNLPTGGDTGDGITMMGNGGLEIARLSAGGAVELTRRVATGELSAGYALVNPPGHHAPHNAAMGFCIFNNTSV
AAGYARAVLGMERVAILDWDVHHGNGTQDIWWNDPSVLTISLHQHLCFPPDSGYSTERGAGNGHGYNINVPLPPGSGNAA
YLHAMDQVVLPALRAYRPQLIIVGSGFDASMLDPLARMMVTADGFRQMARRTIDCAADICDGRIVFVQEGGYSPHYLPFC
GLAVIEELTGVRSLPDPYHEFLAGMGGNTLLDAERAAIEEIVPLLADIR
;
_entity_poly.pdbx_strand_id   A,B,C,D
#
loop_
_chem_comp.id
_chem_comp.type
_chem_comp.name
_chem_comp.formula
K non-polymer 'POTASSIUM ION' 'K 1'
SHH non-polymer 'OCTANEDIOIC ACID HYDROXYAMIDE PHENYLAMIDE' 'C14 H20 N2 O3'
ZN non-polymer 'ZINC ION' 'Zn 2'
#
# COMPACT_ATOMS: atom_id res chain seq x y z
N ALA A 2 7.30 -5.97 -60.91
CA ALA A 2 6.94 -7.18 -60.11
C ALA A 2 7.24 -6.94 -58.63
N ILE A 3 6.17 -6.88 -57.83
CA ILE A 3 6.29 -6.41 -56.44
C ILE A 3 6.11 -7.55 -55.47
N GLY A 4 7.13 -7.82 -54.66
CA GLY A 4 7.13 -8.88 -53.68
C GLY A 4 6.47 -8.45 -52.38
N TYR A 5 5.89 -9.43 -51.69
CA TYR A 5 5.15 -9.13 -50.46
C TYR A 5 5.37 -10.28 -49.47
N VAL A 6 5.81 -9.96 -48.26
CA VAL A 6 6.02 -10.98 -47.24
C VAL A 6 5.05 -10.83 -46.07
N TRP A 7 4.33 -11.91 -45.83
CA TRP A 7 3.57 -12.12 -44.59
C TRP A 7 3.72 -13.58 -44.17
N ASN A 8 4.03 -13.79 -42.91
CA ASN A 8 4.02 -15.13 -42.34
C ASN A 8 2.99 -15.13 -41.23
N THR A 9 2.21 -16.20 -41.17
CA THR A 9 1.19 -16.35 -40.12
C THR A 9 1.72 -16.04 -38.72
N LEU A 10 2.95 -16.49 -38.43
CA LEU A 10 3.50 -16.30 -37.09
C LEU A 10 3.81 -14.84 -36.73
N TYR A 11 3.91 -13.96 -37.74
CA TYR A 11 4.06 -12.54 -37.44
C TYR A 11 2.88 -12.09 -36.59
N GLY A 12 1.72 -12.71 -36.80
CA GLY A 12 0.53 -12.35 -36.07
C GLY A 12 0.37 -13.08 -34.74
N TRP A 13 1.32 -13.99 -34.45
CA TRP A 13 1.26 -14.83 -33.25
C TRP A 13 2.23 -14.40 -32.17
N VAL A 14 2.93 -13.28 -32.40
CA VAL A 14 3.85 -12.73 -31.40
C VAL A 14 3.07 -12.52 -30.12
N ASP A 15 3.52 -13.15 -29.03
CA ASP A 15 2.83 -13.02 -27.74
C ASP A 15 3.25 -11.74 -27.01
N THR A 16 2.35 -10.78 -26.90
CA THR A 16 2.72 -9.51 -26.26
C THR A 16 2.19 -9.48 -24.81
N GLY A 17 1.79 -10.63 -24.30
CA GLY A 17 1.42 -10.75 -22.88
C GLY A 17 0.07 -10.15 -22.56
N THR A 18 -0.07 -9.68 -21.32
CA THR A 18 -1.37 -9.16 -20.86
C THR A 18 -1.25 -7.75 -20.25
N GLY A 19 -0.07 -7.17 -20.35
CA GLY A 19 0.10 -5.76 -19.98
C GLY A 19 -0.12 -4.78 -21.12
N SER A 20 0.16 -3.51 -20.82
CA SER A 20 -0.03 -2.40 -21.75
C SER A 20 1.23 -2.07 -22.52
N LEU A 21 2.37 -2.19 -21.85
CA LEU A 21 3.68 -1.78 -22.34
C LEU A 21 4.66 -2.66 -21.57
N ALA A 22 4.82 -2.35 -20.27
CA ALA A 22 5.35 -3.33 -19.31
C ALA A 22 4.27 -4.38 -19.11
N ALA A 23 4.62 -5.47 -18.42
CA ALA A 23 3.63 -6.47 -18.03
C ALA A 23 2.60 -5.85 -17.07
N ALA A 24 1.43 -6.49 -16.97
CA ALA A 24 0.46 -6.16 -15.94
C ALA A 24 1.16 -6.28 -14.60
N ASN A 25 0.73 -5.48 -13.65
CA ASN A 25 1.45 -5.42 -12.37
C ASN A 25 0.51 -5.04 -11.26
N LEU A 26 0.22 -6.00 -10.38
CA LEU A 26 -0.72 -5.74 -9.31
C LEU A 26 -0.32 -4.64 -8.32
N THR A 27 0.93 -4.66 -7.90
CA THR A 27 1.42 -3.66 -6.94
C THR A 27 1.35 -2.22 -7.49
N ALA A 28 1.68 -2.08 -8.77
CA ALA A 28 1.56 -0.79 -9.46
C ALA A 28 0.12 -0.46 -9.88
N ARG A 29 -0.76 -1.45 -9.72
CA ARG A 29 -2.16 -1.39 -10.13
C ARG A 29 -2.29 -1.10 -11.63
N MET A 30 -1.48 -1.78 -12.43
CA MET A 30 -1.61 -1.78 -13.89
C MET A 30 -2.43 -3.00 -14.24
N GLN A 31 -3.72 -2.78 -14.49
CA GLN A 31 -4.70 -3.85 -14.76
C GLN A 31 -4.36 -4.60 -16.05
N PRO A 32 -4.53 -5.94 -16.09
CA PRO A 32 -4.33 -6.69 -17.37
C PRO A 32 -5.24 -6.14 -18.44
N ILE A 33 -4.84 -6.27 -19.71
CA ILE A 33 -5.67 -5.81 -20.82
C ILE A 33 -5.46 -6.79 -21.99
N SER A 34 -6.48 -6.97 -22.85
CA SER A 34 -6.39 -7.98 -23.95
C SER A 34 -5.32 -7.60 -24.95
N HIS A 35 -5.26 -6.30 -25.28
CA HIS A 35 -4.38 -5.79 -26.32
C HIS A 35 -3.31 -4.83 -25.81
N HIS A 36 -2.11 -5.36 -25.68
CA HIS A 36 -0.87 -4.59 -25.44
C HIS A 36 -0.70 -3.56 -26.55
N LEU A 37 -0.03 -2.45 -26.25
CA LEU A 37 0.17 -1.42 -27.29
C LEU A 37 0.69 -2.04 -28.60
N ALA A 38 1.59 -3.01 -28.48
CA ALA A 38 2.29 -3.57 -29.64
C ALA A 38 1.66 -4.89 -30.10
N HIS A 39 0.41 -5.14 -29.69
CA HIS A 39 -0.27 -6.38 -30.03
C HIS A 39 -0.19 -6.64 -31.54
N PRO A 40 0.10 -7.88 -31.97
CA PRO A 40 0.25 -8.16 -33.42
C PRO A 40 -1.00 -7.90 -34.30
N ASP A 41 -2.19 -7.72 -33.71
CA ASP A 41 -3.41 -7.45 -34.51
C ASP A 41 -3.28 -6.23 -35.40
N THR A 42 -2.52 -5.24 -34.96
CA THR A 42 -2.41 -4.02 -35.77
C THR A 42 -1.80 -4.35 -37.12
N LYS A 43 -0.69 -5.09 -37.09
CA LYS A 43 -0.02 -5.44 -38.34
C LYS A 43 -0.81 -6.51 -39.09
N ARG A 44 -1.47 -7.42 -38.37
CA ARG A 44 -2.34 -8.41 -39.04
C ARG A 44 -3.47 -7.72 -39.80
N ARG A 45 -4.04 -6.65 -39.24
CA ARG A 45 -5.11 -5.94 -39.93
C ARG A 45 -4.64 -5.27 -41.24
N PHE A 46 -3.37 -4.84 -41.23
CA PHE A 46 -2.72 -4.29 -42.42
C PHE A 46 -2.65 -5.43 -43.46
N HIS A 47 -2.08 -6.57 -43.09
CA HIS A 47 -2.09 -7.76 -43.97
C HIS A 47 -3.48 -8.07 -44.54
N GLU A 48 -4.47 -8.13 -43.66
CA GLU A 48 -5.80 -8.57 -44.11
C GLU A 48 -6.41 -7.55 -45.05
N LEU A 49 -6.10 -6.28 -44.84
CA LEU A 49 -6.52 -5.23 -45.76
C LEU A 49 -5.82 -5.34 -47.10
N VAL A 50 -4.53 -5.72 -47.09
CA VAL A 50 -3.83 -5.96 -48.36
C VAL A 50 -4.59 -7.02 -49.17
N CYS A 51 -5.07 -8.05 -48.50
CA CYS A 51 -5.83 -9.10 -49.16
C CYS A 51 -7.26 -8.70 -49.53
N ALA A 52 -7.99 -8.16 -48.57
CA ALA A 52 -9.39 -7.82 -48.80
C ALA A 52 -9.57 -6.71 -49.84
N SER A 53 -8.58 -5.81 -49.95
CA SER A 53 -8.65 -4.72 -50.90
C SER A 53 -8.34 -5.17 -52.32
N GLY A 54 -7.86 -6.41 -52.47
CA GLY A 54 -7.45 -6.92 -53.79
C GLY A 54 -6.01 -6.58 -54.16
N GLN A 55 -5.32 -5.82 -53.32
CA GLN A 55 -3.92 -5.53 -53.61
C GLN A 55 -3.11 -6.80 -53.77
N ILE A 56 -3.43 -7.83 -53.00
CA ILE A 56 -2.65 -9.08 -53.02
C ILE A 56 -2.62 -9.66 -54.44
N GLU A 57 -3.65 -9.39 -55.24
CA GLU A 57 -3.70 -9.88 -56.62
C GLU A 57 -2.62 -9.23 -57.49
N HIS A 58 -2.08 -8.10 -57.02
CA HIS A 58 -1.05 -7.34 -57.75
C HIS A 58 0.32 -7.54 -57.16
N LEU A 59 0.39 -8.43 -56.18
CA LEU A 59 1.63 -8.72 -55.50
C LEU A 59 2.07 -10.17 -55.73
N THR A 60 3.39 -10.35 -55.65
CA THR A 60 4.03 -11.66 -55.69
C THR A 60 4.36 -12.08 -54.27
N PRO A 61 3.60 -13.03 -53.72
CA PRO A 61 3.89 -13.51 -52.36
C PRO A 61 5.27 -14.14 -52.28
N ILE A 62 6.02 -13.74 -51.27
CA ILE A 62 7.38 -14.21 -51.04
C ILE A 62 7.38 -14.83 -49.66
N ALA A 63 7.73 -16.11 -49.58
CA ALA A 63 7.80 -16.80 -48.30
C ALA A 63 9.01 -16.33 -47.50
N ALA A 64 8.78 -16.01 -46.24
CA ALA A 64 9.87 -15.77 -45.32
C ALA A 64 10.73 -17.02 -45.18
N VAL A 65 12.03 -16.81 -45.01
CA VAL A 65 12.95 -17.92 -44.70
C VAL A 65 13.61 -17.54 -43.39
N ALA A 66 13.76 -18.49 -42.47
CA ALA A 66 14.41 -18.23 -41.18
C ALA A 66 15.86 -17.75 -41.34
N ALA A 67 16.15 -16.56 -40.85
CA ALA A 67 17.52 -16.04 -40.86
C ALA A 67 18.43 -16.98 -40.07
N THR A 68 19.61 -17.23 -40.64
CA THR A 68 20.56 -18.13 -40.06
C THR A 68 21.39 -17.37 -39.03
N ASP A 69 22.09 -18.12 -38.20
CA ASP A 69 23.10 -17.53 -37.35
C ASP A 69 24.03 -16.61 -38.16
N ALA A 70 24.56 -17.11 -39.28
CA ALA A 70 25.43 -16.30 -40.13
C ALA A 70 24.76 -14.97 -40.47
N ASP A 71 23.51 -15.03 -40.95
CA ASP A 71 22.69 -13.86 -41.28
C ASP A 71 22.66 -12.85 -40.14
N ILE A 72 22.23 -13.32 -38.98
CA ILE A 72 22.15 -12.48 -37.78
C ILE A 72 23.51 -11.86 -37.37
N LEU A 73 24.57 -12.67 -37.38
CA LEU A 73 25.90 -12.17 -36.95
C LEU A 73 26.52 -11.14 -37.89
N ARG A 74 25.89 -10.88 -39.03
CA ARG A 74 26.36 -9.79 -39.90
C ARG A 74 25.99 -8.44 -39.30
N ALA A 75 24.96 -8.43 -38.46
CA ALA A 75 24.44 -7.21 -37.84
C ALA A 75 24.65 -7.19 -36.33
N HIS A 76 24.71 -8.37 -35.72
CA HIS A 76 24.71 -8.52 -34.28
C HIS A 76 25.92 -9.27 -33.75
N SER A 77 26.25 -8.98 -32.48
CA SER A 77 27.33 -9.68 -31.78
C SER A 77 27.00 -11.17 -31.60
N ALA A 78 28.02 -12.00 -31.40
CA ALA A 78 27.84 -13.41 -31.07
C ALA A 78 27.14 -13.54 -29.71
N ALA A 79 27.55 -12.69 -28.78
CA ALA A 79 26.96 -12.66 -27.45
C ALA A 79 25.44 -12.43 -27.53
N HIS A 80 25.01 -11.53 -28.41
CA HIS A 80 23.57 -11.22 -28.52
C HIS A 80 22.75 -12.41 -29.06
N LEU A 81 23.22 -13.01 -30.15
CA LEU A 81 22.61 -14.23 -30.72
C LEU A 81 22.49 -15.31 -29.66
N GLU A 82 23.59 -15.57 -28.97
CA GLU A 82 23.66 -16.54 -27.89
C GLU A 82 22.64 -16.26 -26.80
N ASN A 83 22.52 -14.99 -26.44
CA ASN A 83 21.59 -14.54 -25.43
C ASN A 83 20.14 -14.73 -25.86
N MET A 84 19.86 -14.47 -27.13
CA MET A 84 18.50 -14.66 -27.66
C MET A 84 18.15 -16.15 -27.71
N LYS A 85 19.10 -16.98 -28.10
CA LYS A 85 18.94 -18.43 -28.02
C LYS A 85 18.61 -18.88 -26.60
N ARG A 86 19.38 -18.36 -25.63
CA ARG A 86 19.20 -18.65 -24.22
C ARG A 86 17.78 -18.31 -23.75
N VAL A 87 17.39 -17.05 -23.97
CA VAL A 87 16.05 -16.56 -23.56
C VAL A 87 14.94 -17.35 -24.26
N SER A 88 15.09 -17.58 -25.57
CA SER A 88 14.09 -18.37 -26.32
C SER A 88 13.97 -19.82 -25.82
N ASN A 89 15.08 -20.38 -25.30
CA ASN A 89 15.05 -21.76 -24.77
C ASN A 89 14.51 -21.93 -23.35
N LEU A 90 14.36 -20.83 -22.62
CA LEU A 90 13.76 -20.82 -21.28
C LEU A 90 12.31 -21.32 -21.33
N PRO A 91 11.88 -22.11 -20.32
CA PRO A 91 10.54 -22.76 -20.30
C PRO A 91 9.37 -21.84 -20.65
N THR A 92 9.43 -20.58 -20.21
CA THR A 92 8.43 -19.54 -20.41
C THR A 92 8.95 -18.51 -21.43
N GLY A 93 10.22 -18.65 -21.81
CA GLY A 93 10.92 -17.57 -22.49
C GLY A 93 11.23 -16.52 -21.44
N GLY A 94 11.20 -15.25 -21.82
CA GLY A 94 11.45 -14.18 -20.86
C GLY A 94 11.95 -12.85 -21.41
N ASP A 95 12.53 -12.06 -20.51
CA ASP A 95 12.99 -10.71 -20.78
C ASP A 95 14.27 -10.78 -21.59
N THR A 96 14.32 -10.00 -22.66
CA THR A 96 15.48 -10.05 -23.56
C THR A 96 16.59 -9.10 -23.11
N GLY A 97 16.28 -8.28 -22.10
CA GLY A 97 17.30 -7.42 -21.52
C GLY A 97 16.87 -6.08 -20.96
N ASP A 98 15.75 -5.53 -21.43
CA ASP A 98 15.33 -4.15 -21.09
C ASP A 98 14.10 -4.11 -20.19
N GLY A 99 13.74 -5.27 -19.63
CA GLY A 99 12.56 -5.41 -18.78
C GLY A 99 11.22 -5.27 -19.48
N ILE A 100 11.23 -4.99 -20.79
CA ILE A 100 9.99 -4.75 -21.56
C ILE A 100 9.86 -5.64 -22.81
N THR A 101 10.99 -5.91 -23.46
CA THR A 101 10.97 -6.67 -24.70
C THR A 101 11.04 -8.17 -24.39
N MET A 102 9.95 -8.84 -24.69
CA MET A 102 9.80 -10.23 -24.29
C MET A 102 9.87 -11.16 -25.49
N MET A 103 10.27 -12.39 -25.22
CA MET A 103 10.23 -13.43 -26.21
C MET A 103 9.77 -14.68 -25.48
N GLY A 104 8.74 -15.33 -26.00
CA GLY A 104 8.21 -16.57 -25.42
C GLY A 104 9.15 -17.73 -25.70
N ASN A 105 8.87 -18.90 -25.13
CA ASN A 105 9.58 -20.11 -25.52
C ASN A 105 9.45 -20.33 -27.04
N GLY A 106 10.59 -20.50 -27.71
CA GLY A 106 10.60 -20.72 -29.17
C GLY A 106 10.28 -19.46 -29.98
N GLY A 107 10.20 -18.32 -29.30
CA GLY A 107 10.00 -17.04 -29.98
C GLY A 107 11.12 -16.64 -30.93
N LEU A 108 12.29 -17.28 -30.81
CA LEU A 108 13.39 -17.04 -31.72
C LEU A 108 12.93 -17.39 -33.12
N GLU A 109 12.07 -18.41 -33.24
CA GLU A 109 11.53 -18.81 -34.53
C GLU A 109 10.92 -17.62 -35.26
N ILE A 110 10.07 -16.88 -34.57
CA ILE A 110 9.41 -15.72 -35.19
C ILE A 110 10.45 -14.62 -35.46
N ALA A 111 11.34 -14.38 -34.51
CA ALA A 111 12.41 -13.40 -34.72
C ALA A 111 13.22 -13.72 -35.99
N ARG A 112 13.56 -15.00 -36.16
CA ARG A 112 14.34 -15.44 -37.33
C ARG A 112 13.55 -15.25 -38.62
N LEU A 113 12.24 -15.50 -38.55
CA LEU A 113 11.35 -15.34 -39.71
C LEU A 113 11.14 -13.85 -40.06
N SER A 114 11.14 -13.01 -39.05
CA SER A 114 10.98 -11.59 -39.27
C SER A 114 12.22 -11.03 -40.01
N ALA A 115 13.40 -11.26 -39.45
CA ALA A 115 14.62 -10.83 -40.12
C ALA A 115 14.78 -11.52 -41.49
N GLY A 116 14.44 -12.81 -41.53
CA GLY A 116 14.59 -13.59 -42.76
C GLY A 116 13.62 -13.17 -43.85
N GLY A 117 12.47 -12.60 -43.46
CA GLY A 117 11.54 -12.02 -44.43
C GLY A 117 12.18 -10.83 -45.16
N ALA A 118 12.84 -9.97 -44.38
CA ALA A 118 13.59 -8.83 -44.89
C ALA A 118 14.69 -9.33 -45.82
N VAL A 119 15.41 -10.37 -45.40
CA VAL A 119 16.55 -10.90 -46.19
C VAL A 119 16.09 -11.49 -47.52
N GLU A 120 15.05 -12.31 -47.48
CA GLU A 120 14.52 -12.96 -48.67
C GLU A 120 13.99 -11.97 -49.70
N LEU A 121 13.23 -10.97 -49.23
CA LEU A 121 12.74 -9.97 -50.14
C LEU A 121 13.92 -9.25 -50.78
N THR A 122 14.91 -8.91 -49.95
CA THR A 122 16.14 -8.21 -50.37
C THR A 122 16.84 -9.02 -51.45
N ARG A 123 17.11 -10.31 -51.16
CA ARG A 123 17.75 -11.20 -52.11
C ARG A 123 17.05 -11.19 -53.47
N ARG A 124 15.72 -11.28 -53.47
CA ARG A 124 14.96 -11.43 -54.72
C ARG A 124 14.80 -10.12 -55.51
N VAL A 125 14.82 -8.99 -54.81
CA VAL A 125 14.82 -7.70 -55.46
C VAL A 125 16.18 -7.51 -56.15
N ALA A 126 17.26 -7.85 -55.45
CA ALA A 126 18.64 -7.72 -56.01
C ALA A 126 18.97 -8.63 -57.20
N THR A 127 18.41 -9.84 -57.22
CA THR A 127 18.63 -10.74 -58.34
C THR A 127 17.97 -10.18 -59.60
N GLY A 128 17.02 -9.26 -59.40
CA GLY A 128 16.20 -8.73 -60.48
C GLY A 128 14.92 -9.50 -60.71
N GLU A 129 14.65 -10.54 -59.90
CA GLU A 129 13.38 -11.27 -60.01
C GLU A 129 12.18 -10.35 -59.70
N LEU A 130 12.36 -9.49 -58.70
CA LEU A 130 11.36 -8.50 -58.31
C LEU A 130 11.92 -7.11 -58.51
N SER A 131 11.04 -6.13 -58.76
CA SER A 131 11.47 -4.76 -58.88
C SER A 131 11.59 -4.07 -57.51
N ALA A 132 10.72 -4.48 -56.59
CA ALA A 132 10.65 -3.85 -55.29
C ALA A 132 9.76 -4.72 -54.42
N GLY A 133 9.62 -4.39 -53.14
CA GLY A 133 8.65 -5.14 -52.35
C GLY A 133 8.45 -4.58 -50.97
N TYR A 134 7.51 -5.20 -50.26
CA TYR A 134 7.19 -4.83 -48.89
C TYR A 134 7.18 -6.08 -48.02
N ALA A 135 7.99 -6.07 -46.96
CA ALA A 135 8.06 -7.19 -46.04
C ALA A 135 7.33 -6.76 -44.78
N LEU A 136 6.12 -7.29 -44.61
CA LEU A 136 5.27 -6.91 -43.48
C LEU A 136 5.63 -7.82 -42.29
N VAL A 137 6.80 -7.55 -41.72
CA VAL A 137 7.35 -8.43 -40.70
C VAL A 137 6.94 -7.99 -39.29
N ASN A 138 7.12 -8.90 -38.33
CA ASN A 138 6.90 -8.66 -36.90
C ASN A 138 7.57 -9.84 -36.20
N PRO A 139 8.38 -9.57 -35.14
CA PRO A 139 8.67 -8.28 -34.49
C PRO A 139 9.51 -7.29 -35.32
N PRO A 140 9.47 -6.00 -34.93
CA PRO A 140 10.21 -4.94 -35.59
C PRO A 140 11.72 -4.99 -35.27
N GLY A 141 12.50 -4.05 -35.80
CA GLY A 141 13.96 -4.23 -35.74
C GLY A 141 14.79 -3.05 -35.30
N HIS A 142 14.34 -1.82 -35.56
CA HIS A 142 15.28 -0.68 -35.61
C HIS A 142 15.91 -0.21 -34.29
N HIS A 143 15.36 -0.63 -33.15
CA HIS A 143 15.96 -0.29 -31.87
C HIS A 143 17.07 -1.25 -31.42
N ALA A 144 17.14 -2.44 -32.03
CA ALA A 144 18.08 -3.47 -31.57
C ALA A 144 19.48 -3.09 -32.06
N PRO A 145 20.40 -2.79 -31.11
CA PRO A 145 21.74 -2.40 -31.53
C PRO A 145 22.62 -3.64 -31.71
N HIS A 146 23.93 -3.46 -31.95
CA HIS A 146 24.80 -4.59 -32.26
C HIS A 146 24.67 -5.66 -31.18
N ASN A 147 24.62 -5.23 -29.93
CA ASN A 147 24.77 -6.18 -28.83
C ASN A 147 23.60 -6.32 -27.86
N ALA A 148 22.37 -6.10 -28.34
CA ALA A 148 21.19 -6.16 -27.47
C ALA A 148 19.87 -6.23 -28.26
N ALA A 149 18.81 -6.66 -27.57
CA ALA A 149 17.44 -6.40 -27.99
C ALA A 149 16.91 -5.18 -27.24
N MET A 150 15.94 -4.46 -27.82
CA MET A 150 15.40 -3.23 -27.22
C MET A 150 14.09 -2.78 -27.90
N GLY A 151 13.17 -2.16 -27.14
CA GLY A 151 11.99 -1.50 -27.74
C GLY A 151 11.15 -2.36 -28.70
N PHE A 152 10.84 -3.59 -28.28
CA PHE A 152 10.03 -4.58 -29.05
C PHE A 152 10.83 -5.33 -30.12
N CYS A 153 12.11 -4.97 -30.27
CA CYS A 153 13.00 -5.46 -31.35
C CYS A 153 13.99 -6.50 -30.83
N ILE A 154 13.96 -7.68 -31.45
CA ILE A 154 14.86 -8.79 -31.09
C ILE A 154 16.11 -8.72 -31.96
N PHE A 155 15.90 -8.65 -33.27
CA PHE A 155 16.96 -8.45 -34.22
C PHE A 155 16.68 -7.26 -35.11
N ASN A 156 17.74 -6.62 -35.59
CA ASN A 156 17.57 -5.45 -36.43
C ASN A 156 17.35 -5.92 -37.86
N ASN A 157 16.09 -6.12 -38.23
CA ASN A 157 15.77 -6.72 -39.53
C ASN A 157 16.40 -6.04 -40.73
N THR A 158 16.28 -4.72 -40.79
CA THR A 158 16.83 -3.97 -41.92
C THR A 158 18.36 -4.10 -41.92
N SER A 159 18.98 -4.14 -40.74
CA SER A 159 20.44 -4.26 -40.66
C SER A 159 20.94 -5.65 -41.05
N VAL A 160 20.18 -6.67 -40.67
CA VAL A 160 20.47 -8.02 -41.15
C VAL A 160 20.39 -8.07 -42.69
N ALA A 161 19.29 -7.54 -43.25
CA ALA A 161 19.12 -7.46 -44.70
C ALA A 161 20.27 -6.70 -45.37
N ALA A 162 20.62 -5.55 -44.81
CA ALA A 162 21.68 -4.70 -45.37
C ALA A 162 23.01 -5.42 -45.39
N GLY A 163 23.29 -6.14 -44.29
CA GLY A 163 24.50 -6.93 -44.08
C GLY A 163 24.62 -8.03 -45.11
N TYR A 164 23.49 -8.67 -45.40
CA TYR A 164 23.38 -9.73 -46.40
C TYR A 164 23.67 -9.16 -47.78
N ALA A 165 23.07 -8.01 -48.09
CA ALA A 165 23.29 -7.30 -49.34
C ALA A 165 24.78 -6.95 -49.52
N ARG A 166 25.44 -6.60 -48.40
CA ARG A 166 26.87 -6.27 -48.41
C ARG A 166 27.76 -7.48 -48.59
N ALA A 167 27.65 -8.47 -47.70
CA ALA A 167 28.55 -9.63 -47.67
C ALA A 167 28.26 -10.66 -48.75
N VAL A 168 26.98 -11.03 -48.89
CA VAL A 168 26.55 -12.07 -49.82
C VAL A 168 26.32 -11.57 -51.25
N LEU A 169 25.72 -10.39 -51.41
CA LEU A 169 25.41 -9.87 -52.73
C LEU A 169 26.50 -8.93 -53.27
N GLY A 170 27.47 -8.58 -52.42
CA GLY A 170 28.61 -7.78 -52.81
C GLY A 170 28.36 -6.31 -53.09
N MET A 171 27.23 -5.79 -52.63
CA MET A 171 26.94 -4.38 -52.81
C MET A 171 27.88 -3.55 -51.95
N GLU A 172 28.34 -2.43 -52.50
CA GLU A 172 29.35 -1.60 -51.83
C GLU A 172 28.70 -0.65 -50.85
N ARG A 173 27.52 -0.15 -51.25
CA ARG A 173 26.79 0.81 -50.43
C ARG A 173 25.29 0.46 -50.38
N VAL A 174 24.76 0.47 -49.16
CA VAL A 174 23.31 0.30 -48.93
C VAL A 174 22.80 1.47 -48.09
N ALA A 175 21.60 1.97 -48.37
CA ALA A 175 20.98 2.99 -47.51
C ALA A 175 19.77 2.43 -46.77
N ILE A 176 19.73 2.70 -45.47
CA ILE A 176 18.51 2.44 -44.67
C ILE A 176 17.83 3.73 -44.29
N LEU A 177 16.60 3.93 -44.78
CA LEU A 177 15.80 5.11 -44.48
C LEU A 177 14.67 4.70 -43.52
N ASP A 178 14.69 5.25 -42.33
CA ASP A 178 13.80 4.79 -41.27
C ASP A 178 12.83 5.93 -40.94
N TRP A 179 11.56 5.77 -41.30
CA TRP A 179 10.57 6.81 -41.00
C TRP A 179 9.54 6.38 -39.93
N ASP A 180 9.82 5.26 -39.27
CA ASP A 180 9.17 4.96 -37.98
C ASP A 180 9.37 6.20 -37.12
N VAL A 181 8.37 6.59 -36.33
CA VAL A 181 8.38 7.85 -35.62
C VAL A 181 9.44 7.92 -34.51
N HIS A 182 9.99 6.78 -34.12
CA HIS A 182 10.98 6.71 -33.05
C HIS A 182 12.37 6.58 -33.65
N HIS A 183 13.38 6.99 -32.90
CA HIS A 183 14.77 6.95 -33.38
C HIS A 183 15.26 5.51 -33.60
N GLY A 184 15.87 5.27 -34.74
CA GLY A 184 16.48 3.98 -35.06
C GLY A 184 17.86 3.88 -34.43
N ASN A 185 17.90 3.90 -33.10
CA ASN A 185 19.18 3.86 -32.37
C ASN A 185 19.95 2.58 -32.64
N GLY A 186 19.23 1.49 -32.87
CA GLY A 186 19.90 0.20 -33.05
C GLY A 186 20.67 0.22 -34.35
N THR A 187 19.99 0.66 -35.40
CA THR A 187 20.56 0.73 -36.75
C THR A 187 21.75 1.69 -36.75
N GLN A 188 21.56 2.84 -36.11
CA GLN A 188 22.61 3.83 -35.92
C GLN A 188 23.86 3.23 -35.27
N ASP A 189 23.65 2.48 -34.19
CA ASP A 189 24.74 1.80 -33.48
C ASP A 189 25.49 0.82 -34.37
N ILE A 190 24.75 0.04 -35.15
CA ILE A 190 25.34 -1.08 -35.87
C ILE A 190 26.32 -0.59 -36.92
N TRP A 191 25.91 0.44 -37.65
CA TRP A 191 26.70 0.92 -38.75
C TRP A 191 27.51 2.18 -38.39
N TRP A 192 27.69 2.42 -37.09
CA TRP A 192 28.25 3.68 -36.55
C TRP A 192 29.60 4.03 -37.18
N ASN A 193 30.46 3.03 -37.26
CA ASN A 193 31.81 3.24 -37.78
C ASN A 193 31.95 2.90 -39.27
N ASP A 194 30.83 2.63 -39.93
CA ASP A 194 30.82 1.99 -41.25
C ASP A 194 30.18 2.83 -42.36
N PRO A 195 30.99 3.33 -43.31
CA PRO A 195 30.46 4.21 -44.35
C PRO A 195 29.69 3.47 -45.43
N SER A 196 29.72 2.12 -45.38
CA SER A 196 29.12 1.30 -46.45
C SER A 196 27.61 1.10 -46.28
N VAL A 197 27.08 1.55 -45.14
CA VAL A 197 25.63 1.63 -44.90
C VAL A 197 25.30 3.03 -44.37
N LEU A 198 24.62 3.82 -45.19
CA LEU A 198 24.13 5.13 -44.77
C LEU A 198 22.84 4.91 -44.00
N THR A 199 22.80 5.44 -42.79
CA THR A 199 21.67 5.25 -41.88
C THR A 199 21.01 6.59 -41.66
N ILE A 200 19.74 6.69 -42.08
CA ILE A 200 18.96 7.91 -41.91
C ILE A 200 17.75 7.60 -41.03
N SER A 201 17.53 8.43 -40.03
CA SER A 201 16.29 8.34 -39.23
C SER A 201 15.55 9.70 -39.12
N LEU A 202 14.27 9.72 -39.51
CA LEU A 202 13.33 10.81 -39.19
C LEU A 202 12.60 10.36 -37.91
N HIS A 203 12.46 11.24 -36.93
CA HIS A 203 11.74 10.82 -35.72
C HIS A 203 11.26 12.01 -34.93
N GLN A 204 10.20 11.81 -34.16
CA GLN A 204 9.86 12.77 -33.11
C GLN A 204 11.01 12.87 -32.10
N HIS A 205 11.49 14.09 -31.88
CA HIS A 205 12.69 14.29 -31.06
C HIS A 205 12.45 13.76 -29.65
N LEU A 206 13.31 12.84 -29.21
CA LEU A 206 13.30 12.33 -27.82
C LEU A 206 12.03 11.55 -27.49
N CYS A 207 11.32 11.07 -28.52
CA CYS A 207 10.15 10.23 -28.29
C CYS A 207 10.55 8.84 -27.72
N PHE A 208 11.33 8.09 -28.47
CA PHE A 208 12.00 6.88 -27.93
C PHE A 208 13.20 6.48 -28.81
N PRO A 209 14.36 6.10 -28.20
CA PRO A 209 14.69 6.12 -26.76
C PRO A 209 14.83 7.54 -26.22
N PRO A 210 14.86 7.70 -24.88
CA PRO A 210 15.17 9.05 -24.40
C PRO A 210 16.64 9.34 -24.68
N ASP A 211 17.02 10.61 -24.70
CA ASP A 211 18.44 10.98 -24.83
C ASP A 211 19.13 10.32 -26.04
N SER A 212 18.40 10.26 -27.16
CA SER A 212 18.85 9.55 -28.35
C SER A 212 18.34 10.26 -29.60
N GLY A 213 19.11 10.26 -30.69
CA GLY A 213 18.59 10.78 -31.97
C GLY A 213 18.83 12.25 -32.29
N TYR A 214 19.71 12.89 -31.54
CA TYR A 214 20.18 14.24 -31.85
C TYR A 214 20.96 14.20 -33.16
N SER A 215 20.91 15.31 -33.87
CA SER A 215 21.61 15.45 -35.16
C SER A 215 23.15 15.48 -35.06
N THR A 216 23.64 15.74 -33.84
CA THR A 216 25.08 15.63 -33.53
C THR A 216 25.62 14.21 -33.59
N GLU A 217 24.72 13.23 -33.64
CA GLU A 217 25.08 11.81 -33.74
C GLU A 217 25.29 11.46 -35.22
N ARG A 218 26.56 11.40 -35.63
CA ARG A 218 26.97 11.46 -37.05
C ARG A 218 27.86 10.32 -37.50
N GLY A 219 28.11 9.37 -36.62
CA GLY A 219 29.00 8.25 -36.91
C GLY A 219 30.39 8.62 -36.44
N ALA A 220 31.34 7.71 -36.66
CA ALA A 220 32.70 7.85 -36.16
C ALA A 220 33.69 7.15 -37.09
N GLY A 221 34.97 7.54 -37.00
CA GLY A 221 36.00 6.99 -37.89
C GLY A 221 35.62 7.15 -39.36
N ASN A 222 35.73 6.06 -40.11
CA ASN A 222 35.43 6.09 -41.55
C ASN A 222 33.93 6.29 -41.80
N GLY A 223 33.13 6.01 -40.76
CA GLY A 223 31.68 6.17 -40.84
C GLY A 223 31.13 7.54 -40.46
N HIS A 224 32.02 8.48 -40.13
CA HIS A 224 31.59 9.85 -39.81
C HIS A 224 30.97 10.54 -41.01
N GLY A 225 29.73 10.99 -40.85
CA GLY A 225 29.00 11.68 -41.90
C GLY A 225 27.99 10.78 -42.58
N TYR A 226 27.96 9.50 -42.20
CA TYR A 226 27.06 8.51 -42.81
C TYR A 226 25.99 7.96 -41.83
N ASN A 227 25.66 8.79 -40.84
CA ASN A 227 24.45 8.63 -40.03
C ASN A 227 23.81 9.99 -39.99
N ILE A 228 22.55 10.05 -40.39
CA ILE A 228 21.82 11.30 -40.37
C ILE A 228 20.54 11.15 -39.55
N ASN A 229 20.45 11.91 -38.46
CA ASN A 229 19.24 11.97 -37.65
C ASN A 229 18.49 13.23 -37.98
N VAL A 230 17.18 13.11 -38.21
CA VAL A 230 16.33 14.26 -38.43
C VAL A 230 15.22 14.31 -37.35
N PRO A 231 15.57 14.77 -36.13
CA PRO A 231 14.58 14.94 -35.07
C PRO A 231 13.64 16.09 -35.39
N LEU A 232 12.35 15.80 -35.25
CA LEU A 232 11.28 16.73 -35.57
C LEU A 232 10.42 16.97 -34.35
N PRO A 233 9.82 18.17 -34.25
CA PRO A 233 8.97 18.46 -33.08
C PRO A 233 7.64 17.69 -33.08
N PRO A 234 7.13 17.36 -31.88
CA PRO A 234 5.73 16.91 -31.79
C PRO A 234 4.77 17.80 -32.57
N GLY A 235 3.72 17.19 -33.14
CA GLY A 235 2.73 17.88 -33.94
C GLY A 235 3.12 18.01 -35.42
N SER A 236 4.35 17.60 -35.76
CA SER A 236 4.78 17.60 -37.19
C SER A 236 3.87 16.71 -38.02
N GLY A 237 3.51 17.17 -39.21
CA GLY A 237 2.61 16.39 -40.07
C GLY A 237 3.15 16.24 -41.48
N ASN A 238 2.22 16.18 -42.43
CA ASN A 238 2.62 15.88 -43.81
C ASN A 238 3.59 16.93 -44.33
N ALA A 239 3.33 18.20 -44.04
CA ALA A 239 4.18 19.27 -44.58
C ALA A 239 5.64 19.16 -44.11
N ALA A 240 5.82 18.92 -42.80
CA ALA A 240 7.15 18.73 -42.23
C ALA A 240 7.85 17.47 -42.78
N TYR A 241 7.09 16.36 -42.87
CA TYR A 241 7.68 15.12 -43.34
C TYR A 241 8.14 15.22 -44.79
N LEU A 242 7.34 15.84 -45.64
CA LEU A 242 7.67 15.99 -47.06
C LEU A 242 8.82 16.98 -47.25
N HIS A 243 8.88 18.00 -46.39
CA HIS A 243 9.99 18.97 -46.42
C HIS A 243 11.28 18.26 -46.06
N ALA A 244 11.24 17.39 -45.04
CA ALA A 244 12.41 16.64 -44.64
C ALA A 244 12.87 15.71 -45.76
N MET A 245 11.90 15.11 -46.46
CA MET A 245 12.21 14.24 -47.60
C MET A 245 12.89 15.06 -48.68
N ASP A 246 12.30 16.21 -49.00
CA ASP A 246 12.77 17.00 -50.13
C ASP A 246 14.11 17.71 -49.86
N GLN A 247 14.33 18.12 -48.60
CA GLN A 247 15.53 18.88 -48.22
C GLN A 247 16.70 18.05 -47.71
N VAL A 248 16.41 16.92 -47.07
CA VAL A 248 17.49 16.10 -46.50
C VAL A 248 17.56 14.72 -47.12
N VAL A 249 16.42 14.01 -47.09
CA VAL A 249 16.43 12.59 -47.35
C VAL A 249 16.84 12.27 -48.78
N LEU A 250 16.14 12.89 -49.72
CA LEU A 250 16.37 12.63 -51.13
C LEU A 250 17.76 13.17 -51.53
N PRO A 251 18.07 14.44 -51.18
CA PRO A 251 19.47 14.89 -51.42
C PRO A 251 20.52 13.92 -50.85
N ALA A 252 20.32 13.44 -49.62
CA ALA A 252 21.24 12.49 -49.01
C ALA A 252 21.40 11.19 -49.82
N LEU A 253 20.29 10.58 -50.21
CA LEU A 253 20.34 9.36 -51.02
C LEU A 253 21.09 9.59 -52.34
N ARG A 254 20.84 10.73 -52.97
CA ARG A 254 21.48 11.00 -54.26
C ARG A 254 22.99 11.22 -54.12
N ALA A 255 23.38 11.89 -53.04
CA ALA A 255 24.81 12.12 -52.74
C ALA A 255 25.56 10.82 -52.45
N TYR A 256 24.90 9.91 -51.75
CA TYR A 256 25.52 8.68 -51.28
C TYR A 256 25.63 7.59 -52.36
N ARG A 257 24.66 7.58 -53.28
CA ARG A 257 24.61 6.57 -54.36
C ARG A 257 24.63 5.13 -53.84
N PRO A 258 23.55 4.75 -53.10
CA PRO A 258 23.42 3.37 -52.63
C PRO A 258 23.07 2.46 -53.80
N GLN A 259 23.40 1.17 -53.69
CA GLN A 259 22.98 0.19 -54.70
C GLN A 259 21.59 -0.37 -54.34
N LEU A 260 21.17 -0.15 -53.09
CA LEU A 260 19.89 -0.64 -52.59
C LEU A 260 19.40 0.34 -51.53
N ILE A 261 18.10 0.64 -51.56
CA ILE A 261 17.43 1.45 -50.53
C ILE A 261 16.50 0.53 -49.76
N ILE A 262 16.74 0.45 -48.45
CA ILE A 262 15.87 -0.33 -47.54
C ILE A 262 15.11 0.70 -46.71
N VAL A 263 13.79 0.61 -46.67
CA VAL A 263 13.01 1.57 -45.89
C VAL A 263 12.50 0.86 -44.65
N GLY A 264 12.84 1.42 -43.48
CA GLY A 264 12.28 0.93 -42.21
C GLY A 264 10.97 1.66 -42.10
N SER A 265 9.91 1.00 -42.54
CA SER A 265 8.59 1.63 -42.73
C SER A 265 7.70 1.41 -41.53
N GLY A 266 7.75 2.35 -40.60
CA GLY A 266 6.79 2.37 -39.48
C GLY A 266 5.69 3.36 -39.78
N PHE A 267 4.50 3.19 -39.18
CA PHE A 267 3.40 4.11 -39.40
C PHE A 267 2.95 4.75 -38.11
N ASP A 268 3.86 4.77 -37.14
CA ASP A 268 3.54 5.34 -35.84
C ASP A 268 3.65 6.87 -35.83
N ALA A 269 4.01 7.46 -36.98
CA ALA A 269 3.88 8.90 -37.12
C ALA A 269 2.46 9.33 -37.51
N SER A 270 1.56 8.35 -37.65
CA SER A 270 0.23 8.68 -38.13
C SER A 270 -0.52 9.54 -37.12
N MET A 271 -1.48 10.28 -37.66
CA MET A 271 -2.37 11.15 -36.90
C MET A 271 -3.05 10.54 -35.67
N LEU A 272 -3.26 9.22 -35.71
CA LEU A 272 -4.04 8.53 -34.66
C LEU A 272 -3.21 7.57 -33.82
N ASP A 273 -1.88 7.66 -33.93
CA ASP A 273 -1.06 6.72 -33.19
C ASP A 273 -0.94 7.10 -31.70
N PRO A 274 -1.07 6.10 -30.80
CA PRO A 274 -0.95 6.43 -29.36
C PRO A 274 0.51 6.66 -28.94
N LEU A 275 1.45 6.08 -29.68
CA LEU A 275 2.86 6.09 -29.25
C LEU A 275 3.76 7.22 -29.79
N ALA A 276 3.12 8.22 -30.40
CA ALA A 276 3.79 9.48 -30.79
C ALA A 276 2.74 10.55 -30.99
N ARG A 277 3.21 11.76 -31.30
CA ARG A 277 2.38 12.96 -31.35
C ARG A 277 2.38 13.60 -32.74
N MET A 278 2.67 12.78 -33.76
CA MET A 278 2.80 13.31 -35.11
C MET A 278 1.47 13.24 -35.90
N MET A 279 1.43 13.91 -37.07
CA MET A 279 0.15 14.17 -37.74
C MET A 279 0.18 13.70 -39.20
N VAL A 280 1.01 12.71 -39.48
CA VAL A 280 1.09 12.15 -40.84
C VAL A 280 -0.19 11.35 -41.16
N THR A 281 -0.77 11.60 -42.34
CA THR A 281 -1.94 10.83 -42.78
C THR A 281 -1.55 9.80 -43.83
N ALA A 282 -2.48 8.88 -44.17
CA ALA A 282 -2.23 7.89 -45.21
C ALA A 282 -1.71 8.57 -46.49
N ASP A 283 -2.27 9.75 -46.83
CA ASP A 283 -1.77 10.49 -48.02
C ASP A 283 -0.33 10.97 -47.84
N GLY A 284 0.02 11.33 -46.60
CA GLY A 284 1.40 11.70 -46.31
C GLY A 284 2.35 10.55 -46.55
N PHE A 285 2.02 9.39 -45.99
CA PHE A 285 2.85 8.20 -46.21
C PHE A 285 2.91 7.83 -47.69
N ARG A 286 1.79 8.02 -48.39
CA ARG A 286 1.73 7.73 -49.84
C ARG A 286 2.75 8.58 -50.61
N GLN A 287 2.80 9.88 -50.28
CA GLN A 287 3.77 10.80 -50.91
C GLN A 287 5.21 10.45 -50.53
N MET A 288 5.42 10.02 -49.29
CA MET A 288 6.75 9.66 -48.83
C MET A 288 7.23 8.45 -49.60
N ALA A 289 6.35 7.46 -49.74
CA ALA A 289 6.69 6.21 -50.46
C ALA A 289 6.96 6.50 -51.94
N ARG A 290 6.07 7.27 -52.55
CA ARG A 290 6.24 7.68 -53.96
C ARG A 290 7.61 8.32 -54.21
N ARG A 291 7.98 9.29 -53.37
CA ARG A 291 9.27 9.97 -53.55
C ARG A 291 10.43 9.00 -53.43
N THR A 292 10.36 8.08 -52.48
CA THR A 292 11.48 7.20 -52.22
C THR A 292 11.60 6.17 -53.34
N ILE A 293 10.46 5.63 -53.81
CA ILE A 293 10.48 4.70 -54.95
C ILE A 293 11.01 5.41 -56.21
N ASP A 294 10.59 6.64 -56.44
CA ASP A 294 11.04 7.38 -57.62
C ASP A 294 12.54 7.62 -57.51
N CYS A 295 12.98 7.98 -56.32
CA CYS A 295 14.42 8.11 -56.07
C CYS A 295 15.20 6.85 -56.42
N ALA A 296 14.72 5.67 -55.99
CA ALA A 296 15.37 4.41 -56.30
C ALA A 296 15.41 4.17 -57.81
N ALA A 297 14.31 4.52 -58.48
CA ALA A 297 14.23 4.41 -59.93
C ALA A 297 15.40 5.20 -60.55
N ASP A 298 15.58 6.43 -60.08
CA ASP A 298 16.67 7.31 -60.51
C ASP A 298 18.08 6.78 -60.24
N ILE A 299 18.31 6.27 -59.03
CA ILE A 299 19.69 6.11 -58.60
C ILE A 299 20.18 4.68 -58.45
N CYS A 300 19.28 3.71 -58.28
CA CYS A 300 19.72 2.32 -58.12
C CYS A 300 18.77 1.33 -58.79
N ASP A 301 18.38 1.67 -60.03
CA ASP A 301 17.64 0.75 -60.89
C ASP A 301 16.35 0.29 -60.20
N GLY A 302 15.81 1.15 -59.35
CA GLY A 302 14.53 0.88 -58.68
C GLY A 302 14.60 -0.08 -57.52
N ARG A 303 15.81 -0.46 -57.09
CA ARG A 303 15.98 -1.43 -55.98
C ARG A 303 15.59 -0.82 -54.65
N ILE A 304 14.39 -1.16 -54.20
CA ILE A 304 13.82 -0.61 -52.97
C ILE A 304 13.04 -1.72 -52.25
N VAL A 305 13.34 -1.86 -50.95
CA VAL A 305 12.76 -2.89 -50.10
C VAL A 305 12.20 -2.22 -48.86
N PHE A 306 10.87 -2.30 -48.68
CA PHE A 306 10.21 -1.77 -47.46
C PHE A 306 10.15 -2.88 -46.44
N VAL A 307 10.46 -2.53 -45.20
CA VAL A 307 10.44 -3.50 -44.11
C VAL A 307 9.72 -2.90 -42.90
N GLN A 308 8.69 -3.60 -42.46
CA GLN A 308 7.79 -3.03 -41.44
C GLN A 308 8.54 -2.76 -40.14
N GLU A 309 8.34 -1.55 -39.60
CA GLU A 309 8.82 -1.24 -38.24
C GLU A 309 7.55 -1.06 -37.38
N GLY A 310 7.42 0.07 -36.66
CA GLY A 310 6.33 0.26 -35.70
C GLY A 310 5.04 0.76 -36.30
N GLY A 311 4.13 1.24 -35.44
CA GLY A 311 2.75 1.62 -35.79
C GLY A 311 1.76 0.90 -34.88
N TYR A 312 0.87 1.67 -34.26
CA TYR A 312 0.08 1.17 -33.11
C TYR A 312 -1.41 1.46 -33.19
N SER A 313 -1.87 2.08 -34.29
CA SER A 313 -3.30 2.26 -34.47
C SER A 313 -3.91 1.10 -35.24
N PRO A 314 -4.61 0.19 -34.55
CA PRO A 314 -5.23 -0.89 -35.35
C PRO A 314 -6.29 -0.37 -36.31
N HIS A 315 -6.87 0.80 -36.01
CA HIS A 315 -7.94 1.40 -36.82
C HIS A 315 -7.33 1.97 -38.10
N TYR A 316 -6.23 2.72 -37.94
CA TYR A 316 -5.76 3.56 -39.03
C TYR A 316 -4.52 3.04 -39.73
N LEU A 317 -3.66 2.34 -39.01
CA LEU A 317 -2.43 1.81 -39.63
C LEU A 317 -2.67 1.07 -40.95
N PRO A 318 -3.70 0.20 -41.00
CA PRO A 318 -3.98 -0.55 -42.23
C PRO A 318 -4.07 0.35 -43.47
N PHE A 319 -4.72 1.50 -43.34
CA PHE A 319 -4.83 2.43 -44.49
C PHE A 319 -3.54 3.15 -44.82
N CYS A 320 -2.72 3.40 -43.81
CA CYS A 320 -1.41 4.00 -44.06
C CYS A 320 -0.55 3.01 -44.82
N GLY A 321 -0.53 1.76 -44.36
CA GLY A 321 0.18 0.69 -45.03
C GLY A 321 -0.33 0.45 -46.44
N LEU A 322 -1.65 0.41 -46.58
CA LEU A 322 -2.26 0.16 -47.89
C LEU A 322 -1.75 1.23 -48.87
N ALA A 323 -1.68 2.49 -48.45
CA ALA A 323 -1.30 3.58 -49.35
C ALA A 323 0.09 3.27 -49.89
N VAL A 324 1.00 2.80 -49.04
CA VAL A 324 2.37 2.48 -49.50
C VAL A 324 2.36 1.32 -50.50
N ILE A 325 1.62 0.27 -50.18
CA ILE A 325 1.45 -0.86 -51.09
C ILE A 325 0.98 -0.38 -52.47
N GLU A 326 -0.04 0.49 -52.46
CA GLU A 326 -0.60 1.06 -53.71
C GLU A 326 0.42 1.82 -54.52
N GLU A 327 1.37 2.50 -53.86
CA GLU A 327 2.45 3.18 -54.56
C GLU A 327 3.41 2.21 -55.21
N LEU A 328 3.60 1.06 -54.57
CA LEU A 328 4.37 -0.05 -55.15
C LEU A 328 3.68 -0.70 -56.34
N THR A 329 2.40 -1.02 -56.21
CA THR A 329 1.68 -1.74 -57.28
C THR A 329 1.21 -0.82 -58.43
N GLY A 330 1.04 0.47 -58.11
CA GLY A 330 0.47 1.44 -59.07
C GLY A 330 -1.02 1.22 -59.32
N VAL A 331 -1.67 0.42 -58.47
CA VAL A 331 -3.12 0.22 -58.52
C VAL A 331 -3.69 0.88 -57.29
N ARG A 332 -4.49 1.93 -57.51
CA ARG A 332 -5.00 2.79 -56.42
C ARG A 332 -6.52 2.69 -56.35
N SER A 333 -7.00 1.73 -55.58
CA SER A 333 -8.38 1.30 -55.74
C SER A 333 -9.26 1.42 -54.50
N LEU A 334 -8.76 2.08 -53.46
CA LEU A 334 -9.53 2.20 -52.23
C LEU A 334 -9.27 3.54 -51.60
N PRO A 335 -10.33 4.26 -51.17
CA PRO A 335 -10.08 5.53 -50.47
C PRO A 335 -9.62 5.29 -49.04
N ASP A 336 -8.99 6.31 -48.45
CA ASP A 336 -8.73 6.34 -47.02
C ASP A 336 -10.03 6.86 -46.42
N PRO A 337 -10.77 5.99 -45.70
CA PRO A 337 -12.08 6.44 -45.24
C PRO A 337 -12.01 7.42 -44.05
N TYR A 338 -10.80 7.67 -43.55
CA TYR A 338 -10.55 8.68 -42.51
C TYR A 338 -10.08 10.00 -43.08
N HIS A 339 -10.03 10.10 -44.41
CA HIS A 339 -9.29 11.21 -45.02
C HIS A 339 -9.85 12.56 -44.64
N GLU A 340 -11.16 12.75 -44.78
CA GLU A 340 -11.71 14.08 -44.55
C GLU A 340 -11.71 14.41 -43.05
N PHE A 341 -12.01 13.41 -42.22
CA PHE A 341 -11.98 13.53 -40.76
C PHE A 341 -10.64 14.03 -40.23
N LEU A 342 -9.56 13.47 -40.75
CA LEU A 342 -8.18 13.80 -40.34
C LEU A 342 -7.64 15.05 -41.05
N ALA A 343 -8.09 15.27 -42.27
CA ALA A 343 -7.59 16.41 -43.05
C ALA A 343 -7.83 17.72 -42.33
N GLY A 344 -8.99 17.84 -41.68
CA GLY A 344 -9.36 19.06 -40.97
C GLY A 344 -8.47 19.41 -39.79
N MET A 345 -7.69 18.44 -39.33
CA MET A 345 -6.90 18.60 -38.09
C MET A 345 -5.59 19.38 -38.21
N GLY A 346 -5.13 19.59 -39.46
CA GLY A 346 -3.89 20.32 -39.70
C GLY A 346 -2.71 19.39 -39.89
N GLY A 347 -1.50 19.96 -39.75
CA GLY A 347 -0.26 19.25 -40.03
C GLY A 347 0.24 19.46 -41.45
N ASN A 348 -0.61 20.05 -42.29
CA ASN A 348 -0.34 20.20 -43.73
C ASN A 348 0.23 21.56 -44.11
N THR A 349 0.64 22.31 -43.09
CA THR A 349 1.32 23.59 -43.25
C THR A 349 2.69 23.50 -42.56
N LEU A 350 3.77 23.84 -43.27
CA LEU A 350 5.08 23.74 -42.68
C LEU A 350 5.29 24.89 -41.71
N LEU A 351 5.29 24.57 -40.41
CA LEU A 351 5.44 25.57 -39.35
C LEU A 351 6.89 26.02 -39.25
N ASP A 352 7.12 27.27 -38.83
CA ASP A 352 8.49 27.78 -38.72
C ASP A 352 9.40 26.87 -37.90
N ALA A 353 8.89 26.27 -36.80
CA ALA A 353 9.77 25.45 -35.95
C ALA A 353 10.14 24.11 -36.61
N GLU A 354 9.26 23.65 -37.48
CA GLU A 354 9.48 22.43 -38.26
C GLU A 354 10.52 22.71 -39.35
N ARG A 355 10.33 23.82 -40.05
CA ARG A 355 11.32 24.26 -41.05
C ARG A 355 12.70 24.40 -40.42
N ALA A 356 12.79 25.00 -39.23
CA ALA A 356 14.10 25.19 -38.59
C ALA A 356 14.77 23.88 -38.18
N ALA A 357 14.02 22.94 -37.62
CA ALA A 357 14.55 21.64 -37.28
C ALA A 357 15.16 20.95 -38.50
N ILE A 358 14.49 21.07 -39.63
CA ILE A 358 14.96 20.46 -40.87
C ILE A 358 16.21 21.21 -41.40
N GLU A 359 16.15 22.54 -41.39
CA GLU A 359 17.27 23.38 -41.82
C GLU A 359 18.56 23.02 -41.07
N GLU A 360 18.43 22.68 -39.79
CA GLU A 360 19.56 22.24 -38.98
C GLU A 360 20.36 21.08 -39.56
N ILE A 361 19.73 20.26 -40.40
CA ILE A 361 20.40 19.08 -40.93
C ILE A 361 21.01 19.29 -42.31
N VAL A 362 20.50 20.24 -43.07
CA VAL A 362 21.00 20.46 -44.43
C VAL A 362 22.56 20.57 -44.56
N PRO A 363 23.23 21.24 -43.59
CA PRO A 363 24.69 21.37 -43.71
C PRO A 363 25.44 20.02 -43.65
N LEU A 364 24.82 19.01 -43.03
CA LEU A 364 25.43 17.67 -42.90
C LEU A 364 25.55 16.93 -44.23
N LEU A 365 24.83 17.41 -45.25
CA LEU A 365 24.83 16.80 -46.57
C LEU A 365 26.20 16.93 -47.21
N ALA A 366 26.89 18.04 -46.89
CA ALA A 366 28.25 18.32 -47.36
C ALA A 366 29.19 17.14 -47.16
N ASP A 367 29.08 16.48 -46.01
CA ASP A 367 29.98 15.39 -45.62
C ASP A 367 29.68 13.99 -46.18
N ILE A 368 28.66 13.90 -47.04
CA ILE A 368 28.34 12.63 -47.70
C ILE A 368 29.15 12.50 -49.00
N ALA B 2 -11.12 -41.42 25.78
CA ALA B 2 -11.35 -41.13 27.24
C ALA B 2 -10.23 -40.21 27.69
N ILE B 3 -10.60 -39.01 28.14
CA ILE B 3 -9.63 -37.95 28.45
C ILE B 3 -9.50 -37.70 29.95
N GLY B 4 -8.31 -37.97 30.46
CA GLY B 4 -8.03 -37.82 31.88
C GLY B 4 -7.77 -36.37 32.22
N TYR B 5 -8.05 -36.01 33.46
CA TYR B 5 -7.88 -34.61 33.89
C TYR B 5 -7.49 -34.63 35.35
N VAL B 6 -6.36 -33.99 35.66
CA VAL B 6 -5.84 -33.94 37.03
C VAL B 6 -5.87 -32.52 37.59
N TRP B 7 -6.62 -32.37 38.68
CA TRP B 7 -6.56 -31.18 39.51
C TRP B 7 -6.61 -31.60 40.97
N ASN B 8 -5.66 -31.15 41.76
CA ASN B 8 -5.67 -31.45 43.19
C ASN B 8 -5.83 -30.10 43.90
N THR B 9 -6.69 -30.06 44.92
CA THR B 9 -6.92 -28.81 45.64
C THR B 9 -5.64 -28.08 46.00
N LEU B 10 -4.61 -28.84 46.40
CA LEU B 10 -3.36 -28.25 46.88
C LEU B 10 -2.55 -27.54 45.81
N TYR B 11 -2.81 -27.85 44.54
CA TYR B 11 -2.23 -27.08 43.47
C TYR B 11 -2.58 -25.58 43.61
N GLY B 12 -3.75 -25.29 44.19
CA GLY B 12 -4.24 -23.91 44.38
C GLY B 12 -3.72 -23.27 45.65
N TRP B 13 -2.98 -24.05 46.46
CA TRP B 13 -2.55 -23.61 47.79
C TRP B 13 -1.05 -23.33 47.85
N VAL B 14 -0.36 -23.47 46.72
CA VAL B 14 1.07 -23.14 46.65
C VAL B 14 1.30 -21.73 47.18
N ASP B 15 2.24 -21.60 48.12
CA ASP B 15 2.49 -20.32 48.76
C ASP B 15 3.61 -19.61 48.03
N THR B 16 3.25 -18.59 47.26
CA THR B 16 4.22 -17.87 46.48
C THR B 16 4.74 -16.66 47.23
N GLY B 17 4.25 -16.42 48.44
CA GLY B 17 4.81 -15.36 49.27
C GLY B 17 4.06 -14.05 49.24
N THR B 18 4.79 -12.96 49.47
CA THR B 18 4.21 -11.62 49.44
C THR B 18 5.02 -10.70 48.53
N GLY B 19 5.96 -11.27 47.78
CA GLY B 19 6.76 -10.53 46.78
C GLY B 19 6.12 -10.57 45.40
N SER B 20 6.70 -9.84 44.45
CA SER B 20 6.19 -9.83 43.08
C SER B 20 6.80 -10.95 42.28
N LEU B 21 8.07 -11.22 42.58
CA LEU B 21 8.89 -12.16 41.79
C LEU B 21 9.94 -12.70 42.76
N ALA B 22 10.87 -11.83 43.12
CA ALA B 22 11.64 -12.05 44.34
C ALA B 22 10.72 -11.68 45.51
N ALA B 23 11.20 -11.89 46.74
CA ALA B 23 10.41 -11.55 47.92
C ALA B 23 10.26 -10.03 48.07
N ALA B 24 9.27 -9.58 48.82
CA ALA B 24 9.16 -8.18 49.17
C ALA B 24 10.45 -7.81 49.88
N ASN B 25 10.89 -6.57 49.70
CA ASN B 25 12.17 -6.14 50.24
C ASN B 25 12.13 -4.67 50.60
N LEU B 26 12.18 -4.36 51.89
CA LEU B 26 12.10 -2.96 52.34
C LEU B 26 13.27 -2.12 51.83
N THR B 27 14.48 -2.67 51.88
CA THR B 27 15.65 -1.92 51.42
C THR B 27 15.53 -1.49 49.95
N ALA B 28 15.11 -2.43 49.11
CA ALA B 28 14.97 -2.19 47.68
C ALA B 28 13.68 -1.41 47.38
N ARG B 29 12.85 -1.23 48.41
CA ARG B 29 11.50 -0.65 48.33
C ARG B 29 10.60 -1.40 47.34
N MET B 30 10.68 -2.72 47.42
CA MET B 30 9.77 -3.59 46.71
C MET B 30 8.61 -3.88 47.64
N GLN B 31 7.52 -3.15 47.45
CA GLN B 31 6.34 -3.23 48.32
C GLN B 31 5.65 -4.61 48.27
N PRO B 32 5.22 -5.14 49.43
CA PRO B 32 4.50 -6.43 49.37
C PRO B 32 3.25 -6.31 48.51
N ILE B 33 2.80 -7.44 47.97
CA ILE B 33 1.61 -7.43 47.13
C ILE B 33 0.90 -8.76 47.37
N SER B 34 -0.43 -8.76 47.23
CA SER B 34 -1.22 -9.98 47.50
C SER B 34 -0.92 -11.09 46.48
N HIS B 35 -0.85 -10.73 45.20
CA HIS B 35 -0.63 -11.71 44.14
C HIS B 35 0.76 -11.59 43.52
N HIS B 36 1.66 -12.48 43.92
CA HIS B 36 2.92 -12.70 43.24
C HIS B 36 2.61 -13.01 41.75
N LEU B 37 3.54 -12.72 40.86
CA LEU B 37 3.32 -13.08 39.45
C LEU B 37 2.87 -14.52 39.30
N ALA B 38 3.49 -15.46 40.04
CA ALA B 38 3.16 -16.87 39.88
C ALA B 38 2.08 -17.40 40.83
N HIS B 39 1.29 -16.50 41.41
CA HIS B 39 0.22 -16.87 42.37
C HIS B 39 -0.67 -17.98 41.82
N PRO B 40 -1.02 -18.98 42.67
CA PRO B 40 -1.81 -20.12 42.16
C PRO B 40 -3.19 -19.79 41.62
N ASP B 41 -3.73 -18.59 41.88
CA ASP B 41 -5.08 -18.25 41.39
C ASP B 41 -5.18 -18.37 39.86
N THR B 42 -4.10 -18.10 39.15
CA THR B 42 -4.15 -18.13 37.70
C THR B 42 -4.55 -19.53 37.21
N LYS B 43 -3.88 -20.57 37.71
CA LYS B 43 -4.16 -21.95 37.32
C LYS B 43 -5.46 -22.44 37.95
N ARG B 44 -5.76 -21.95 39.15
CA ARG B 44 -7.04 -22.34 39.76
C ARG B 44 -8.22 -21.78 38.95
N ARG B 45 -8.07 -20.56 38.41
CA ARG B 45 -9.15 -20.02 37.54
C ARG B 45 -9.32 -20.88 36.28
N PHE B 46 -8.21 -21.47 35.78
CA PHE B 46 -8.31 -22.42 34.68
C PHE B 46 -9.16 -23.65 35.08
N HIS B 47 -8.84 -24.25 36.21
CA HIS B 47 -9.62 -25.37 36.69
C HIS B 47 -11.09 -25.02 36.90
N GLU B 48 -11.35 -23.87 37.52
CA GLU B 48 -12.74 -23.52 37.81
C GLU B 48 -13.51 -23.27 36.50
N LEU B 49 -12.82 -22.75 35.49
CA LEU B 49 -13.43 -22.59 34.14
C LEU B 49 -13.70 -23.95 33.50
N VAL B 50 -12.75 -24.88 33.63
CA VAL B 50 -12.97 -26.25 33.12
C VAL B 50 -14.29 -26.80 33.70
N CYS B 51 -14.49 -26.61 35.01
CA CYS B 51 -15.71 -27.08 35.66
C CYS B 51 -16.94 -26.26 35.27
N ALA B 52 -16.87 -24.94 35.42
CA ALA B 52 -18.04 -24.08 35.23
C ALA B 52 -18.52 -24.06 33.78
N SER B 53 -17.61 -24.26 32.85
CA SER B 53 -18.00 -24.32 31.43
C SER B 53 -18.77 -25.60 31.03
N GLY B 54 -18.71 -26.61 31.88
CA GLY B 54 -19.28 -27.94 31.59
C GLY B 54 -18.29 -28.90 30.97
N GLN B 55 -17.09 -28.41 30.68
CA GLN B 55 -16.08 -29.26 30.10
C GLN B 55 -15.71 -30.47 30.97
N ILE B 56 -15.75 -30.27 32.29
CA ILE B 56 -15.47 -31.34 33.25
C ILE B 56 -16.37 -32.56 33.03
N GLU B 57 -17.57 -32.35 32.46
CA GLU B 57 -18.50 -33.48 32.19
C GLU B 57 -18.01 -34.42 31.10
N HIS B 58 -16.99 -33.97 30.37
CA HIS B 58 -16.42 -34.71 29.24
C HIS B 58 -15.02 -35.23 29.55
N LEU B 59 -14.65 -35.12 30.81
CA LEU B 59 -13.33 -35.55 31.31
C LEU B 59 -13.47 -36.63 32.35
N THR B 60 -12.43 -37.43 32.47
CA THR B 60 -12.34 -38.46 33.49
C THR B 60 -11.41 -37.90 34.54
N PRO B 61 -11.94 -37.47 35.70
CA PRO B 61 -11.08 -37.03 36.78
C PRO B 61 -10.12 -38.13 37.23
N ILE B 62 -8.84 -37.78 37.28
CA ILE B 62 -7.76 -38.66 37.70
C ILE B 62 -7.15 -38.05 38.95
N ALA B 63 -7.09 -38.82 40.03
CA ALA B 63 -6.45 -38.33 41.26
C ALA B 63 -4.94 -38.31 41.11
N ALA B 64 -4.32 -37.24 41.59
CA ALA B 64 -2.87 -37.19 41.69
C ALA B 64 -2.46 -38.19 42.78
N VAL B 65 -1.30 -38.81 42.60
CA VAL B 65 -0.70 -39.66 43.62
C VAL B 65 0.69 -39.10 43.87
N ALA B 66 1.03 -38.90 45.14
CA ALA B 66 2.32 -38.34 45.51
C ALA B 66 3.45 -39.07 44.78
N ALA B 67 4.32 -38.32 44.09
CA ALA B 67 5.54 -38.91 43.55
C ALA B 67 6.41 -39.40 44.70
N THR B 68 6.90 -40.64 44.57
CA THR B 68 7.80 -41.21 45.57
C THR B 68 9.21 -40.66 45.36
N ASP B 69 10.10 -40.88 46.32
CA ASP B 69 11.51 -40.56 46.15
C ASP B 69 12.06 -41.25 44.91
N ALA B 70 11.73 -42.52 44.73
CA ALA B 70 12.17 -43.28 43.55
C ALA B 70 11.79 -42.53 42.27
N ASP B 71 10.52 -42.10 42.20
CA ASP B 71 10.02 -41.36 41.03
C ASP B 71 10.85 -40.11 40.75
N ILE B 72 11.10 -39.36 41.81
CA ILE B 72 11.80 -38.08 41.73
C ILE B 72 13.23 -38.31 41.27
N LEU B 73 13.80 -39.43 41.73
CA LEU B 73 15.20 -39.74 41.47
C LEU B 73 15.50 -40.16 40.04
N ARG B 74 14.47 -40.51 39.27
CA ARG B 74 14.63 -40.82 37.85
C ARG B 74 14.92 -39.57 37.05
N ALA B 75 14.69 -38.42 37.68
CA ALA B 75 14.96 -37.11 37.06
C ALA B 75 15.97 -36.24 37.81
N HIS B 76 16.07 -36.39 39.14
CA HIS B 76 16.81 -35.46 39.99
C HIS B 76 17.79 -36.12 40.93
N SER B 77 18.68 -35.29 41.50
CA SER B 77 19.67 -35.73 42.48
C SER B 77 19.07 -35.90 43.89
N ALA B 78 19.80 -36.67 44.73
CA ALA B 78 19.46 -36.86 46.12
C ALA B 78 19.66 -35.56 46.89
N ALA B 79 20.71 -34.83 46.51
CA ALA B 79 21.04 -33.58 47.18
C ALA B 79 19.90 -32.58 47.01
N HIS B 80 19.37 -32.48 45.79
CA HIS B 80 18.23 -31.61 45.50
C HIS B 80 16.98 -32.05 46.30
N LEU B 81 16.66 -33.34 46.22
CA LEU B 81 15.55 -33.89 47.01
C LEU B 81 15.65 -33.55 48.51
N GLU B 82 16.83 -33.74 49.11
CA GLU B 82 17.05 -33.38 50.53
C GLU B 82 16.87 -31.90 50.83
N ASN B 83 17.36 -31.06 49.90
CA ASN B 83 17.29 -29.63 50.08
C ASN B 83 15.86 -29.14 50.06
N MET B 84 15.02 -29.80 49.26
CA MET B 84 13.59 -29.48 49.19
C MET B 84 12.86 -29.92 50.46
N LYS B 85 13.21 -31.09 50.99
CA LYS B 85 12.76 -31.43 52.37
C LYS B 85 13.14 -30.39 53.43
N ARG B 86 14.36 -29.85 53.38
CA ARG B 86 14.86 -28.84 54.35
C ARG B 86 14.03 -27.58 54.27
N VAL B 87 13.80 -27.09 53.06
CA VAL B 87 13.07 -25.83 52.91
C VAL B 87 11.61 -26.05 53.32
N SER B 88 11.04 -27.20 52.93
CA SER B 88 9.64 -27.51 53.23
C SER B 88 9.35 -27.56 54.75
N ASN B 89 10.36 -27.97 55.49
CA ASN B 89 10.29 -28.04 56.95
C ASN B 89 10.34 -26.73 57.74
N LEU B 90 10.71 -25.65 57.06
CA LEU B 90 10.84 -24.34 57.66
C LEU B 90 9.45 -23.88 58.05
N PRO B 91 9.33 -23.18 59.18
CA PRO B 91 8.01 -22.81 59.68
C PRO B 91 7.18 -21.93 58.74
N THR B 92 7.81 -21.10 57.91
CA THR B 92 7.04 -20.34 56.91
C THR B 92 7.53 -20.68 55.52
N GLY B 93 8.34 -21.75 55.43
CA GLY B 93 8.93 -22.18 54.17
C GLY B 93 10.06 -21.23 53.82
N GLY B 94 10.33 -21.11 52.53
CA GLY B 94 11.47 -20.28 52.12
C GLY B 94 11.80 -20.37 50.65
N ASP B 95 12.66 -19.47 50.22
CA ASP B 95 13.14 -19.53 48.86
C ASP B 95 13.99 -20.79 48.73
N THR B 96 13.95 -21.41 47.57
CA THR B 96 14.62 -22.69 47.36
C THR B 96 16.01 -22.62 46.71
N GLY B 97 16.48 -21.41 46.41
CA GLY B 97 17.83 -21.27 45.88
C GLY B 97 18.05 -20.10 44.96
N ASP B 98 17.20 -19.94 43.94
CA ASP B 98 17.45 -18.91 42.93
C ASP B 98 16.87 -17.51 43.26
N GLY B 99 16.16 -17.40 44.38
CA GLY B 99 15.65 -16.12 44.86
C GLY B 99 14.28 -15.72 44.32
N ILE B 100 13.71 -16.52 43.42
CA ILE B 100 12.36 -16.24 42.88
C ILE B 100 11.44 -17.46 43.04
N THR B 101 11.93 -18.48 43.74
CA THR B 101 11.24 -19.78 43.84
C THR B 101 10.93 -20.10 45.31
N MET B 102 9.88 -19.45 45.81
CA MET B 102 9.33 -19.68 47.14
C MET B 102 8.65 -21.05 47.20
N MET B 103 8.93 -21.78 48.29
CA MET B 103 8.15 -22.95 48.68
C MET B 103 7.64 -22.67 50.10
N GLY B 104 6.32 -22.75 50.28
CA GLY B 104 5.71 -22.53 51.58
C GLY B 104 6.02 -23.64 52.56
N ASN B 105 5.62 -23.44 53.80
CA ASN B 105 5.71 -24.49 54.79
C ASN B 105 4.96 -25.73 54.30
N GLY B 106 5.59 -26.90 54.43
CA GLY B 106 5.01 -28.18 53.96
C GLY B 106 4.92 -28.39 52.45
N GLY B 107 5.49 -27.45 51.68
CA GLY B 107 5.29 -27.39 50.23
C GLY B 107 5.79 -28.57 49.41
N LEU B 108 6.69 -29.38 49.98
CA LEU B 108 7.11 -30.63 49.31
C LEU B 108 5.91 -31.54 48.98
N GLU B 109 4.89 -31.51 49.83
CA GLU B 109 3.71 -32.34 49.62
C GLU B 109 3.07 -31.95 48.28
N ILE B 110 2.98 -30.64 48.04
CA ILE B 110 2.41 -30.17 46.78
C ILE B 110 3.32 -30.49 45.59
N ALA B 111 4.63 -30.28 45.79
CA ALA B 111 5.60 -30.58 44.72
C ALA B 111 5.54 -32.08 44.34
N ARG B 112 5.32 -32.95 45.33
CA ARG B 112 5.16 -34.38 45.05
C ARG B 112 3.84 -34.67 44.31
N LEU B 113 2.77 -33.99 44.70
CA LEU B 113 1.48 -34.21 44.07
C LEU B 113 1.48 -33.70 42.63
N SER B 114 2.26 -32.66 42.37
CA SER B 114 2.34 -32.07 41.07
C SER B 114 3.05 -33.04 40.11
N ALA B 115 4.24 -33.50 40.51
CA ALA B 115 4.95 -34.45 39.68
C ALA B 115 4.16 -35.74 39.56
N GLY B 116 3.56 -36.17 40.68
CA GLY B 116 2.75 -37.40 40.68
C GLY B 116 1.49 -37.35 39.87
N GLY B 117 0.94 -36.14 39.72
CA GLY B 117 -0.18 -35.94 38.82
C GLY B 117 0.21 -36.28 37.39
N ALA B 118 1.37 -35.78 36.98
CA ALA B 118 1.88 -36.05 35.63
C ALA B 118 2.15 -37.55 35.48
N VAL B 119 2.72 -38.18 36.50
CA VAL B 119 3.04 -39.62 36.44
C VAL B 119 1.77 -40.46 36.33
N GLU B 120 0.80 -40.19 37.19
CA GLU B 120 -0.47 -40.93 37.18
C GLU B 120 -1.24 -40.86 35.86
N LEU B 121 -1.33 -39.65 35.31
CA LEU B 121 -2.00 -39.50 34.06
C LEU B 121 -1.22 -40.25 32.95
N THR B 122 0.12 -40.18 33.00
CA THR B 122 0.96 -40.91 32.04
C THR B 122 0.71 -42.40 32.15
N ARG B 123 0.72 -42.92 33.38
CA ARG B 123 0.46 -44.34 33.62
C ARG B 123 -0.87 -44.77 32.99
N ARG B 124 -1.92 -43.98 33.22
CA ARG B 124 -3.27 -44.38 32.83
C ARG B 124 -3.59 -44.17 31.35
N VAL B 125 -2.82 -43.32 30.66
CA VAL B 125 -2.85 -43.27 29.20
C VAL B 125 -2.10 -44.51 28.66
N ALA B 126 -1.03 -44.91 29.34
CA ALA B 126 -0.19 -46.02 28.82
C ALA B 126 -0.88 -47.37 28.89
N THR B 127 -1.61 -47.62 29.97
CA THR B 127 -2.41 -48.84 30.10
C THR B 127 -3.50 -48.91 29.04
N GLY B 128 -3.80 -47.80 28.39
CA GLY B 128 -4.92 -47.76 27.46
C GLY B 128 -6.21 -47.42 28.15
N GLU B 129 -6.18 -47.25 29.48
CA GLU B 129 -7.40 -46.82 30.18
C GLU B 129 -7.88 -45.47 29.63
N LEU B 130 -6.91 -44.57 29.42
CA LEU B 130 -7.22 -43.29 28.79
C LEU B 130 -6.50 -43.18 27.44
N SER B 131 -7.05 -42.36 26.56
CA SER B 131 -6.41 -42.09 25.28
C SER B 131 -5.45 -40.92 25.37
N ALA B 132 -5.77 -39.95 26.24
CA ALA B 132 -4.95 -38.76 26.41
C ALA B 132 -5.36 -38.05 27.68
N GLY B 133 -4.74 -36.91 27.98
CA GLY B 133 -5.18 -36.19 29.14
C GLY B 133 -4.43 -34.89 29.34
N TYR B 134 -4.92 -34.14 30.34
CA TYR B 134 -4.35 -32.85 30.75
C TYR B 134 -4.18 -32.86 32.27
N ALA B 135 -2.93 -32.71 32.73
CA ALA B 135 -2.64 -32.64 34.15
C ALA B 135 -2.43 -31.18 34.50
N LEU B 136 -3.39 -30.57 35.18
CA LEU B 136 -3.32 -29.13 35.48
C LEU B 136 -2.56 -28.98 36.80
N VAL B 137 -1.26 -29.23 36.75
CA VAL B 137 -0.44 -29.31 37.94
C VAL B 137 0.14 -27.96 38.30
N ASN B 138 0.67 -27.86 39.53
CA ASN B 138 1.30 -26.65 40.09
C ASN B 138 1.93 -27.13 41.38
N PRO B 139 3.23 -26.81 41.63
CA PRO B 139 4.13 -25.95 40.86
C PRO B 139 4.57 -26.56 39.51
N PRO B 140 5.06 -25.70 38.60
CA PRO B 140 5.49 -26.12 37.27
C PRO B 140 6.84 -26.82 37.33
N GLY B 141 7.39 -27.24 36.17
CA GLY B 141 8.50 -28.16 36.21
C GLY B 141 9.72 -27.81 35.37
N HIS B 142 9.51 -27.17 34.21
CA HIS B 142 10.53 -27.27 33.16
C HIS B 142 11.86 -26.58 33.35
N HIS B 143 11.95 -25.67 34.33
CA HIS B 143 13.27 -25.07 34.60
C HIS B 143 14.12 -25.86 35.58
N ALA B 144 13.51 -26.81 36.27
CA ALA B 144 14.25 -27.55 37.28
C ALA B 144 15.13 -28.56 36.56
N PRO B 145 16.47 -28.38 36.66
CA PRO B 145 17.44 -29.32 36.07
C PRO B 145 17.68 -30.49 36.99
N HIS B 146 18.65 -31.32 36.66
CA HIS B 146 18.87 -32.51 37.48
C HIS B 146 19.08 -32.17 38.97
N ASN B 147 19.83 -31.09 39.23
CA ASN B 147 20.37 -30.82 40.57
C ASN B 147 19.90 -29.51 41.23
N ALA B 148 18.74 -28.99 40.84
CA ALA B 148 18.27 -27.74 41.45
C ALA B 148 16.78 -27.46 41.23
N ALA B 149 16.22 -26.60 42.07
CA ALA B 149 14.94 -25.93 41.80
C ALA B 149 15.27 -24.62 41.08
N MET B 150 14.36 -24.18 40.21
CA MET B 150 14.63 -22.96 39.44
C MET B 150 13.34 -22.44 38.84
N GLY B 151 13.19 -21.11 38.82
CA GLY B 151 12.15 -20.48 38.05
C GLY B 151 10.75 -20.94 38.39
N PHE B 152 10.45 -21.01 39.69
CA PHE B 152 9.17 -21.47 40.24
C PHE B 152 9.02 -23.00 40.27
N CYS B 153 10.03 -23.73 39.77
CA CYS B 153 9.92 -25.17 39.57
C CYS B 153 10.71 -25.89 40.65
N ILE B 154 10.03 -26.78 41.35
CA ILE B 154 10.66 -27.62 42.39
C ILE B 154 11.19 -28.92 41.79
N PHE B 155 10.33 -29.64 41.08
CA PHE B 155 10.76 -30.84 40.35
C PHE B 155 10.30 -30.72 38.91
N ASN B 156 11.00 -31.44 38.04
CA ASN B 156 10.72 -31.37 36.62
C ASN B 156 9.66 -32.40 36.29
N ASN B 157 8.40 -31.97 36.41
CA ASN B 157 7.23 -32.85 36.31
C ASN B 157 7.23 -33.69 35.07
N THR B 158 7.50 -33.09 33.90
CA THR B 158 7.41 -33.85 32.66
C THR B 158 8.56 -34.86 32.54
N SER B 159 9.68 -34.53 33.15
CA SER B 159 10.83 -35.43 33.14
C SER B 159 10.59 -36.55 34.13
N VAL B 160 9.93 -36.26 35.26
CA VAL B 160 9.58 -37.35 36.17
C VAL B 160 8.63 -38.32 35.46
N ALA B 161 7.66 -37.79 34.69
CA ALA B 161 6.75 -38.61 33.91
C ALA B 161 7.49 -39.36 32.82
N ALA B 162 8.42 -38.69 32.14
CA ALA B 162 9.17 -39.36 31.06
C ALA B 162 10.05 -40.47 31.65
N GLY B 163 10.68 -40.22 32.78
CA GLY B 163 11.56 -41.25 33.39
C GLY B 163 10.77 -42.47 33.83
N TYR B 164 9.57 -42.23 34.36
CA TYR B 164 8.61 -43.30 34.70
C TYR B 164 8.17 -44.09 33.45
N ALA B 165 7.85 -43.39 32.37
CA ALA B 165 7.52 -44.05 31.11
C ALA B 165 8.66 -44.94 30.60
N ARG B 166 9.87 -44.44 30.74
CA ARG B 166 11.05 -45.16 30.29
C ARG B 166 11.31 -46.36 31.17
N ALA B 167 11.42 -46.15 32.48
CA ALA B 167 11.93 -47.19 33.41
C ALA B 167 10.86 -48.17 33.86
N VAL B 168 9.62 -47.72 33.98
CA VAL B 168 8.54 -48.55 34.52
C VAL B 168 7.62 -49.08 33.41
N LEU B 169 7.27 -48.23 32.45
CA LEU B 169 6.39 -48.63 31.37
C LEU B 169 7.15 -49.26 30.19
N GLY B 170 8.48 -49.32 30.31
CA GLY B 170 9.37 -49.88 29.28
C GLY B 170 9.42 -49.21 27.91
N MET B 171 8.87 -48.00 27.80
CA MET B 171 8.92 -47.28 26.53
C MET B 171 10.36 -46.96 26.17
N GLU B 172 10.71 -47.14 24.90
CA GLU B 172 12.07 -46.89 24.43
C GLU B 172 12.35 -45.43 24.11
N ARG B 173 11.32 -44.70 23.72
CA ARG B 173 11.47 -43.30 23.28
C ARG B 173 10.27 -42.49 23.73
N VAL B 174 10.56 -41.34 24.35
CA VAL B 174 9.51 -40.38 24.75
C VAL B 174 9.93 -39.01 24.20
N ALA B 175 8.97 -38.20 23.76
CA ALA B 175 9.26 -36.81 23.37
C ALA B 175 8.59 -35.88 24.35
N ILE B 176 9.28 -34.81 24.73
CA ILE B 176 8.66 -33.75 25.53
C ILE B 176 8.70 -32.47 24.70
N LEU B 177 7.52 -31.99 24.32
CA LEU B 177 7.33 -30.77 23.55
C LEU B 177 6.93 -29.70 24.53
N ASP B 178 7.76 -28.65 24.60
CA ASP B 178 7.53 -27.62 25.59
C ASP B 178 7.20 -26.30 24.91
N TRP B 179 5.94 -25.88 25.01
CA TRP B 179 5.55 -24.60 24.42
C TRP B 179 5.27 -23.50 25.42
N ASP B 180 5.60 -23.72 26.70
CA ASP B 180 5.74 -22.57 27.61
C ASP B 180 6.70 -21.60 26.90
N VAL B 181 6.42 -20.30 27.03
CA VAL B 181 7.17 -19.27 26.33
C VAL B 181 8.66 -19.13 26.74
N HIS B 182 9.01 -19.70 27.90
CA HIS B 182 10.36 -19.71 28.42
C HIS B 182 11.10 -20.99 28.07
N HIS B 183 12.42 -20.89 28.04
CA HIS B 183 13.19 -22.06 27.69
C HIS B 183 13.10 -23.15 28.73
N GLY B 184 12.81 -24.36 28.26
CA GLY B 184 12.78 -25.54 29.16
C GLY B 184 14.18 -26.01 29.46
N ASN B 185 14.98 -25.17 30.12
CA ASN B 185 16.39 -25.48 30.39
C ASN B 185 16.57 -26.68 31.32
N GLY B 186 15.63 -26.89 32.24
CA GLY B 186 15.72 -28.01 33.19
C GLY B 186 15.59 -29.32 32.45
N THR B 187 14.61 -29.37 31.57
CA THR B 187 14.35 -30.56 30.79
C THR B 187 15.52 -30.89 29.85
N GLN B 188 16.04 -29.86 29.21
CA GLN B 188 17.20 -29.95 28.34
C GLN B 188 18.37 -30.54 29.12
N ASP B 189 18.59 -30.02 30.35
CA ASP B 189 19.70 -30.48 31.18
C ASP B 189 19.54 -31.95 31.55
N ILE B 190 18.34 -32.30 31.99
CA ILE B 190 18.11 -33.67 32.47
C ILE B 190 18.37 -34.71 31.39
N TRP B 191 17.95 -34.42 30.16
CA TRP B 191 18.04 -35.45 29.11
C TRP B 191 19.16 -35.15 28.10
N TRP B 192 20.07 -34.24 28.50
CA TRP B 192 21.13 -33.72 27.62
C TRP B 192 21.91 -34.83 26.92
N ASN B 193 22.25 -35.88 27.67
CA ASN B 193 23.10 -36.95 27.13
C ASN B 193 22.33 -38.18 26.65
N ASP B 194 21.03 -38.06 26.57
CA ASP B 194 20.20 -39.24 26.47
C ASP B 194 19.29 -39.18 25.24
N PRO B 195 19.58 -39.98 24.20
CA PRO B 195 18.76 -39.91 22.95
C PRO B 195 17.36 -40.51 23.13
N SER B 196 17.10 -41.16 24.27
CA SER B 196 15.83 -41.86 24.50
C SER B 196 14.68 -40.93 24.95
N VAL B 197 15.02 -39.66 25.18
CA VAL B 197 13.97 -38.64 25.37
C VAL B 197 14.37 -37.46 24.51
N LEU B 198 13.52 -37.16 23.52
CA LEU B 198 13.71 -36.01 22.65
C LEU B 198 13.09 -34.81 23.35
N THR B 199 13.86 -33.76 23.54
CA THR B 199 13.33 -32.55 24.18
C THR B 199 13.25 -31.42 23.16
N ILE B 200 12.06 -30.83 23.01
CA ILE B 200 11.86 -29.73 22.09
C ILE B 200 11.29 -28.55 22.89
N SER B 201 11.90 -27.38 22.71
CA SER B 201 11.38 -26.19 23.38
C SER B 201 11.19 -25.08 22.35
N LEU B 202 9.98 -24.56 22.28
CA LEU B 202 9.69 -23.30 21.57
C LEU B 202 9.74 -22.23 22.66
N HIS B 203 10.37 -21.08 22.40
CA HIS B 203 10.41 -20.04 23.44
C HIS B 203 10.80 -18.71 22.85
N GLN B 204 10.45 -17.65 23.58
CA GLN B 204 10.99 -16.32 23.30
C GLN B 204 12.49 -16.32 23.58
N HIS B 205 13.25 -15.93 22.58
CA HIS B 205 14.70 -15.96 22.70
C HIS B 205 15.17 -15.12 23.91
N LEU B 206 15.88 -15.80 24.82
CA LEU B 206 16.56 -15.16 25.97
C LEU B 206 15.58 -14.52 26.94
N CYS B 207 14.32 -14.98 26.92
CA CYS B 207 13.35 -14.45 27.86
C CYS B 207 13.64 -14.95 29.29
N PHE B 208 13.69 -16.27 29.48
CA PHE B 208 14.15 -16.84 30.75
C PHE B 208 14.42 -18.32 30.54
N PRO B 209 15.55 -18.84 31.07
CA PRO B 209 16.60 -18.10 31.76
C PRO B 209 17.46 -17.26 30.82
N PRO B 210 18.29 -16.39 31.38
CA PRO B 210 19.26 -15.66 30.56
C PRO B 210 20.26 -16.61 29.93
N ASP B 211 20.79 -16.20 28.78
CA ASP B 211 21.91 -16.93 28.16
C ASP B 211 21.66 -18.42 28.00
N SER B 212 20.46 -18.76 27.55
CA SER B 212 20.02 -20.14 27.48
C SER B 212 19.02 -20.28 26.33
N GLY B 213 18.98 -21.48 25.72
CA GLY B 213 17.94 -21.78 24.71
C GLY B 213 18.36 -21.49 23.26
N TYR B 214 19.66 -21.34 23.02
CA TYR B 214 20.17 -21.15 21.65
C TYR B 214 20.00 -22.43 20.83
N SER B 215 19.87 -22.26 19.52
CA SER B 215 19.72 -23.37 18.58
C SER B 215 20.92 -24.33 18.59
N THR B 216 22.05 -23.81 19.04
CA THR B 216 23.27 -24.61 19.08
C THR B 216 23.34 -25.56 20.27
N GLU B 217 22.39 -25.45 21.21
CA GLU B 217 22.33 -26.39 22.34
C GLU B 217 21.58 -27.62 21.87
N ARG B 218 22.34 -28.68 21.55
CA ARG B 218 21.78 -29.84 20.82
C ARG B 218 21.87 -31.17 21.56
N GLY B 219 22.21 -31.13 22.85
CA GLY B 219 22.48 -32.36 23.56
C GLY B 219 23.94 -32.72 23.36
N ALA B 220 24.37 -33.79 24.02
CA ALA B 220 25.77 -34.22 23.90
C ALA B 220 25.88 -35.73 23.94
N GLY B 221 26.96 -36.21 23.38
CA GLY B 221 27.24 -37.64 23.48
C GLY B 221 26.22 -38.36 22.64
N ASN B 222 25.74 -39.49 23.14
CA ASN B 222 24.75 -40.23 22.40
C ASN B 222 23.47 -39.40 22.25
N GLY B 223 23.38 -38.35 23.06
CA GLY B 223 22.19 -37.49 23.03
C GLY B 223 22.32 -36.34 22.06
N HIS B 224 23.46 -36.23 21.38
CA HIS B 224 23.65 -35.11 20.45
C HIS B 224 22.66 -35.24 19.30
N GLY B 225 21.94 -34.13 19.05
CA GLY B 225 20.88 -34.12 18.05
C GLY B 225 19.47 -34.41 18.58
N TYR B 226 19.33 -34.64 19.89
CA TYR B 226 18.03 -34.99 20.47
C TYR B 226 17.52 -33.96 21.45
N ASN B 227 18.06 -32.75 21.32
CA ASN B 227 17.49 -31.57 21.99
C ASN B 227 17.33 -30.55 20.89
N ILE B 228 16.13 -30.01 20.76
CA ILE B 228 15.84 -29.02 19.72
C ILE B 228 15.25 -27.75 20.33
N ASN B 229 15.99 -26.63 20.25
CA ASN B 229 15.50 -25.33 20.73
C ASN B 229 15.04 -24.52 19.53
N VAL B 230 13.86 -23.91 19.65
CA VAL B 230 13.37 -23.00 18.61
C VAL B 230 13.15 -21.63 19.26
N PRO B 231 14.24 -20.88 19.46
CA PRO B 231 14.10 -19.51 19.96
C PRO B 231 13.42 -18.61 18.92
N LEU B 232 12.42 -17.87 19.36
CA LEU B 232 11.63 -17.00 18.47
C LEU B 232 11.71 -15.57 18.95
N PRO B 233 11.58 -14.61 18.04
CA PRO B 233 11.72 -13.22 18.48
C PRO B 233 10.52 -12.72 19.29
N PRO B 234 10.76 -11.82 20.25
CA PRO B 234 9.65 -11.12 20.88
C PRO B 234 8.66 -10.61 19.83
N GLY B 235 7.39 -10.70 20.17
CA GLY B 235 6.32 -10.27 19.26
C GLY B 235 5.77 -11.38 18.38
N SER B 236 6.36 -12.56 18.43
CA SER B 236 5.86 -13.67 17.61
C SER B 236 4.47 -14.06 18.07
N GLY B 237 3.61 -14.36 17.11
CA GLY B 237 2.26 -14.78 17.38
C GLY B 237 1.83 -16.09 16.74
N ASN B 238 0.54 -16.21 16.49
CA ASN B 238 -0.03 -17.46 15.98
C ASN B 238 0.64 -17.92 14.70
N ALA B 239 0.93 -16.99 13.79
CA ALA B 239 1.56 -17.41 12.53
C ALA B 239 2.94 -18.02 12.75
N ALA B 240 3.78 -17.37 13.54
CA ALA B 240 5.11 -17.89 13.79
C ALA B 240 5.04 -19.25 14.50
N TYR B 241 4.13 -19.36 15.47
CA TYR B 241 4.03 -20.60 16.23
C TYR B 241 3.57 -21.76 15.36
N LEU B 242 2.59 -21.50 14.49
CA LEU B 242 2.07 -22.55 13.62
C LEU B 242 3.04 -22.93 12.51
N HIS B 243 3.81 -21.95 12.03
CA HIS B 243 4.86 -22.23 11.05
C HIS B 243 5.91 -23.13 11.73
N ALA B 244 6.23 -22.82 12.98
CA ALA B 244 7.18 -23.63 13.74
C ALA B 244 6.65 -25.04 13.95
N MET B 245 5.37 -25.17 14.27
CA MET B 245 4.74 -26.51 14.38
C MET B 245 4.89 -27.31 13.09
N ASP B 246 4.53 -26.72 11.95
CA ASP B 246 4.54 -27.47 10.70
C ASP B 246 5.93 -27.75 10.18
N GLN B 247 6.87 -26.82 10.40
CA GLN B 247 8.16 -26.89 9.74
C GLN B 247 9.25 -27.53 10.58
N VAL B 248 9.08 -27.52 11.90
CA VAL B 248 10.04 -28.04 12.84
C VAL B 248 9.49 -29.08 13.80
N VAL B 249 8.44 -28.75 14.53
CA VAL B 249 8.02 -29.63 15.62
C VAL B 249 7.45 -30.95 15.11
N LEU B 250 6.49 -30.89 14.19
CA LEU B 250 5.85 -32.12 13.72
C LEU B 250 6.83 -32.98 12.93
N PRO B 251 7.64 -32.40 12.03
CA PRO B 251 8.70 -33.22 11.42
C PRO B 251 9.67 -33.86 12.40
N ALA B 252 10.05 -33.15 13.47
CA ALA B 252 10.91 -33.72 14.50
C ALA B 252 10.27 -34.94 15.15
N LEU B 253 9.00 -34.80 15.53
CA LEU B 253 8.29 -35.90 16.18
C LEU B 253 8.14 -37.09 15.23
N ARG B 254 7.80 -36.83 13.98
CA ARG B 254 7.66 -37.93 13.04
C ARG B 254 9.00 -38.61 12.78
N ALA B 255 10.08 -37.83 12.76
CA ALA B 255 11.44 -38.41 12.56
C ALA B 255 11.82 -39.32 13.72
N TYR B 256 11.47 -38.90 14.93
CA TYR B 256 11.92 -39.55 16.15
C TYR B 256 11.11 -40.79 16.52
N ARG B 257 9.81 -40.74 16.18
CA ARG B 257 8.87 -41.83 16.48
C ARG B 257 8.85 -42.18 17.98
N PRO B 258 8.44 -41.22 18.82
CA PRO B 258 8.30 -41.52 20.25
C PRO B 258 7.12 -42.46 20.46
N GLN B 259 7.09 -43.17 21.58
CA GLN B 259 5.94 -44.01 21.90
C GLN B 259 4.93 -43.25 22.74
N LEU B 260 5.32 -42.05 23.16
CA LEU B 260 4.49 -41.17 23.95
C LEU B 260 4.99 -39.73 23.76
N ILE B 261 4.06 -38.79 23.64
CA ILE B 261 4.41 -37.35 23.57
C ILE B 261 3.86 -36.72 24.83
N ILE B 262 4.74 -36.04 25.55
CA ILE B 262 4.34 -35.29 26.74
C ILE B 262 4.44 -33.83 26.31
N VAL B 263 3.43 -33.03 26.59
CA VAL B 263 3.47 -31.61 26.24
C VAL B 263 3.61 -30.80 27.52
N GLY B 264 4.71 -30.06 27.61
CA GLY B 264 4.90 -29.05 28.64
C GLY B 264 4.09 -27.86 28.22
N SER B 265 2.88 -27.80 28.73
CA SER B 265 1.91 -26.85 28.22
C SER B 265 1.84 -25.58 29.11
N GLY B 266 2.64 -24.57 28.74
CA GLY B 266 2.47 -23.22 29.32
C GLY B 266 1.59 -22.35 28.45
N PHE B 267 1.01 -21.31 29.05
CA PHE B 267 0.19 -20.34 28.30
C PHE B 267 0.78 -18.95 28.41
N ASP B 268 2.06 -18.88 28.76
CA ASP B 268 2.70 -17.59 28.92
C ASP B 268 3.13 -16.95 27.61
N ALA B 269 2.88 -17.65 26.50
CA ALA B 269 3.05 -17.05 25.18
C ALA B 269 1.83 -16.22 24.79
N SER B 270 0.83 -16.16 25.66
CA SER B 270 -0.42 -15.47 25.28
C SER B 270 -0.20 -13.96 25.14
N MET B 271 -1.06 -13.38 24.34
CA MET B 271 -1.06 -11.96 24.03
C MET B 271 -1.12 -11.06 25.27
N LEU B 272 -1.62 -11.59 26.39
CA LEU B 272 -1.84 -10.76 27.60
C LEU B 272 -0.89 -11.15 28.76
N ASP B 273 0.10 -11.99 28.49
CA ASP B 273 0.95 -12.42 29.59
C ASP B 273 1.95 -11.33 30.00
N PRO B 274 2.13 -11.11 31.32
CA PRO B 274 3.13 -10.14 31.74
C PRO B 274 4.56 -10.68 31.61
N LEU B 275 4.74 -12.00 31.66
CA LEU B 275 6.13 -12.51 31.70
C LEU B 275 6.75 -12.93 30.36
N ALA B 276 6.13 -12.52 29.27
CA ALA B 276 6.78 -12.60 28.00
C ALA B 276 6.08 -11.61 27.04
N ARG B 277 6.61 -11.51 25.82
CA ARG B 277 6.19 -10.49 24.81
C ARG B 277 5.61 -11.16 23.57
N MET B 278 5.06 -12.36 23.71
CA MET B 278 4.49 -13.06 22.54
C MET B 278 2.98 -12.78 22.34
N MET B 279 2.45 -13.21 21.20
CA MET B 279 1.13 -12.76 20.79
C MET B 279 0.17 -13.91 20.46
N VAL B 280 0.40 -15.06 21.07
CA VAL B 280 -0.48 -16.19 20.85
C VAL B 280 -1.84 -15.96 21.49
N THR B 281 -2.93 -16.30 20.77
CA THR B 281 -4.28 -16.23 21.36
C THR B 281 -4.80 -17.63 21.64
N ALA B 282 -6.00 -17.71 22.27
CA ALA B 282 -6.65 -18.99 22.57
C ALA B 282 -6.73 -19.82 21.29
N ASP B 283 -7.05 -19.19 20.16
CA ASP B 283 -7.15 -19.98 18.91
C ASP B 283 -5.79 -20.52 18.49
N GLY B 284 -4.74 -19.73 18.70
CA GLY B 284 -3.38 -20.20 18.40
C GLY B 284 -3.06 -21.46 19.19
N PHE B 285 -3.29 -21.42 20.50
CA PHE B 285 -3.08 -22.60 21.35
C PHE B 285 -3.95 -23.76 20.90
N ARG B 286 -5.20 -23.47 20.56
CA ARG B 286 -6.12 -24.49 20.01
C ARG B 286 -5.52 -25.19 18.78
N GLN B 287 -4.98 -24.38 17.86
CA GLN B 287 -4.45 -24.93 16.61
C GLN B 287 -3.18 -25.72 16.86
N MET B 288 -2.35 -25.22 17.79
CA MET B 288 -1.18 -25.97 18.23
C MET B 288 -1.53 -27.31 18.83
N ALA B 289 -2.54 -27.33 19.70
CA ALA B 289 -2.94 -28.53 20.37
C ALA B 289 -3.52 -29.49 19.34
N ARG B 290 -4.35 -28.98 18.43
CA ARG B 290 -4.99 -29.81 17.41
C ARG B 290 -3.93 -30.53 16.57
N ARG B 291 -2.97 -29.76 16.03
CA ARG B 291 -1.85 -30.34 15.28
C ARG B 291 -1.11 -31.42 16.06
N THR B 292 -0.83 -31.14 17.33
CA THR B 292 -0.01 -32.06 18.10
C THR B 292 -0.77 -33.35 18.42
N ILE B 293 -2.03 -33.20 18.80
CA ILE B 293 -2.90 -34.37 19.04
C ILE B 293 -2.99 -35.20 17.78
N ASP B 294 -3.21 -34.55 16.64
CA ASP B 294 -3.34 -35.33 15.41
C ASP B 294 -2.04 -36.07 15.07
N CYS B 295 -0.91 -35.43 15.36
CA CYS B 295 0.40 -36.04 15.14
C CYS B 295 0.53 -37.29 16.04
N ALA B 296 0.20 -37.16 17.32
CA ALA B 296 0.16 -38.29 18.24
C ALA B 296 -0.71 -39.44 17.69
N ALA B 297 -1.85 -39.10 17.12
CA ALA B 297 -2.76 -40.12 16.60
C ALA B 297 -2.09 -40.90 15.47
N ASP B 298 -1.32 -40.16 14.66
CA ASP B 298 -0.61 -40.76 13.52
C ASP B 298 0.51 -41.66 13.96
N ILE B 299 1.28 -41.23 14.96
CA ILE B 299 2.59 -41.85 15.18
C ILE B 299 2.73 -42.67 16.48
N CYS B 300 1.92 -42.37 17.50
CA CYS B 300 1.98 -43.11 18.76
C CYS B 300 0.58 -43.43 19.32
N ASP B 301 -0.31 -43.81 18.40
CA ASP B 301 -1.66 -44.27 18.71
C ASP B 301 -2.38 -43.31 19.62
N GLY B 302 -2.08 -42.02 19.45
CA GLY B 302 -2.80 -40.99 20.18
C GLY B 302 -2.31 -40.76 21.60
N ARG B 303 -1.24 -41.45 22.00
CA ARG B 303 -0.74 -41.31 23.37
C ARG B 303 -0.06 -39.96 23.61
N ILE B 304 -0.84 -39.04 24.20
CA ILE B 304 -0.37 -37.69 24.46
C ILE B 304 -0.87 -37.22 25.83
N VAL B 305 0.05 -36.67 26.59
CA VAL B 305 -0.22 -36.21 27.95
C VAL B 305 0.24 -34.75 28.05
N PHE B 306 -0.70 -33.87 28.37
CA PHE B 306 -0.39 -32.45 28.57
C PHE B 306 -0.16 -32.20 30.05
N VAL B 307 0.89 -31.44 30.37
CA VAL B 307 1.24 -31.15 31.75
C VAL B 307 1.44 -29.66 31.88
N GLN B 308 0.71 -29.03 32.79
CA GLN B 308 0.74 -27.57 32.90
C GLN B 308 2.13 -27.05 33.23
N GLU B 309 2.60 -26.06 32.47
CA GLU B 309 3.81 -25.33 32.85
C GLU B 309 3.34 -23.92 33.30
N GLY B 310 3.94 -22.87 32.79
CA GLY B 310 3.64 -21.50 33.25
C GLY B 310 2.44 -20.84 32.57
N GLY B 311 2.43 -19.51 32.67
CA GLY B 311 1.26 -18.72 32.24
C GLY B 311 0.76 -17.90 33.42
N TYR B 312 0.62 -16.58 33.19
CA TYR B 312 0.57 -15.61 34.29
C TYR B 312 -0.53 -14.58 34.15
N SER B 313 -1.39 -14.72 33.12
CA SER B 313 -2.60 -13.90 33.02
C SER B 313 -3.81 -14.56 33.70
N PRO B 314 -4.19 -14.09 34.89
CA PRO B 314 -5.36 -14.74 35.49
C PRO B 314 -6.61 -14.47 34.66
N HIS B 315 -6.54 -13.40 33.87
CA HIS B 315 -7.68 -13.00 33.05
C HIS B 315 -7.86 -13.93 31.85
N TYR B 316 -6.77 -14.14 31.11
CA TYR B 316 -6.83 -14.80 29.82
C TYR B 316 -6.38 -16.27 29.83
N LEU B 317 -5.45 -16.63 30.71
CA LEU B 317 -5.00 -18.02 30.72
C LEU B 317 -6.14 -19.05 30.73
N PRO B 318 -7.18 -18.85 31.56
CA PRO B 318 -8.27 -19.83 31.62
C PRO B 318 -8.80 -20.16 30.22
N PHE B 319 -8.97 -19.13 29.38
CA PHE B 319 -9.50 -19.39 28.03
C PHE B 319 -8.51 -20.04 27.10
N CYS B 320 -7.22 -19.76 27.27
CA CYS B 320 -6.20 -20.48 26.50
C CYS B 320 -6.18 -21.96 26.87
N GLY B 321 -6.24 -22.23 28.18
CA GLY B 321 -6.23 -23.60 28.64
C GLY B 321 -7.48 -24.36 28.26
N LEU B 322 -8.63 -23.69 28.32
CA LEU B 322 -9.90 -24.34 27.97
C LEU B 322 -9.89 -24.75 26.51
N ALA B 323 -9.24 -23.95 25.66
CA ALA B 323 -9.19 -24.24 24.23
C ALA B 323 -8.46 -25.56 24.03
N VAL B 324 -7.38 -25.78 24.79
CA VAL B 324 -6.60 -27.01 24.65
C VAL B 324 -7.42 -28.19 25.17
N ILE B 325 -8.11 -27.99 26.28
CA ILE B 325 -9.03 -29.05 26.81
C ILE B 325 -10.12 -29.43 25.81
N GLU B 326 -10.75 -28.43 25.21
CA GLU B 326 -11.75 -28.65 24.16
C GLU B 326 -11.20 -29.45 22.98
N GLU B 327 -9.91 -29.28 22.68
CA GLU B 327 -9.32 -30.05 21.58
C GLU B 327 -9.12 -31.49 21.96
N LEU B 328 -8.91 -31.74 23.25
CA LEU B 328 -8.78 -33.13 23.71
C LEU B 328 -10.14 -33.83 23.72
N THR B 329 -11.15 -33.17 24.29
CA THR B 329 -12.46 -33.80 24.45
C THR B 329 -13.19 -33.86 23.11
N GLY B 330 -12.93 -32.85 22.27
CA GLY B 330 -13.71 -32.69 21.04
C GLY B 330 -15.06 -32.02 21.23
N VAL B 331 -15.33 -31.52 22.44
CA VAL B 331 -16.56 -30.81 22.76
C VAL B 331 -16.26 -29.34 23.00
N ARG B 332 -16.97 -28.47 22.30
CA ARG B 332 -16.80 -27.02 22.45
C ARG B 332 -17.75 -26.49 23.46
N SER B 333 -17.22 -25.81 24.48
CA SER B 333 -18.06 -25.21 25.52
C SER B 333 -18.33 -23.70 25.41
N LEU B 334 -17.31 -22.93 25.06
CA LEU B 334 -17.40 -21.47 25.10
C LEU B 334 -16.55 -20.81 24.02
N PRO B 335 -16.96 -19.60 23.60
CA PRO B 335 -16.09 -18.73 22.81
C PRO B 335 -14.98 -18.16 23.67
N ASP B 336 -13.92 -17.72 23.02
CA ASP B 336 -12.91 -16.89 23.69
C ASP B 336 -13.52 -15.49 23.70
N PRO B 337 -13.90 -15.01 24.88
CA PRO B 337 -14.57 -13.69 24.92
C PRO B 337 -13.64 -12.51 24.64
N TYR B 338 -12.34 -12.79 24.52
CA TYR B 338 -11.32 -11.80 24.16
C TYR B 338 -10.99 -11.83 22.68
N HIS B 339 -11.58 -12.76 21.92
CA HIS B 339 -11.09 -12.99 20.56
C HIS B 339 -11.04 -11.74 19.68
N GLU B 340 -12.15 -11.03 19.59
CA GLU B 340 -12.18 -9.87 18.67
C GLU B 340 -11.28 -8.76 19.18
N PHE B 341 -11.24 -8.58 20.51
CA PHE B 341 -10.37 -7.55 21.12
C PHE B 341 -8.92 -7.78 20.75
N LEU B 342 -8.49 -9.03 20.83
CA LEU B 342 -7.12 -9.38 20.56
C LEU B 342 -6.79 -9.56 19.07
N ALA B 343 -7.79 -9.98 18.29
CA ALA B 343 -7.53 -10.33 16.88
C ALA B 343 -6.97 -9.19 16.07
N GLY B 344 -7.33 -7.97 16.44
CA GLY B 344 -6.89 -6.77 15.74
C GLY B 344 -5.43 -6.39 15.99
N MET B 345 -4.84 -6.99 17.01
CA MET B 345 -3.51 -6.59 17.44
C MET B 345 -2.38 -7.16 16.61
N GLY B 346 -2.66 -8.20 15.81
CA GLY B 346 -1.63 -8.77 14.95
C GLY B 346 -1.06 -10.07 15.48
N GLY B 347 0.11 -10.45 14.97
CA GLY B 347 0.74 -11.74 15.28
C GLY B 347 0.36 -12.83 14.30
N ASN B 348 -0.63 -12.54 13.45
CA ASN B 348 -1.20 -13.56 12.56
C ASN B 348 -0.56 -13.61 11.18
N THR B 349 0.53 -12.86 11.04
CA THR B 349 1.31 -12.75 9.82
C THR B 349 2.73 -13.24 10.12
N LEU B 350 3.25 -14.16 9.33
CA LEU B 350 4.60 -14.63 9.55
C LEU B 350 5.61 -13.55 9.12
N LEU B 351 6.35 -12.99 10.06
CA LEU B 351 7.29 -11.95 9.73
C LEU B 351 8.63 -12.55 9.27
N ASP B 352 9.36 -11.80 8.44
CA ASP B 352 10.63 -12.30 7.93
C ASP B 352 11.57 -12.79 9.03
N ALA B 353 11.66 -12.04 10.13
CA ALA B 353 12.57 -12.40 11.21
C ALA B 353 12.09 -13.65 11.91
N GLU B 354 10.77 -13.85 11.94
CA GLU B 354 10.18 -15.03 12.56
C GLU B 354 10.51 -16.24 11.68
N ARG B 355 10.20 -16.12 10.40
CA ARG B 355 10.54 -17.16 9.43
C ARG B 355 12.03 -17.54 9.53
N ALA B 356 12.90 -16.54 9.62
CA ALA B 356 14.33 -16.81 9.59
C ALA B 356 14.74 -17.57 10.85
N ALA B 357 14.19 -17.20 11.99
CA ALA B 357 14.50 -17.93 13.23
C ALA B 357 14.09 -19.39 13.14
N ILE B 358 12.93 -19.64 12.56
CA ILE B 358 12.46 -21.02 12.42
C ILE B 358 13.32 -21.80 11.41
N GLU B 359 13.68 -21.14 10.31
CA GLU B 359 14.44 -21.79 9.25
C GLU B 359 15.81 -22.23 9.74
N GLU B 360 16.36 -21.52 10.73
CA GLU B 360 17.65 -21.92 11.35
C GLU B 360 17.61 -23.34 11.93
N ILE B 361 16.42 -23.85 12.24
CA ILE B 361 16.29 -25.15 12.93
C ILE B 361 15.99 -26.30 11.96
N VAL B 362 15.53 -25.98 10.76
CA VAL B 362 15.23 -27.02 9.80
C VAL B 362 16.37 -28.00 9.50
N PRO B 363 17.60 -27.51 9.30
CA PRO B 363 18.70 -28.47 9.06
C PRO B 363 18.95 -29.46 10.21
N LEU B 364 18.57 -29.10 11.42
CA LEU B 364 18.81 -30.02 12.55
C LEU B 364 17.95 -31.27 12.44
N LEU B 365 16.86 -31.17 11.67
CA LEU B 365 15.94 -32.31 11.58
C LEU B 365 16.65 -33.54 11.01
N ALA B 366 17.64 -33.32 10.16
CA ALA B 366 18.29 -34.41 9.43
C ALA B 366 19.05 -35.34 10.34
N ASP B 367 19.34 -34.89 11.56
CA ASP B 367 20.15 -35.66 12.49
C ASP B 367 19.34 -36.49 13.48
N ILE B 368 18.02 -36.42 13.36
CA ILE B 368 17.15 -37.16 14.28
C ILE B 368 16.94 -38.56 13.73
N ALA C 2 12.60 23.41 40.85
CA ALA C 2 11.42 23.24 41.76
C ALA C 2 10.42 22.38 41.03
N ILE C 3 10.24 21.16 41.52
CA ILE C 3 9.47 20.15 40.78
C ILE C 3 8.17 19.83 41.49
N GLY C 4 7.04 20.07 40.80
CA GLY C 4 5.76 19.88 41.36
C GLY C 4 5.37 18.41 41.25
N TYR C 5 4.56 17.94 42.19
CA TYR C 5 4.07 16.58 42.14
C TYR C 5 2.64 16.51 42.64
N VAL C 6 1.75 15.91 41.85
CA VAL C 6 0.33 15.81 42.19
C VAL C 6 -0.07 14.35 42.46
N TRP C 7 -0.57 14.11 43.66
CA TRP C 7 -1.33 12.89 43.95
C TRP C 7 -2.49 13.23 44.85
N ASN C 8 -3.67 12.72 44.51
CA ASN C 8 -4.85 12.90 45.33
C ASN C 8 -5.33 11.50 45.76
N THR C 9 -5.69 11.36 47.04
CA THR C 9 -6.12 10.05 47.54
C THR C 9 -7.15 9.37 46.64
N LEU C 10 -8.09 10.15 46.10
CA LEU C 10 -9.16 9.59 45.33
C LEU C 10 -8.67 8.98 44.00
N TYR C 11 -7.48 9.35 43.54
CA TYR C 11 -6.94 8.72 42.35
C TYR C 11 -6.84 7.21 42.60
N GLY C 12 -6.59 6.84 43.85
CA GLY C 12 -6.45 5.42 44.21
C GLY C 12 -7.78 4.74 44.52
N TRP C 13 -8.89 5.50 44.44
CA TRP C 13 -10.23 4.98 44.78
C TRP C 13 -11.12 4.74 43.56
N VAL C 14 -10.58 4.93 42.36
CA VAL C 14 -11.35 4.70 41.14
C VAL C 14 -11.86 3.26 41.16
N ASP C 15 -13.17 3.10 41.03
CA ASP C 15 -13.77 1.77 41.10
C ASP C 15 -13.73 1.10 39.74
N THR C 16 -12.92 0.07 39.62
CA THR C 16 -12.78 -0.66 38.37
C THR C 16 -13.65 -1.92 38.29
N GLY C 17 -14.43 -2.18 39.33
CA GLY C 17 -15.43 -3.25 39.29
C GLY C 17 -14.87 -4.61 39.63
N THR C 18 -15.49 -5.65 39.10
CA THR C 18 -15.09 -7.01 39.47
C THR C 18 -14.74 -7.82 38.23
N GLY C 19 -14.71 -7.14 37.07
CA GLY C 19 -14.29 -7.76 35.82
C GLY C 19 -12.79 -7.63 35.58
N SER C 20 -12.32 -8.19 34.47
CA SER C 20 -10.90 -8.14 34.10
C SER C 20 -10.62 -6.95 33.20
N LEU C 21 -11.60 -6.66 32.33
CA LEU C 21 -11.49 -5.63 31.31
C LEU C 21 -12.91 -5.14 31.06
N ALA C 22 -13.69 -5.98 30.40
CA ALA C 22 -15.12 -5.86 30.48
C ALA C 22 -15.54 -6.35 31.87
N ALA C 23 -16.84 -6.21 32.19
CA ALA C 23 -17.36 -6.68 33.46
C ALA C 23 -17.25 -8.21 33.57
N ALA C 24 -17.30 -8.74 34.77
CA ALA C 24 -17.44 -10.20 34.95
C ALA C 24 -18.75 -10.60 34.30
N ASN C 25 -18.79 -11.80 33.73
CA ASN C 25 -19.94 -12.23 32.94
C ASN C 25 -20.20 -13.73 33.11
N LEU C 26 -21.33 -14.09 33.73
CA LEU C 26 -21.63 -15.50 34.00
C LEU C 26 -21.79 -16.29 32.72
N THR C 27 -22.51 -15.74 31.75
CA THR C 27 -22.80 -16.45 30.49
C THR C 27 -21.53 -16.79 29.70
N ALA C 28 -20.62 -15.82 29.68
CA ALA C 28 -19.31 -15.99 29.08
C ALA C 28 -18.36 -16.79 29.95
N ARG C 29 -18.75 -16.98 31.22
CA ARG C 29 -17.89 -17.63 32.24
C ARG C 29 -16.59 -16.86 32.44
N MET C 30 -16.72 -15.53 32.46
CA MET C 30 -15.58 -14.68 32.86
C MET C 30 -15.73 -14.45 34.35
N GLN C 31 -14.93 -15.18 35.12
CA GLN C 31 -15.02 -15.19 36.57
C GLN C 31 -14.67 -13.81 37.18
N PRO C 32 -15.38 -13.38 38.25
CA PRO C 32 -14.98 -12.13 38.91
C PRO C 32 -13.57 -12.24 39.45
N ILE C 33 -12.92 -11.09 39.61
CA ILE C 33 -11.53 -11.05 40.11
C ILE C 33 -11.38 -9.73 40.87
N SER C 34 -10.47 -9.71 41.84
CA SER C 34 -10.44 -8.53 42.69
C SER C 34 -9.81 -7.35 41.97
N HIS C 35 -8.83 -7.63 41.12
CA HIS C 35 -8.09 -6.59 40.43
C HIS C 35 -8.31 -6.64 38.94
N HIS C 36 -9.13 -5.72 38.47
CA HIS C 36 -9.29 -5.44 37.04
C HIS C 36 -7.91 -5.05 36.50
N LEU C 37 -7.68 -5.27 35.21
CA LEU C 37 -6.40 -4.82 34.62
C LEU C 37 -6.02 -3.41 35.01
N ALA C 38 -7.01 -2.51 35.04
CA ALA C 38 -6.78 -1.10 35.30
C ALA C 38 -6.96 -0.66 36.75
N HIS C 39 -6.93 -1.63 37.67
CA HIS C 39 -7.13 -1.33 39.09
C HIS C 39 -6.19 -0.19 39.56
N PRO C 40 -6.70 0.76 40.37
CA PRO C 40 -5.87 1.91 40.78
C PRO C 40 -4.63 1.56 41.61
N ASP C 41 -4.55 0.33 42.13
CA ASP C 41 -3.39 -0.03 42.93
C ASP C 41 -2.06 0.15 42.18
N THR C 42 -2.03 -0.09 40.87
CA THR C 42 -0.78 0.04 40.11
C THR C 42 -0.24 1.48 40.27
N LYS C 43 -1.11 2.47 40.07
CA LYS C 43 -0.67 3.87 40.20
C LYS C 43 -0.44 4.27 41.66
N ARG C 44 -1.24 3.72 42.56
CA ARG C 44 -1.01 4.00 43.98
C ARG C 44 0.36 3.47 44.42
N ARG C 45 0.78 2.31 43.90
CA ARG C 45 2.11 1.80 44.28
C ARG C 45 3.24 2.69 43.79
N PHE C 46 3.00 3.36 42.64
CA PHE C 46 3.94 4.32 42.12
C PHE C 46 4.02 5.49 43.13
N HIS C 47 2.87 6.00 43.55
CA HIS C 47 2.85 7.09 44.53
C HIS C 47 3.56 6.68 45.82
N GLU C 48 3.19 5.50 46.33
CA GLU C 48 3.81 5.07 47.60
C GLU C 48 5.33 4.89 47.44
N LEU C 49 5.81 4.47 46.27
CA LEU C 49 7.27 4.36 46.10
C LEU C 49 7.90 5.76 46.05
N VAL C 50 7.22 6.72 45.40
CA VAL C 50 7.76 8.09 45.38
C VAL C 50 8.00 8.56 46.82
N CYS C 51 7.05 8.24 47.70
CA CYS C 51 7.17 8.60 49.13
C CYS C 51 8.23 7.77 49.86
N ALA C 52 8.12 6.45 49.79
CA ALA C 52 8.98 5.56 50.58
C ALA C 52 10.46 5.62 50.14
N SER C 53 10.71 5.93 48.86
CA SER C 53 12.07 6.10 48.36
C SER C 53 12.72 7.41 48.84
N GLY C 54 11.90 8.31 49.40
CA GLY C 54 12.40 9.62 49.79
C GLY C 54 12.38 10.63 48.68
N GLN C 55 11.98 10.23 47.46
CA GLN C 55 11.84 11.23 46.40
C GLN C 55 10.88 12.33 46.77
N ILE C 56 9.85 12.02 47.54
CA ILE C 56 8.84 13.02 47.92
C ILE C 56 9.48 14.24 48.62
N GLU C 57 10.61 14.02 49.28
CA GLU C 57 11.32 15.14 49.97
C GLU C 57 12.00 16.13 49.01
N HIS C 58 12.09 15.75 47.73
CA HIS C 58 12.69 16.57 46.67
C HIS C 58 11.63 17.14 45.73
N LEU C 59 10.37 16.95 46.12
CA LEU C 59 9.23 17.39 45.32
C LEU C 59 8.42 18.39 46.11
N THR C 60 7.75 19.28 45.37
CA THR C 60 6.83 20.21 45.96
C THR C 60 5.42 19.66 45.73
N PRO C 61 4.77 19.16 46.78
CA PRO C 61 3.41 18.65 46.58
C PRO C 61 2.45 19.75 46.14
N ILE C 62 1.70 19.46 45.10
CA ILE C 62 0.74 20.42 44.51
C ILE C 62 -0.61 19.75 44.61
N ALA C 63 -1.56 20.40 45.30
CA ALA C 63 -2.88 19.85 45.47
C ALA C 63 -3.64 19.97 44.15
N ALA C 64 -4.35 18.91 43.79
CA ALA C 64 -5.19 18.94 42.62
C ALA C 64 -6.33 19.90 42.94
N VAL C 65 -6.84 20.56 41.91
CA VAL C 65 -7.98 21.43 42.02
C VAL C 65 -8.96 20.92 41.00
N ALA C 66 -10.20 20.58 41.43
CA ALA C 66 -11.19 20.05 40.49
C ALA C 66 -11.37 20.91 39.24
N ALA C 67 -11.24 20.29 38.07
CA ALA C 67 -11.53 20.98 36.82
C ALA C 67 -12.98 21.45 36.84
N THR C 68 -13.20 22.71 36.48
CA THR C 68 -14.59 23.18 36.39
C THR C 68 -15.20 22.76 35.07
N ASP C 69 -16.52 22.92 34.93
CA ASP C 69 -17.17 22.75 33.64
C ASP C 69 -16.51 23.59 32.57
N ALA C 70 -16.24 24.86 32.86
CA ALA C 70 -15.61 25.69 31.83
C ALA C 70 -14.24 25.14 31.41
N ASP C 71 -13.46 24.63 32.37
CA ASP C 71 -12.16 24.03 32.02
C ASP C 71 -12.35 22.85 31.08
N ILE C 72 -13.33 22.00 31.41
CA ILE C 72 -13.59 20.80 30.58
C ILE C 72 -14.03 21.17 29.17
N LEU C 73 -14.81 22.25 29.07
CA LEU C 73 -15.31 22.67 27.75
C LEU C 73 -14.26 23.21 26.80
N ARG C 74 -13.06 23.53 27.32
CA ARG C 74 -11.97 23.90 26.40
C ARG C 74 -11.54 22.74 25.51
N ALA C 75 -11.78 21.52 25.99
CA ALA C 75 -11.39 20.30 25.28
C ALA C 75 -12.55 19.45 24.79
N HIS C 76 -13.71 19.55 25.45
CA HIS C 76 -14.80 18.60 25.22
C HIS C 76 -16.12 19.29 24.92
N SER C 77 -17.02 18.55 24.27
CA SER C 77 -18.36 19.10 23.98
C SER C 77 -19.19 19.23 25.24
N ALA C 78 -20.14 20.15 25.21
CA ALA C 78 -21.13 20.24 26.28
C ALA C 78 -21.91 18.94 26.44
N ALA C 79 -22.17 18.27 25.32
CA ALA C 79 -22.90 17.01 25.35
C ALA C 79 -22.14 15.95 26.13
N HIS C 80 -20.82 15.91 25.93
CA HIS C 80 -20.02 14.90 26.62
C HIS C 80 -19.98 15.21 28.11
N LEU C 81 -19.80 16.48 28.46
CA LEU C 81 -19.78 16.83 29.89
C LEU C 81 -21.10 16.48 30.54
N GLU C 82 -22.19 16.79 29.85
CA GLU C 82 -23.52 16.46 30.40
C GLU C 82 -23.76 14.95 30.52
N ASN C 83 -23.28 14.18 29.55
CA ASN C 83 -23.36 12.74 29.60
C ASN C 83 -22.55 12.15 30.75
N MET C 84 -21.38 12.72 31.02
CA MET C 84 -20.59 12.25 32.16
C MET C 84 -21.25 12.59 33.49
N LYS C 85 -21.88 13.78 33.57
CA LYS C 85 -22.68 14.12 34.76
C LYS C 85 -23.86 13.15 34.89
N ARG C 86 -24.50 12.86 33.77
CA ARG C 86 -25.64 11.93 33.73
C ARG C 86 -25.25 10.57 34.32
N VAL C 87 -24.17 9.99 33.81
CA VAL C 87 -23.70 8.67 34.26
C VAL C 87 -23.25 8.69 35.72
N SER C 88 -22.52 9.74 36.12
CA SER C 88 -22.06 9.84 37.49
C SER C 88 -23.23 9.99 38.48
N ASN C 89 -24.35 10.53 38.00
CA ASN C 89 -25.54 10.75 38.82
C ASN C 89 -26.45 9.54 38.96
N LEU C 90 -26.26 8.52 38.11
CA LEU C 90 -27.02 7.28 38.22
C LEU C 90 -26.74 6.62 39.56
N PRO C 91 -27.78 6.03 40.19
CA PRO C 91 -27.67 5.51 41.56
C PRO C 91 -26.41 4.71 41.79
N THR C 92 -26.01 3.92 40.79
CA THR C 92 -24.80 3.11 40.89
C THR C 92 -23.85 3.39 39.72
N GLY C 93 -24.01 4.56 39.09
CA GLY C 93 -23.16 4.93 37.97
C GLY C 93 -23.50 4.07 36.78
N GLY C 94 -22.54 3.88 35.89
CA GLY C 94 -22.74 3.00 34.75
C GLY C 94 -21.67 3.18 33.70
N ASP C 95 -21.95 2.64 32.51
CA ASP C 95 -20.98 2.77 31.45
C ASP C 95 -21.13 4.08 30.70
N THR C 96 -19.96 4.59 30.33
CA THR C 96 -19.83 5.90 29.79
C THR C 96 -20.02 5.88 28.28
N GLY C 97 -20.33 4.70 27.73
CA GLY C 97 -20.68 4.58 26.31
C GLY C 97 -20.02 3.46 25.54
N ASP C 98 -18.78 3.09 25.88
CA ASP C 98 -18.07 2.05 25.11
C ASP C 98 -18.30 0.64 25.66
N GLY C 99 -19.21 0.53 26.64
CA GLY C 99 -19.55 -0.76 27.27
C GLY C 99 -18.49 -1.31 28.19
N ILE C 100 -17.41 -0.55 28.36
CA ILE C 100 -16.23 -0.94 29.14
C ILE C 100 -15.80 0.07 30.21
N THR C 101 -15.72 1.35 29.86
CA THR C 101 -15.20 2.31 30.85
C THR C 101 -16.34 2.88 31.67
N MET C 102 -16.15 2.78 32.97
CA MET C 102 -17.24 2.88 33.90
C MET C 102 -16.96 3.99 34.85
N MET C 103 -18.05 4.52 35.38
CA MET C 103 -17.97 5.50 36.42
C MET C 103 -18.93 5.05 37.49
N GLY C 104 -18.48 5.06 38.74
CA GLY C 104 -19.39 4.87 39.87
C GLY C 104 -20.20 6.12 40.10
N ASN C 105 -21.17 6.03 41.03
CA ASN C 105 -21.91 7.19 41.48
C ASN C 105 -20.92 8.21 42.05
N GLY C 106 -21.01 9.45 41.57
CA GLY C 106 -20.08 10.47 42.01
C GLY C 106 -18.67 10.30 41.47
N GLY C 107 -18.48 9.39 40.51
CA GLY C 107 -17.13 9.16 39.97
C GLY C 107 -16.60 10.36 39.16
N LEU C 108 -17.53 11.23 38.74
CA LEU C 108 -17.11 12.48 38.11
C LEU C 108 -16.20 13.30 39.01
N GLU C 109 -16.36 13.21 40.33
CA GLU C 109 -15.47 13.93 41.22
C GLU C 109 -14.00 13.58 40.93
N ILE C 110 -13.72 12.29 40.73
CA ILE C 110 -12.34 11.87 40.52
C ILE C 110 -11.86 12.32 39.13
N ALA C 111 -12.73 12.21 38.12
CA ALA C 111 -12.35 12.61 36.76
C ALA C 111 -12.03 14.11 36.78
N ARG C 112 -12.78 14.92 37.53
CA ARG C 112 -12.47 16.35 37.60
C ARG C 112 -11.14 16.60 38.31
N LEU C 113 -10.86 15.84 39.38
CA LEU C 113 -9.58 15.97 40.09
C LEU C 113 -8.41 15.52 39.24
N SER C 114 -8.68 14.56 38.34
CA SER C 114 -7.61 14.07 37.49
C SER C 114 -7.23 15.14 36.46
N ALA C 115 -8.23 15.63 35.72
CA ALA C 115 -7.99 16.71 34.76
C ALA C 115 -7.45 17.97 35.46
N GLY C 116 -8.01 18.27 36.63
CA GLY C 116 -7.67 19.44 37.40
C GLY C 116 -6.27 19.39 37.96
N GLY C 117 -5.79 18.18 38.28
CA GLY C 117 -4.42 18.02 38.72
C GLY C 117 -3.44 18.42 37.63
N ALA C 118 -3.72 17.97 36.40
CA ALA C 118 -2.92 18.36 35.25
C ALA C 118 -2.96 19.87 35.03
N VAL C 119 -4.15 20.46 35.15
CA VAL C 119 -4.28 21.92 34.92
C VAL C 119 -3.49 22.71 35.98
N GLU C 120 -3.67 22.33 37.23
CA GLU C 120 -3.04 23.04 38.34
C GLU C 120 -1.52 22.98 38.27
N LEU C 121 -0.98 21.81 37.92
CA LEU C 121 0.44 21.68 37.77
C LEU C 121 0.92 22.54 36.61
N THR C 122 0.18 22.54 35.50
CA THR C 122 0.54 23.33 34.34
C THR C 122 0.56 24.81 34.68
N ARG C 123 -0.45 25.25 35.43
CA ARG C 123 -0.53 26.67 35.86
C ARG C 123 0.73 27.06 36.61
N ARG C 124 1.16 26.19 37.51
CA ARG C 124 2.24 26.56 38.41
C ARG C 124 3.61 26.44 37.77
N VAL C 125 3.74 25.58 36.74
CA VAL C 125 4.95 25.56 35.94
C VAL C 125 4.99 26.84 35.07
N ALA C 126 3.86 27.20 34.47
CA ALA C 126 3.81 28.39 33.58
C ALA C 126 4.15 29.69 34.29
N THR C 127 3.68 29.85 35.53
CA THR C 127 3.95 31.08 36.28
C THR C 127 5.42 31.19 36.66
N GLY C 128 6.16 30.09 36.48
CA GLY C 128 7.54 30.02 36.94
C GLY C 128 7.69 29.67 38.43
N GLU C 129 6.58 29.42 39.12
CA GLU C 129 6.69 28.95 40.51
C GLU C 129 7.45 27.62 40.52
N LEU C 130 7.13 26.77 39.56
CA LEU C 130 7.86 25.49 39.40
C LEU C 130 8.57 25.47 38.07
N SER C 131 9.59 24.64 37.98
CA SER C 131 10.26 24.43 36.71
C SER C 131 9.60 23.35 35.85
N ALA C 132 8.98 22.39 36.51
CA ALA C 132 8.44 21.19 35.85
C ALA C 132 7.68 20.41 36.90
N GLY C 133 7.06 19.32 36.48
CA GLY C 133 6.28 18.53 37.44
C GLY C 133 5.74 17.25 36.86
N TYR C 134 5.27 16.41 37.78
CA TYR C 134 4.63 15.15 37.42
C TYR C 134 3.28 15.09 38.10
N ALA C 135 2.21 14.94 37.30
CA ALA C 135 0.86 14.79 37.84
C ALA C 135 0.49 13.32 37.74
N LEU C 136 0.41 12.66 38.91
CA LEU C 136 0.20 11.22 38.93
C LEU C 136 -1.30 11.00 39.05
N VAL C 137 -1.98 11.27 37.94
CA VAL C 137 -3.42 11.32 37.97
C VAL C 137 -3.99 9.97 37.59
N ASN C 138 -5.27 9.81 37.90
CA ASN C 138 -6.10 8.65 37.53
C ASN C 138 -7.53 9.12 37.74
N PRO C 139 -8.47 8.85 36.80
CA PRO C 139 -8.34 8.10 35.53
C PRO C 139 -7.50 8.80 34.47
N PRO C 140 -7.01 8.02 33.49
CA PRO C 140 -6.21 8.55 32.41
C PRO C 140 -7.07 9.29 31.38
N GLY C 141 -6.44 9.79 30.34
CA GLY C 141 -7.13 10.73 29.45
C GLY C 141 -7.05 10.49 27.97
N HIS C 142 -5.96 9.89 27.46
CA HIS C 142 -5.63 10.11 26.03
C HIS C 142 -6.57 9.50 24.98
N HIS C 143 -7.43 8.55 25.37
CA HIS C 143 -8.39 7.97 24.42
C HIS C 143 -9.68 8.79 24.30
N ALA C 144 -9.94 9.69 25.24
CA ALA C 144 -11.21 10.41 25.22
C ALA C 144 -11.13 11.50 24.16
N PRO C 145 -11.96 11.42 23.11
CA PRO C 145 -11.98 12.46 22.08
C PRO C 145 -12.91 13.59 22.49
N HIS C 146 -13.16 14.52 21.57
CA HIS C 146 -13.94 15.69 21.95
C HIS C 146 -15.31 15.34 22.54
N ASN C 147 -15.98 14.33 21.99
CA ASN C 147 -17.39 14.07 22.32
C ASN C 147 -17.64 12.68 22.93
N ALA C 148 -16.63 12.10 23.57
CA ALA C 148 -16.88 10.81 24.22
C ALA C 148 -15.84 10.45 25.27
N ALA C 149 -16.18 9.43 26.06
CA ALA C 149 -15.25 8.75 26.94
C ALA C 149 -14.86 7.44 26.25
N MET C 150 -13.64 6.95 26.49
CA MET C 150 -13.19 5.73 25.83
C MET C 150 -11.96 5.16 26.53
N GLY C 151 -11.83 3.84 26.53
CA GLY C 151 -10.54 3.25 26.91
C GLY C 151 -10.06 3.65 28.30
N PHE C 152 -10.98 3.63 29.27
CA PHE C 152 -10.68 4.00 30.70
C PHE C 152 -10.62 5.52 30.94
N CYS C 153 -10.83 6.30 29.89
CA CYS C 153 -10.64 7.75 29.94
C CYS C 153 -11.97 8.46 29.91
N ILE C 154 -12.19 9.30 30.92
CA ILE C 154 -13.43 10.09 31.06
C ILE C 154 -13.24 11.44 30.38
N PHE C 155 -12.16 12.13 30.74
CA PHE C 155 -11.78 13.39 30.06
C PHE C 155 -10.33 13.33 29.64
N ASN C 156 -10.00 14.11 28.62
CA ASN C 156 -8.65 14.08 28.08
C ASN C 156 -7.81 15.05 28.89
N ASN C 157 -7.23 14.54 29.98
CA ASN C 157 -6.48 15.37 30.90
C ASN C 157 -5.44 16.29 30.28
N THR C 158 -4.57 15.74 29.40
CA THR C 158 -3.53 16.54 28.80
C THR C 158 -4.09 17.63 27.89
N SER C 159 -5.21 17.33 27.24
CA SER C 159 -5.91 18.31 26.39
C SER C 159 -6.64 19.37 27.19
N VAL C 160 -7.19 19.02 28.35
CA VAL C 160 -7.77 20.03 29.23
C VAL C 160 -6.64 20.94 29.67
N ALA C 161 -5.47 20.37 29.94
CA ALA C 161 -4.33 21.20 30.38
C ALA C 161 -3.78 22.04 29.22
N ALA C 162 -3.70 21.48 28.02
CA ALA C 162 -3.18 22.26 26.89
C ALA C 162 -4.16 23.40 26.56
N GLY C 163 -5.45 23.11 26.67
CA GLY C 163 -6.53 24.10 26.39
C GLY C 163 -6.39 25.24 27.37
N TYR C 164 -6.10 24.91 28.64
CA TYR C 164 -5.88 25.94 29.66
C TYR C 164 -4.67 26.78 29.30
N ALA C 165 -3.58 26.14 28.87
CA ALA C 165 -2.36 26.85 28.52
C ALA C 165 -2.52 27.78 27.32
N ARG C 166 -3.30 27.34 26.36
CA ARG C 166 -3.53 28.10 25.14
C ARG C 166 -4.26 29.34 25.58
N ALA C 167 -5.32 29.14 26.38
CA ALA C 167 -6.31 30.16 26.70
C ALA C 167 -5.85 31.10 27.80
N VAL C 168 -5.78 30.60 29.02
CA VAL C 168 -5.51 31.45 30.15
C VAL C 168 -4.04 31.87 30.14
N LEU C 169 -3.15 30.94 29.80
CA LEU C 169 -1.71 31.17 29.94
C LEU C 169 -1.14 31.90 28.74
N GLY C 170 -1.98 32.06 27.70
CA GLY C 170 -1.63 32.86 26.54
C GLY C 170 -0.63 32.25 25.58
N MET C 171 -0.42 30.94 25.67
CA MET C 171 0.56 30.30 24.80
C MET C 171 -0.02 30.09 23.41
N GLU C 172 0.77 30.37 22.37
CA GLU C 172 0.28 30.14 21.01
C GLU C 172 0.50 28.72 20.54
N ARG C 173 1.48 28.03 21.13
CA ARG C 173 1.81 26.66 20.70
C ARG C 173 2.09 25.77 21.90
N VAL C 174 1.47 24.60 21.91
CA VAL C 174 1.69 23.60 22.97
C VAL C 174 1.94 22.27 22.28
N ALA C 175 2.81 21.42 22.83
CA ALA C 175 2.95 20.08 22.27
C ALA C 175 2.58 19.06 23.31
N ILE C 176 1.83 18.06 22.87
CA ILE C 176 1.55 16.88 23.70
C ILE C 176 2.27 15.67 23.13
N LEU C 177 3.22 15.17 23.91
CA LEU C 177 3.93 13.95 23.53
C LEU C 177 3.40 12.81 24.33
N ASP C 178 2.90 11.80 23.66
CA ASP C 178 2.23 10.70 24.34
C ASP C 178 3.01 9.43 24.10
N TRP C 179 3.65 8.91 25.15
CA TRP C 179 4.36 7.63 25.03
C TRP C 179 3.73 6.46 25.76
N ASP C 180 2.51 6.65 26.24
CA ASP C 180 1.66 5.50 26.58
C ASP C 180 1.72 4.58 25.32
N VAL C 181 1.76 3.28 25.54
CA VAL C 181 1.98 2.32 24.46
C VAL C 181 0.80 2.20 23.48
N HIS C 182 -0.33 2.75 23.88
CA HIS C 182 -1.55 2.76 23.03
C HIS C 182 -1.69 4.10 22.31
N HIS C 183 -2.36 4.09 21.18
CA HIS C 183 -2.51 5.33 20.40
C HIS C 183 -3.39 6.34 21.11
N GLY C 184 -2.88 7.58 21.21
CA GLY C 184 -3.67 8.69 21.77
C GLY C 184 -4.71 9.22 20.79
N ASN C 185 -5.66 8.37 20.42
CA ASN C 185 -6.71 8.76 19.45
C ASN C 185 -7.53 9.97 19.91
N GLY C 186 -7.74 10.09 21.22
CA GLY C 186 -8.62 11.14 21.76
C GLY C 186 -7.97 12.49 21.57
N THR C 187 -6.69 12.58 21.93
CA THR C 187 -5.92 13.82 21.80
C THR C 187 -5.80 14.20 20.33
N GLN C 188 -5.60 13.20 19.47
CA GLN C 188 -5.51 13.40 18.02
C GLN C 188 -6.80 14.02 17.51
N ASP C 189 -7.93 13.47 17.95
CA ASP C 189 -9.26 13.96 17.55
C ASP C 189 -9.46 15.40 18.00
N ILE C 190 -9.13 15.70 19.25
CA ILE C 190 -9.40 17.03 19.81
C ILE C 190 -8.69 18.13 19.04
N TRP C 191 -7.43 17.89 18.64
CA TRP C 191 -6.61 18.94 18.06
C TRP C 191 -6.40 18.73 16.55
N TRP C 192 -7.23 17.85 15.97
CA TRP C 192 -7.09 17.38 14.58
C TRP C 192 -6.95 18.54 13.62
N ASN C 193 -7.77 19.58 13.80
CA ASN C 193 -7.79 20.67 12.84
C ASN C 193 -6.98 21.87 13.29
N ASP C 194 -6.14 21.69 14.32
CA ASP C 194 -5.64 22.82 15.05
C ASP C 194 -4.13 22.79 15.11
N PRO C 195 -3.44 23.69 14.41
CA PRO C 195 -1.99 23.67 14.41
C PRO C 195 -1.33 24.19 15.70
N SER C 196 -2.11 24.76 16.62
CA SER C 196 -1.58 25.38 17.86
C SER C 196 -1.32 24.34 18.94
N VAL C 197 -1.73 23.09 18.68
CA VAL C 197 -1.31 21.98 19.54
C VAL C 197 -0.81 20.85 18.68
N LEU C 198 0.48 20.59 18.80
CA LEU C 198 1.14 19.49 18.08
C LEU C 198 0.95 18.23 18.90
N THR C 199 0.39 17.20 18.27
CA THR C 199 0.08 15.97 19.03
C THR C 199 0.94 14.87 18.45
N ILE C 200 1.68 14.20 19.32
CA ILE C 200 2.60 13.13 18.89
C ILE C 200 2.29 11.92 19.74
N SER C 201 2.10 10.80 19.07
CA SER C 201 1.88 9.57 19.79
C SER C 201 2.86 8.49 19.27
N LEU C 202 3.61 7.90 20.21
CA LEU C 202 4.38 6.65 19.99
C LEU C 202 3.49 5.51 20.48
N HIS C 203 3.39 4.44 19.74
CA HIS C 203 2.54 3.36 20.20
C HIS C 203 2.84 2.06 19.50
N GLN C 204 2.48 0.95 20.13
CA GLN C 204 2.48 -0.33 19.45
C GLN C 204 1.39 -0.30 18.36
N HIS C 205 1.77 -0.63 17.14
CA HIS C 205 0.84 -0.49 16.01
C HIS C 205 -0.39 -1.36 16.23
N LEU C 206 -1.55 -0.71 16.18
CA LEU C 206 -2.86 -1.40 16.22
C LEU C 206 -3.15 -2.13 17.56
N CYS C 207 -2.47 -1.72 18.62
CA CYS C 207 -2.69 -2.35 19.92
C CYS C 207 -4.03 -1.94 20.50
N PHE C 208 -4.21 -0.62 20.70
CA PHE C 208 -5.56 -0.10 21.02
C PHE C 208 -5.55 1.39 20.78
N PRO C 209 -6.61 1.93 20.10
CA PRO C 209 -7.77 1.23 19.52
C PRO C 209 -7.44 0.47 18.23
N PRO C 210 -8.32 -0.45 17.81
CA PRO C 210 -8.02 -1.30 16.67
C PRO C 210 -7.80 -0.65 15.29
N ASP C 211 -8.41 0.45 14.97
CA ASP C 211 -8.23 0.75 13.55
C ASP C 211 -7.65 2.12 13.47
N SER C 212 -6.60 2.36 14.25
CA SER C 212 -6.17 3.73 14.36
C SER C 212 -4.70 3.89 14.75
N GLY C 213 -4.18 5.10 14.54
CA GLY C 213 -2.79 5.38 14.87
C GLY C 213 -1.82 5.16 13.72
N TYR C 214 -2.35 5.04 12.50
CA TYR C 214 -1.52 5.01 11.30
C TYR C 214 -0.83 6.36 11.08
N SER C 215 0.35 6.31 10.47
CA SER C 215 1.13 7.52 10.26
C SER C 215 0.51 8.40 9.18
N THR C 216 -0.48 7.86 8.48
CA THR C 216 -1.18 8.65 7.47
C THR C 216 -2.20 9.58 8.12
N GLU C 217 -2.44 9.43 9.42
CA GLU C 217 -3.36 10.32 10.15
C GLU C 217 -2.55 11.55 10.59
N ARG C 218 -2.71 12.67 9.88
CA ARG C 218 -1.79 13.80 10.04
C ARG C 218 -2.47 15.13 10.39
N GLY C 219 -3.76 15.08 10.72
CA GLY C 219 -4.52 16.29 11.00
C GLY C 219 -5.14 16.77 9.70
N ALA C 220 -5.84 17.90 9.76
CA ALA C 220 -6.56 18.42 8.59
C ALA C 220 -6.61 19.93 8.61
N GLY C 221 -6.85 20.51 7.44
CA GLY C 221 -6.97 21.96 7.37
C GLY C 221 -5.71 22.63 7.86
N ASN C 222 -5.85 23.64 8.71
CA ASN C 222 -4.72 24.41 9.20
C ASN C 222 -3.86 23.48 10.07
N GLY C 223 -4.50 22.41 10.53
CA GLY C 223 -3.86 21.44 11.43
C GLY C 223 -3.19 20.30 10.69
N HIS C 224 -3.28 20.28 9.36
CA HIS C 224 -2.56 19.24 8.60
C HIS C 224 -1.05 19.34 8.79
N GLY C 225 -0.44 18.21 9.20
CA GLY C 225 0.97 18.16 9.52
C GLY C 225 1.30 18.35 11.00
N TYR C 226 0.26 18.55 11.81
CA TYR C 226 0.47 18.84 13.24
C TYR C 226 -0.04 17.72 14.14
N ASN C 227 -0.24 16.56 13.54
CA ASN C 227 -0.47 15.32 14.29
C ASN C 227 0.51 14.31 13.73
N ILE C 228 1.26 13.68 14.62
CA ILE C 228 2.28 12.74 14.23
C ILE C 228 2.14 11.42 15.01
N ASN C 229 1.78 10.36 14.29
CA ASN C 229 1.79 8.99 14.81
C ASN C 229 3.05 8.25 14.43
N VAL C 230 3.64 7.58 15.45
CA VAL C 230 4.82 6.72 15.27
C VAL C 230 4.43 5.29 15.73
N PRO C 231 3.70 4.54 14.87
CA PRO C 231 3.39 3.14 15.20
C PRO C 231 4.64 2.27 15.09
N LEU C 232 4.87 1.46 16.12
CA LEU C 232 6.08 0.64 16.24
C LEU C 232 5.65 -0.81 16.33
N PRO C 233 6.50 -1.72 15.88
CA PRO C 233 6.07 -3.14 15.98
C PRO C 233 6.19 -3.72 17.40
N PRO C 234 5.35 -4.73 17.70
CA PRO C 234 5.46 -5.50 18.93
C PRO C 234 6.89 -5.93 19.14
N GLY C 235 7.31 -5.92 20.40
CA GLY C 235 8.65 -6.31 20.73
C GLY C 235 9.65 -5.17 20.73
N SER C 236 9.23 -3.99 20.28
CA SER C 236 10.13 -2.85 20.31
C SER C 236 10.57 -2.54 21.75
N GLY C 237 11.86 -2.27 21.93
CA GLY C 237 12.38 -1.95 23.26
C GLY C 237 13.09 -0.60 23.33
N ASN C 238 14.05 -0.48 24.23
CA ASN C 238 14.69 0.80 24.48
C ASN C 238 15.34 1.34 23.20
N ALA C 239 15.98 0.47 22.42
CA ALA C 239 16.68 0.99 21.23
C ALA C 239 15.68 1.61 20.24
N ALA C 240 14.57 0.93 19.96
CA ALA C 240 13.53 1.51 19.09
C ALA C 240 12.97 2.82 19.63
N TYR C 241 12.61 2.82 20.91
CA TYR C 241 11.99 4.02 21.48
C TYR C 241 12.95 5.20 21.46
N LEU C 242 14.22 4.93 21.77
CA LEU C 242 15.18 6.04 21.78
C LEU C 242 15.54 6.49 20.36
N HIS C 243 15.50 5.57 19.41
CA HIS C 243 15.63 5.91 17.98
C HIS C 243 14.44 6.79 17.55
N ALA C 244 13.23 6.47 18.02
CA ALA C 244 12.06 7.27 17.68
C ALA C 244 12.17 8.66 18.28
N MET C 245 12.68 8.72 19.52
CA MET C 245 12.92 10.03 20.15
C MET C 245 13.90 10.88 19.34
N ASP C 246 15.04 10.29 19.00
CA ASP C 246 16.12 11.01 18.34
C ASP C 246 15.84 11.40 16.91
N GLN C 247 15.14 10.53 16.18
CA GLN C 247 14.91 10.73 14.75
C GLN C 247 13.62 11.48 14.43
N VAL C 248 12.61 11.35 15.29
CA VAL C 248 11.28 11.91 15.03
C VAL C 248 10.83 12.91 16.09
N VAL C 249 10.71 12.45 17.35
CA VAL C 249 10.05 13.27 18.37
C VAL C 249 10.81 14.57 18.66
N LEU C 250 12.09 14.46 19.01
CA LEU C 250 12.89 15.65 19.35
C LEU C 250 13.05 16.61 18.16
N PRO C 251 13.36 16.09 16.95
CA PRO C 251 13.34 16.96 15.77
C PRO C 251 11.99 17.68 15.56
N ALA C 252 10.89 16.95 15.80
CA ALA C 252 9.54 17.50 15.61
C ALA C 252 9.33 18.65 16.61
N LEU C 253 9.70 18.40 17.87
CA LEU C 253 9.54 19.42 18.90
C LEU C 253 10.37 20.66 18.58
N ARG C 254 11.62 20.46 18.16
CA ARG C 254 12.50 21.58 17.87
C ARG C 254 11.98 22.39 16.67
N ALA C 255 11.44 21.69 15.68
CA ALA C 255 10.80 22.36 14.53
C ALA C 255 9.57 23.19 14.92
N TYR C 256 8.77 22.65 15.83
CA TYR C 256 7.49 23.23 16.18
C TYR C 256 7.61 24.42 17.14
N ARG C 257 8.61 24.37 18.02
CA ARG C 257 8.83 25.44 18.98
C ARG C 257 7.62 25.67 19.88
N PRO C 258 7.19 24.63 20.61
CA PRO C 258 6.09 24.81 21.54
C PRO C 258 6.57 25.67 22.70
N GLN C 259 5.63 26.33 23.37
CA GLN C 259 5.94 27.11 24.55
C GLN C 259 5.78 26.27 25.81
N LEU C 260 5.20 25.06 25.66
CA LEU C 260 5.04 24.13 26.77
C LEU C 260 5.06 22.75 26.20
N ILE C 261 5.71 21.80 26.88
CA ILE C 261 5.63 20.38 26.47
C ILE C 261 4.85 19.65 27.56
N ILE C 262 3.80 18.96 27.18
CA ILE C 262 3.04 18.12 28.10
C ILE C 262 3.29 16.68 27.68
N VAL C 263 3.69 15.83 28.63
CA VAL C 263 3.95 14.45 28.28
C VAL C 263 2.85 13.55 28.81
N GLY C 264 2.20 12.81 27.91
CA GLY C 264 1.23 11.78 28.25
C GLY C 264 2.08 10.58 28.62
N SER C 265 2.36 10.48 29.91
CA SER C 265 3.37 9.54 30.40
C SER C 265 2.70 8.25 30.87
N GLY C 266 2.56 7.29 29.94
CA GLY C 266 2.15 5.95 30.37
C GLY C 266 3.38 5.07 30.48
N PHE C 267 3.27 3.97 31.23
CA PHE C 267 4.37 3.02 31.36
C PHE C 267 3.95 1.66 30.88
N ASP C 268 2.90 1.62 30.06
CA ASP C 268 2.44 0.32 29.52
C ASP C 268 3.29 -0.20 28.37
N ALA C 269 4.32 0.56 27.98
CA ALA C 269 5.30 0.00 27.07
C ALA C 269 6.35 -0.83 27.83
N SER C 270 6.18 -0.98 29.14
CA SER C 270 7.24 -1.66 29.91
C SER C 270 7.34 -3.14 29.57
N MET C 271 8.52 -3.68 29.85
CA MET C 271 8.84 -5.08 29.58
C MET C 271 7.85 -6.07 30.22
N LEU C 272 7.20 -5.68 31.33
CA LEU C 272 6.32 -6.59 32.09
C LEU C 272 4.85 -6.23 31.99
N ASP C 273 4.47 -5.35 31.06
CA ASP C 273 3.09 -4.95 31.04
C ASP C 273 2.21 -6.02 30.36
N PRO C 274 1.02 -6.34 30.94
CA PRO C 274 0.11 -7.27 30.23
C PRO C 274 -0.57 -6.66 29.01
N LEU C 275 -0.71 -5.34 28.98
CA LEU C 275 -1.58 -4.75 27.95
C LEU C 275 -0.86 -4.25 26.70
N ALA C 276 0.41 -4.60 26.56
CA ALA C 276 1.13 -4.45 25.30
C ALA C 276 2.35 -5.36 25.29
N ARG C 277 3.05 -5.39 24.16
CA ARG C 277 4.11 -6.35 23.85
C ARG C 277 5.48 -5.68 23.71
N MET C 278 5.65 -4.53 24.37
CA MET C 278 6.89 -3.79 24.21
C MET C 278 7.87 -4.10 25.33
N MET C 279 9.12 -3.66 25.13
CA MET C 279 10.24 -4.12 25.92
C MET C 279 11.01 -2.98 26.61
N VAL C 280 10.32 -1.88 26.90
CA VAL C 280 10.96 -0.76 27.55
C VAL C 280 11.24 -1.05 29.04
N THR C 281 12.45 -0.74 29.48
CA THR C 281 12.77 -0.88 30.90
C THR C 281 12.73 0.47 31.61
N ALA C 282 12.82 0.45 32.93
CA ALA C 282 12.91 1.69 33.68
C ALA C 282 14.03 2.59 33.14
N ASP C 283 15.18 2.00 32.78
CA ASP C 283 16.28 2.80 32.23
C ASP C 283 15.91 3.43 30.87
N GLY C 284 15.08 2.74 30.09
CA GLY C 284 14.61 3.29 28.82
C GLY C 284 13.67 4.49 29.07
N PHE C 285 12.74 4.34 30.02
CA PHE C 285 11.89 5.50 30.37
C PHE C 285 12.73 6.63 30.93
N ARG C 286 13.74 6.28 31.76
CA ARG C 286 14.69 7.28 32.27
C ARG C 286 15.32 8.10 31.14
N GLN C 287 15.84 7.41 30.13
CA GLN C 287 16.44 8.08 28.98
C GLN C 287 15.43 8.90 28.19
N MET C 288 14.20 8.39 28.06
CA MET C 288 13.16 9.11 27.31
C MET C 288 12.80 10.41 28.04
N ALA C 289 12.61 10.32 29.36
CA ALA C 289 12.37 11.49 30.19
C ALA C 289 13.55 12.49 30.12
N ARG C 290 14.78 11.99 30.24
CA ARG C 290 15.96 12.87 30.23
C ARG C 290 16.00 13.64 28.91
N ARG C 291 15.85 12.93 27.80
CA ARG C 291 15.85 13.59 26.48
C ARG C 291 14.75 14.67 26.38
N THR C 292 13.57 14.36 26.89
CA THR C 292 12.47 15.32 26.73
C THR C 292 12.62 16.53 27.63
N ILE C 293 13.05 16.30 28.87
CA ILE C 293 13.33 17.42 29.77
C ILE C 293 14.42 18.30 29.17
N ASP C 294 15.49 17.69 28.66
CA ASP C 294 16.60 18.45 28.02
C ASP C 294 16.07 19.24 26.82
N CYS C 295 15.19 18.63 26.04
CA CYS C 295 14.56 19.34 24.93
C CYS C 295 13.79 20.57 25.43
N ALA C 296 12.95 20.43 26.46
CA ALA C 296 12.22 21.58 27.06
C ALA C 296 13.18 22.68 27.50
N ALA C 297 14.30 22.28 28.10
CA ALA C 297 15.29 23.28 28.58
C ALA C 297 15.81 24.11 27.41
N ASP C 298 15.93 23.48 26.25
CA ASP C 298 16.48 24.15 25.09
C ASP C 298 15.46 25.05 24.41
N ILE C 299 14.21 24.60 24.34
CA ILE C 299 13.29 25.30 23.45
C ILE C 299 12.16 26.06 24.13
N CYS C 300 11.86 25.73 25.38
CA CYS C 300 10.74 26.39 26.09
C CYS C 300 10.98 26.64 27.56
N ASP C 301 12.20 27.12 27.85
CA ASP C 301 12.58 27.54 29.23
C ASP C 301 12.31 26.45 30.26
N GLY C 302 12.40 25.19 29.81
CA GLY C 302 12.25 24.03 30.69
C GLY C 302 10.81 23.69 31.06
N ARG C 303 9.84 24.37 30.46
CA ARG C 303 8.43 24.14 30.84
C ARG C 303 7.96 22.80 30.29
N ILE C 304 7.93 21.80 31.19
CA ILE C 304 7.50 20.45 30.86
C ILE C 304 6.67 19.90 32.03
N VAL C 305 5.49 19.34 31.68
CA VAL C 305 4.54 18.80 32.64
C VAL C 305 4.26 17.36 32.23
N PHE C 306 4.53 16.39 33.10
CA PHE C 306 4.24 14.99 32.78
C PHE C 306 2.91 14.71 33.43
N VAL C 307 2.04 13.98 32.72
CA VAL C 307 0.72 13.62 33.18
C VAL C 307 0.51 12.11 32.98
N GLN C 308 0.19 11.41 34.05
CA GLN C 308 0.07 9.97 33.97
C GLN C 308 -0.99 9.50 32.99
N GLU C 309 -0.63 8.55 32.13
CA GLU C 309 -1.57 7.81 31.29
C GLU C 309 -1.63 6.37 31.84
N GLY C 310 -1.45 5.38 30.97
CA GLY C 310 -1.70 3.99 31.37
C GLY C 310 -0.46 3.35 31.96
N GLY C 311 -0.51 2.02 32.00
CA GLY C 311 0.53 1.20 32.69
C GLY C 311 -0.15 0.29 33.67
N TYR C 312 0.17 -1.00 33.58
CA TYR C 312 -0.64 -2.04 34.22
C TYR C 312 0.15 -3.06 34.99
N SER C 313 1.47 -2.89 35.09
CA SER C 313 2.26 -3.80 35.95
C SER C 313 2.37 -3.24 37.37
N PRO C 314 1.62 -3.79 38.33
CA PRO C 314 1.78 -3.26 39.71
C PRO C 314 3.18 -3.54 40.27
N HIS C 315 3.86 -4.54 39.73
CA HIS C 315 5.21 -4.94 40.15
C HIS C 315 6.22 -3.94 39.67
N TYR C 316 6.18 -3.61 38.37
CA TYR C 316 7.24 -2.86 37.73
C TYR C 316 6.94 -1.40 37.42
N LEU C 317 5.67 -1.06 37.15
CA LEU C 317 5.36 0.34 36.87
C LEU C 317 5.95 1.32 37.89
N PRO C 318 5.83 1.02 39.21
CA PRO C 318 6.39 1.99 40.20
C PRO C 318 7.86 2.35 39.91
N PHE C 319 8.69 1.36 39.53
CA PHE C 319 10.10 1.67 39.20
C PHE C 319 10.33 2.46 37.90
N CYS C 320 9.47 2.20 36.93
CA CYS C 320 9.48 2.99 35.70
C CYS C 320 9.12 4.44 35.99
N GLY C 321 8.02 4.64 36.74
CA GLY C 321 7.63 5.99 37.18
C GLY C 321 8.75 6.66 37.99
N LEU C 322 9.32 5.93 38.95
CA LEU C 322 10.31 6.53 39.83
C LEU C 322 11.49 7.05 39.01
N ALA C 323 11.90 6.29 37.99
CA ALA C 323 12.98 6.73 37.11
C ALA C 323 12.71 8.08 36.48
N VAL C 324 11.48 8.29 36.05
CA VAL C 324 11.08 9.57 35.47
C VAL C 324 11.11 10.67 36.52
N ILE C 325 10.59 10.39 37.73
CA ILE C 325 10.59 11.36 38.84
C ILE C 325 12.04 11.76 39.12
N GLU C 326 12.94 10.76 39.17
CA GLU C 326 14.37 11.03 39.48
C GLU C 326 15.00 11.94 38.44
N GLU C 327 14.59 11.82 37.19
CA GLU C 327 15.18 12.68 36.16
C GLU C 327 14.67 14.12 36.32
N LEU C 328 13.47 14.27 36.85
CA LEU C 328 12.96 15.59 37.21
C LEU C 328 13.69 16.18 38.39
N THR C 329 13.89 15.40 39.45
CA THR C 329 14.45 15.97 40.68
C THR C 329 15.97 16.12 40.59
N GLY C 330 16.59 15.28 39.75
CA GLY C 330 18.03 15.13 39.71
C GLY C 330 18.64 14.39 40.89
N VAL C 331 17.81 13.68 41.67
CA VAL C 331 18.30 12.93 42.81
C VAL C 331 18.02 11.47 42.51
N ARG C 332 19.11 10.70 42.36
CA ARG C 332 18.99 9.32 41.88
C ARG C 332 19.48 8.38 42.94
N SER C 333 18.54 7.83 43.70
CA SER C 333 18.81 7.23 45.01
C SER C 333 18.29 5.80 45.20
N LEU C 334 17.68 5.21 44.19
CA LEU C 334 17.30 3.83 44.30
C LEU C 334 17.54 3.08 42.99
N PRO C 335 18.08 1.84 43.04
CA PRO C 335 18.21 1.05 41.82
C PRO C 335 16.85 0.53 41.37
N ASP C 336 16.77 0.20 40.09
CA ASP C 336 15.71 -0.65 39.59
C ASP C 336 16.06 -2.07 39.97
N PRO C 337 15.30 -2.66 40.91
CA PRO C 337 15.72 -3.99 41.40
C PRO C 337 15.48 -5.10 40.36
N TYR C 338 14.79 -4.76 39.27
CA TYR C 338 14.57 -5.72 38.16
C TYR C 338 15.60 -5.57 37.05
N HIS C 339 16.53 -4.63 37.21
CA HIS C 339 17.37 -4.22 36.09
C HIS C 339 18.06 -5.37 35.40
N GLU C 340 18.76 -6.19 36.18
CA GLU C 340 19.51 -7.30 35.58
C GLU C 340 18.61 -8.43 35.10
N PHE C 341 17.54 -8.69 35.83
CA PHE C 341 16.55 -9.67 35.39
C PHE C 341 16.01 -9.37 33.99
N LEU C 342 15.75 -8.09 33.72
CA LEU C 342 15.17 -7.68 32.43
C LEU C 342 16.22 -7.39 31.35
N ALA C 343 17.41 -7.00 31.75
CA ALA C 343 18.33 -6.43 30.75
C ALA C 343 18.89 -7.42 29.75
N GLY C 344 18.87 -8.71 30.08
CA GLY C 344 19.32 -9.72 29.12
C GLY C 344 18.22 -10.18 28.19
N MET C 345 16.99 -9.76 28.47
CA MET C 345 15.87 -10.16 27.61
C MET C 345 15.87 -9.56 26.22
N GLY C 346 16.61 -8.47 25.99
CA GLY C 346 16.63 -7.85 24.68
C GLY C 346 15.85 -6.55 24.62
N GLY C 347 15.63 -6.06 23.41
CA GLY C 347 14.97 -4.78 23.23
C GLY C 347 16.01 -3.70 23.01
N ASN C 348 17.27 -4.00 23.31
CA ASN C 348 18.33 -3.00 23.32
C ASN C 348 19.11 -2.84 22.02
N THR C 349 18.72 -3.56 20.98
CA THR C 349 19.34 -3.46 19.67
C THR C 349 18.26 -2.97 18.70
N LEU C 350 18.58 -1.95 17.93
CA LEU C 350 17.61 -1.42 16.96
C LEU C 350 17.47 -2.41 15.81
N LEU C 351 16.32 -3.08 15.75
CA LEU C 351 16.09 -4.07 14.69
C LEU C 351 15.72 -3.41 13.38
N ASP C 352 16.03 -4.08 12.26
CA ASP C 352 15.73 -3.48 10.96
C ASP C 352 14.27 -3.06 10.82
N ALA C 353 13.35 -3.90 11.30
CA ALA C 353 11.92 -3.60 11.13
C ALA C 353 11.54 -2.40 11.98
N GLU C 354 12.22 -2.26 13.11
CA GLU C 354 11.97 -1.12 14.01
C GLU C 354 12.51 0.16 13.37
N ARG C 355 13.77 0.10 12.91
CA ARG C 355 14.34 1.21 12.13
C ARG C 355 13.44 1.64 10.97
N ALA C 356 12.95 0.68 10.19
CA ALA C 356 12.09 1.01 9.04
C ALA C 356 10.79 1.68 9.45
N ALA C 357 10.18 1.23 10.55
CA ALA C 357 8.90 1.82 10.97
C ALA C 357 9.10 3.28 11.32
N ILE C 358 10.20 3.57 12.00
CA ILE C 358 10.51 4.93 12.40
C ILE C 358 10.88 5.79 11.17
N GLU C 359 11.64 5.23 10.22
CA GLU C 359 12.04 5.98 9.01
C GLU C 359 10.85 6.45 8.18
N GLU C 360 9.75 5.72 8.26
CA GLU C 360 8.50 6.10 7.57
C GLU C 360 7.99 7.46 8.01
N ILE C 361 8.36 7.86 9.22
CA ILE C 361 7.82 9.10 9.79
C ILE C 361 8.72 10.32 9.52
N VAL C 362 9.99 10.07 9.25
CA VAL C 362 10.97 11.14 9.08
C VAL C 362 10.60 12.18 8.00
N PRO C 363 10.01 11.76 6.86
CA PRO C 363 9.60 12.77 5.86
C PRO C 363 8.49 13.71 6.34
N LEU C 364 7.69 13.27 7.30
CA LEU C 364 6.61 14.11 7.83
C LEU C 364 7.12 15.34 8.58
N LEU C 365 8.36 15.28 9.04
CA LEU C 365 9.00 16.40 9.74
C LEU C 365 9.02 17.67 8.89
N ALA C 366 9.17 17.50 7.57
CA ALA C 366 9.32 18.65 6.67
C ALA C 366 8.12 19.59 6.67
N ASP C 367 6.97 19.09 7.11
CA ASP C 367 5.73 19.86 7.06
C ASP C 367 5.36 20.58 8.36
N ILE C 368 6.24 20.51 9.35
CA ILE C 368 6.01 21.23 10.59
C ILE C 368 6.52 22.63 10.34
N ALA D 2 -16.27 15.89 2.86
CA ALA D 2 -16.53 14.65 2.06
C ALA D 2 -16.48 14.90 0.56
N ILE D 3 -15.96 13.91 -0.16
CA ILE D 3 -15.69 13.99 -1.61
C ILE D 3 -16.58 12.93 -2.25
N GLY D 4 -17.54 13.37 -3.06
CA GLY D 4 -18.51 12.49 -3.70
C GLY D 4 -17.90 11.86 -4.94
N TYR D 5 -18.39 10.68 -5.27
CA TYR D 5 -17.88 9.93 -6.41
C TYR D 5 -19.02 9.14 -7.00
N VAL D 6 -19.28 9.35 -8.31
CA VAL D 6 -20.37 8.66 -9.00
C VAL D 6 -19.82 7.67 -10.04
N TRP D 7 -20.21 6.42 -9.88
CA TRP D 7 -20.06 5.44 -10.95
C TRP D 7 -21.27 4.52 -10.94
N ASN D 8 -21.85 4.29 -12.11
CA ASN D 8 -22.98 3.39 -12.26
C ASN D 8 -22.53 2.29 -13.22
N THR D 9 -22.87 1.04 -12.91
CA THR D 9 -22.45 -0.08 -13.74
C THR D 9 -22.73 0.12 -15.23
N LEU D 10 -23.90 0.71 -15.51
CA LEU D 10 -24.32 0.90 -16.91
C LEU D 10 -23.46 1.85 -17.72
N TYR D 11 -22.72 2.73 -17.03
CA TYR D 11 -21.76 3.57 -17.75
C TYR D 11 -20.76 2.68 -18.51
N GLY D 12 -20.51 1.49 -17.95
CA GLY D 12 -19.58 0.53 -18.55
C GLY D 12 -20.20 -0.33 -19.62
N TRP D 13 -21.52 -0.21 -19.80
CA TRP D 13 -22.28 -1.03 -20.77
C TRP D 13 -22.76 -0.31 -22.05
N VAL D 14 -22.31 0.93 -22.23
CA VAL D 14 -22.60 1.67 -23.47
C VAL D 14 -22.10 0.83 -24.64
N ASP D 15 -22.99 0.55 -25.58
CA ASP D 15 -22.62 -0.28 -26.74
C ASP D 15 -22.08 0.58 -27.84
N THR D 16 -20.76 0.53 -28.04
CA THR D 16 -20.09 1.36 -29.06
C THR D 16 -19.97 0.61 -30.39
N GLY D 17 -20.58 -0.58 -30.47
CA GLY D 17 -20.70 -1.30 -31.76
C GLY D 17 -19.46 -2.07 -32.14
N THR D 18 -19.27 -2.29 -33.45
CA THR D 18 -18.14 -3.10 -33.94
C THR D 18 -17.16 -2.36 -34.84
N GLY D 19 -17.39 -1.05 -34.99
CA GLY D 19 -16.53 -0.19 -35.78
C GLY D 19 -15.45 0.47 -34.92
N SER D 20 -14.57 1.23 -35.58
CA SER D 20 -13.45 1.92 -34.92
C SER D 20 -13.85 3.33 -34.45
N LEU D 21 -14.73 3.96 -35.23
CA LEU D 21 -15.09 5.37 -35.01
C LEU D 21 -16.45 5.54 -35.66
N ALA D 22 -16.51 5.47 -36.99
CA ALA D 22 -17.73 5.17 -37.68
C ALA D 22 -17.90 3.67 -37.58
N ALA D 23 -19.07 3.21 -38.00
CA ALA D 23 -19.35 1.79 -38.04
C ALA D 23 -18.34 1.06 -38.96
N ALA D 24 -18.14 -0.22 -38.69
CA ALA D 24 -17.48 -1.11 -39.65
C ALA D 24 -18.24 -1.01 -40.99
N ASN D 25 -17.50 -1.13 -42.08
CA ASN D 25 -18.11 -0.97 -43.40
C ASN D 25 -17.34 -1.82 -44.39
N LEU D 26 -18.01 -2.83 -44.95
CA LEU D 26 -17.31 -3.80 -45.78
C LEU D 26 -16.86 -3.19 -47.11
N THR D 27 -17.69 -2.36 -47.74
CA THR D 27 -17.21 -1.72 -49.01
C THR D 27 -15.98 -0.81 -48.83
N ALA D 28 -15.95 -0.08 -47.70
CA ALA D 28 -14.80 0.76 -47.35
C ALA D 28 -13.61 -0.09 -46.86
N ARG D 29 -13.89 -1.36 -46.60
CA ARG D 29 -12.92 -2.32 -46.04
C ARG D 29 -12.40 -1.86 -44.67
N MET D 30 -13.32 -1.30 -43.87
CA MET D 30 -13.10 -1.05 -42.46
C MET D 30 -13.47 -2.31 -41.69
N GLN D 31 -12.46 -3.05 -41.28
CA GLN D 31 -12.66 -4.35 -40.65
C GLN D 31 -13.27 -4.15 -39.27
N PRO D 32 -14.25 -5.01 -38.89
CA PRO D 32 -14.75 -4.93 -37.51
C PRO D 32 -13.63 -5.07 -36.48
N ILE D 33 -13.84 -4.45 -35.31
CA ILE D 33 -12.88 -4.55 -34.22
C ILE D 33 -13.61 -4.68 -32.88
N SER D 34 -12.99 -5.31 -31.89
CA SER D 34 -13.70 -5.52 -30.61
C SER D 34 -13.89 -4.18 -29.88
N HIS D 35 -12.86 -3.35 -29.89
CA HIS D 35 -12.90 -2.11 -29.14
C HIS D 35 -12.92 -0.89 -30.03
N HIS D 36 -14.10 -0.32 -30.19
CA HIS D 36 -14.27 1.03 -30.76
C HIS D 36 -13.37 1.99 -29.99
N LEU D 37 -12.84 3.04 -30.65
CA LEU D 37 -12.02 4.03 -29.93
C LEU D 37 -12.69 4.49 -28.62
N ALA D 38 -14.01 4.66 -28.64
CA ALA D 38 -14.73 5.20 -27.47
C ALA D 38 -15.28 4.11 -26.54
N HIS D 39 -14.80 2.88 -26.72
CA HIS D 39 -15.31 1.74 -25.92
C HIS D 39 -15.34 2.08 -24.42
N PRO D 40 -16.43 1.67 -23.72
CA PRO D 40 -16.50 2.01 -22.27
C PRO D 40 -15.43 1.42 -21.35
N ASP D 41 -14.65 0.44 -21.80
CA ASP D 41 -13.59 -0.11 -20.90
C ASP D 41 -12.57 0.93 -20.44
N THR D 42 -12.29 1.93 -21.26
CA THR D 42 -11.35 2.98 -20.84
C THR D 42 -11.80 3.61 -19.54
N LYS D 43 -13.06 4.06 -19.51
CA LYS D 43 -13.58 4.69 -18.28
C LYS D 43 -13.82 3.68 -17.15
N ARG D 44 -14.23 2.47 -17.52
CA ARG D 44 -14.37 1.39 -16.51
C ARG D 44 -13.05 1.15 -15.81
N ARG D 45 -11.96 1.16 -16.56
CA ARG D 45 -10.62 0.90 -16.00
C ARG D 45 -10.21 2.01 -15.01
N PHE D 46 -10.61 3.25 -15.29
CA PHE D 46 -10.45 4.36 -14.35
C PHE D 46 -11.25 4.02 -13.06
N HIS D 47 -12.53 3.68 -13.17
CA HIS D 47 -13.29 3.27 -11.99
C HIS D 47 -12.60 2.14 -11.19
N GLU D 48 -12.17 1.10 -11.89
CA GLU D 48 -11.61 -0.05 -11.19
C GLU D 48 -10.31 0.33 -10.52
N LEU D 49 -9.60 1.29 -11.10
CA LEU D 49 -8.35 1.74 -10.47
C LEU D 49 -8.67 2.59 -9.23
N VAL D 50 -9.73 3.40 -9.30
CA VAL D 50 -10.18 4.14 -8.11
C VAL D 50 -10.45 3.19 -6.94
N CYS D 51 -11.07 2.05 -7.24
CA CYS D 51 -11.32 1.03 -6.21
C CYS D 51 -10.06 0.26 -5.82
N ALA D 52 -9.36 -0.28 -6.81
CA ALA D 52 -8.21 -1.14 -6.51
C ALA D 52 -7.08 -0.39 -5.80
N SER D 53 -6.94 0.91 -6.07
CA SER D 53 -5.88 1.75 -5.46
C SER D 53 -6.20 2.07 -3.99
N GLY D 54 -7.45 1.81 -3.59
CA GLY D 54 -7.96 2.20 -2.27
C GLY D 54 -8.49 3.61 -2.20
N GLN D 55 -8.50 4.35 -3.31
CA GLN D 55 -9.05 5.70 -3.25
C GLN D 55 -10.52 5.67 -2.86
N ILE D 56 -11.24 4.63 -3.27
CA ILE D 56 -12.67 4.53 -3.01
C ILE D 56 -12.97 4.66 -1.50
N GLU D 57 -11.99 4.26 -0.68
CA GLU D 57 -12.17 4.28 0.77
C GLU D 57 -12.26 5.68 1.31
N HIS D 58 -11.77 6.63 0.51
CA HIS D 58 -11.65 8.03 0.91
C HIS D 58 -12.72 8.86 0.24
N LEU D 59 -13.59 8.15 -0.48
CA LEU D 59 -14.65 8.79 -1.25
C LEU D 59 -16.02 8.42 -0.70
N THR D 60 -16.99 9.31 -0.88
CA THR D 60 -18.37 9.03 -0.56
C THR D 60 -19.12 8.60 -1.84
N PRO D 61 -19.47 7.31 -1.97
CA PRO D 61 -20.18 6.93 -3.19
C PRO D 61 -21.55 7.59 -3.25
N ILE D 62 -21.85 8.16 -4.42
CA ILE D 62 -23.11 8.84 -4.66
C ILE D 62 -23.82 8.16 -5.81
N ALA D 63 -25.03 7.66 -5.57
CA ALA D 63 -25.78 6.98 -6.63
C ALA D 63 -26.21 7.98 -7.67
N ALA D 64 -26.07 7.62 -8.93
CA ALA D 64 -26.67 8.40 -10.00
C ALA D 64 -28.21 8.30 -9.90
N VAL D 65 -28.88 9.38 -10.26
CA VAL D 65 -30.33 9.40 -10.33
C VAL D 65 -30.67 9.84 -11.74
N ALA D 66 -31.55 9.11 -12.42
CA ALA D 66 -31.92 9.42 -13.79
C ALA D 66 -32.36 10.87 -13.94
N ALA D 67 -31.71 11.58 -14.85
CA ALA D 67 -32.09 12.95 -15.19
C ALA D 67 -33.51 12.90 -15.72
N THR D 68 -34.38 13.79 -15.22
CA THR D 68 -35.76 13.82 -15.69
C THR D 68 -35.83 14.65 -16.98
N ASP D 69 -37.03 14.66 -17.57
CA ASP D 69 -37.28 15.50 -18.74
C ASP D 69 -37.05 16.96 -18.39
N ALA D 70 -37.57 17.39 -17.23
CA ALA D 70 -37.36 18.76 -16.76
C ALA D 70 -35.89 19.08 -16.71
N ASP D 71 -35.10 18.15 -16.14
CA ASP D 71 -33.65 18.30 -16.04
C ASP D 71 -32.99 18.56 -17.40
N ILE D 72 -33.30 17.69 -18.34
CA ILE D 72 -32.72 17.72 -19.68
C ILE D 72 -33.14 19.00 -20.42
N LEU D 73 -34.38 19.42 -20.23
CA LEU D 73 -34.91 20.63 -20.91
C LEU D 73 -34.28 21.94 -20.43
N ARG D 74 -33.51 21.91 -19.34
CA ARG D 74 -32.80 23.12 -18.92
C ARG D 74 -31.58 23.36 -19.80
N ALA D 75 -31.19 22.34 -20.56
CA ALA D 75 -30.01 22.46 -21.42
C ALA D 75 -30.33 22.21 -22.89
N HIS D 76 -31.41 21.47 -23.15
CA HIS D 76 -31.76 21.03 -24.50
C HIS D 76 -33.18 21.36 -24.92
N SER D 77 -33.41 21.32 -26.24
CA SER D 77 -34.76 21.58 -26.76
C SER D 77 -35.70 20.41 -26.53
N ALA D 78 -37.01 20.69 -26.54
CA ALA D 78 -37.99 19.64 -26.46
C ALA D 78 -37.79 18.67 -27.62
N ALA D 79 -37.51 19.20 -28.81
CA ALA D 79 -37.31 18.39 -30.00
C ALA D 79 -36.14 17.41 -29.87
N HIS D 80 -35.05 17.84 -29.22
CA HIS D 80 -33.92 16.95 -29.02
C HIS D 80 -34.27 15.81 -28.07
N LEU D 81 -34.87 16.15 -26.93
CA LEU D 81 -35.31 15.14 -25.96
C LEU D 81 -36.26 14.13 -26.62
N GLU D 82 -37.24 14.63 -27.36
CA GLU D 82 -38.20 13.77 -28.05
C GLU D 82 -37.51 12.86 -29.08
N ASN D 83 -36.50 13.38 -29.78
CA ASN D 83 -35.71 12.60 -30.74
C ASN D 83 -34.87 11.50 -30.11
N MET D 84 -34.25 11.80 -28.97
CA MET D 84 -33.55 10.77 -28.18
C MET D 84 -34.50 9.66 -27.68
N LYS D 85 -35.68 10.04 -27.20
CA LYS D 85 -36.73 9.05 -26.84
C LYS D 85 -37.11 8.20 -28.05
N ARG D 86 -37.34 8.86 -29.19
CA ARG D 86 -37.63 8.17 -30.44
C ARG D 86 -36.56 7.11 -30.77
N VAL D 87 -35.29 7.51 -30.76
CA VAL D 87 -34.19 6.64 -31.21
C VAL D 87 -33.97 5.48 -30.23
N SER D 88 -34.01 5.79 -28.93
CA SER D 88 -33.91 4.77 -27.89
C SER D 88 -35.09 3.77 -27.92
N ASN D 89 -36.24 4.21 -28.44
CA ASN D 89 -37.41 3.30 -28.49
C ASN D 89 -37.41 2.40 -29.71
N LEU D 90 -36.54 2.71 -30.67
CA LEU D 90 -36.41 1.90 -31.89
C LEU D 90 -35.93 0.52 -31.46
N PRO D 91 -36.41 -0.56 -32.15
CA PRO D 91 -36.18 -1.91 -31.63
C PRO D 91 -34.70 -2.23 -31.39
N THR D 92 -33.81 -1.64 -32.20
CA THR D 92 -32.38 -1.85 -32.01
C THR D 92 -31.58 -0.53 -31.97
N GLY D 93 -32.30 0.33 -31.62
CA GLY D 93 -31.64 1.65 -31.55
C GLY D 93 -31.27 2.18 -32.94
N GLY D 94 -30.78 3.42 -32.91
CA GLY D 94 -30.35 4.08 -34.14
C GLY D 94 -29.28 5.15 -33.90
N ASP D 95 -28.92 5.44 -34.72
CA ASP D 95 -28.22 6.71 -35.01
C ASP D 95 -28.97 7.97 -34.57
N THR D 96 -28.26 8.84 -33.86
CA THR D 96 -28.88 9.98 -33.21
C THR D 96 -28.98 11.20 -34.15
N GLY D 97 -28.32 11.12 -35.30
CA GLY D 97 -28.42 12.15 -36.34
C GLY D 97 -27.12 12.41 -37.10
N ASP D 98 -25.99 12.27 -36.43
CA ASP D 98 -24.72 12.64 -37.05
C ASP D 98 -24.04 11.49 -37.78
N GLY D 99 -24.71 10.33 -37.85
CA GLY D 99 -24.16 9.15 -38.53
C GLY D 99 -23.10 8.38 -37.75
N ILE D 100 -22.67 8.92 -36.61
CA ILE D 100 -21.62 8.29 -35.80
C ILE D 100 -22.08 8.01 -34.36
N THR D 101 -22.94 8.89 -33.84
CA THR D 101 -23.34 8.79 -32.44
C THR D 101 -24.58 7.92 -32.32
N MET D 102 -24.39 6.80 -31.67
CA MET D 102 -25.42 5.78 -31.59
C MET D 102 -26.05 5.70 -30.20
N MET D 103 -27.27 5.21 -30.16
CA MET D 103 -27.83 4.70 -28.93
C MET D 103 -28.46 3.36 -29.21
N GLY D 104 -28.16 2.39 -28.35
CA GLY D 104 -28.90 1.12 -28.36
C GLY D 104 -30.35 1.31 -27.93
N ASN D 105 -31.16 0.27 -28.14
CA ASN D 105 -32.50 0.23 -27.62
C ASN D 105 -32.45 0.39 -26.10
N GLY D 106 -33.17 1.38 -25.60
CA GLY D 106 -33.13 1.67 -24.16
C GLY D 106 -31.88 2.40 -23.74
N GLY D 107 -31.04 2.85 -24.69
CA GLY D 107 -29.78 3.55 -24.36
C GLY D 107 -30.02 4.87 -23.66
N LEU D 108 -31.24 5.40 -23.80
CA LEU D 108 -31.64 6.63 -23.12
C LEU D 108 -31.46 6.45 -21.62
N GLU D 109 -31.70 5.22 -21.13
CA GLU D 109 -31.50 4.96 -19.68
C GLU D 109 -30.10 5.37 -19.21
N ILE D 110 -29.08 4.97 -19.97
CA ILE D 110 -27.72 5.31 -19.63
C ILE D 110 -27.47 6.80 -19.83
N ALA D 111 -28.02 7.37 -20.91
CA ALA D 111 -27.89 8.80 -21.13
C ALA D 111 -28.48 9.62 -19.96
N ARG D 112 -29.65 9.20 -19.47
CA ARG D 112 -30.27 9.87 -18.30
C ARG D 112 -29.44 9.67 -17.04
N LEU D 113 -28.85 8.49 -16.86
CA LEU D 113 -28.00 8.24 -15.67
C LEU D 113 -26.67 9.00 -15.73
N SER D 114 -26.18 9.24 -16.94
CA SER D 114 -24.94 9.96 -17.08
C SER D 114 -25.18 11.43 -16.68
N ALA D 115 -26.18 12.05 -17.29
CA ALA D 115 -26.49 13.44 -16.93
C ALA D 115 -26.92 13.54 -15.46
N GLY D 116 -27.75 12.59 -15.02
CA GLY D 116 -28.25 12.54 -13.64
C GLY D 116 -27.19 12.36 -12.56
N GLY D 117 -26.09 11.68 -12.91
CA GLY D 117 -24.93 11.56 -12.02
C GLY D 117 -24.26 12.92 -11.78
N ALA D 118 -24.16 13.70 -12.85
CA ALA D 118 -23.67 15.06 -12.74
C ALA D 118 -24.58 15.92 -11.87
N VAL D 119 -25.88 15.84 -12.12
CA VAL D 119 -26.85 16.61 -11.34
C VAL D 119 -26.85 16.22 -9.86
N GLU D 120 -26.88 14.92 -9.57
CA GLU D 120 -26.91 14.47 -8.17
C GLU D 120 -25.69 14.91 -7.37
N LEU D 121 -24.52 14.80 -7.99
CA LEU D 121 -23.31 15.22 -7.34
C LEU D 121 -23.39 16.72 -7.07
N THR D 122 -23.84 17.49 -8.08
CA THR D 122 -23.95 18.94 -7.99
C THR D 122 -24.90 19.33 -6.87
N ARG D 123 -26.07 18.69 -6.83
CA ARG D 123 -27.03 18.88 -5.73
C ARG D 123 -26.41 18.68 -4.34
N ARG D 124 -25.69 17.57 -4.16
CA ARG D 124 -25.11 17.22 -2.85
C ARG D 124 -23.87 18.03 -2.47
N VAL D 125 -23.19 18.60 -3.45
CA VAL D 125 -22.12 19.55 -3.15
C VAL D 125 -22.75 20.86 -2.66
N ALA D 126 -23.82 21.28 -3.31
CA ALA D 126 -24.45 22.56 -2.97
C ALA D 126 -25.18 22.59 -1.63
N THR D 127 -25.75 21.46 -1.19
CA THR D 127 -26.38 21.41 0.13
C THR D 127 -25.36 21.65 1.22
N GLY D 128 -24.10 21.40 0.87
CA GLY D 128 -23.01 21.38 1.83
C GLY D 128 -22.70 19.99 2.34
N GLU D 129 -23.47 19.00 1.89
CA GLU D 129 -23.23 17.61 2.28
C GLU D 129 -21.83 17.16 1.86
N LEU D 130 -21.46 17.48 0.61
CA LEU D 130 -20.11 17.20 0.10
C LEU D 130 -19.37 18.51 -0.17
N SER D 131 -18.05 18.49 -0.06
CA SER D 131 -17.23 19.65 -0.40
C SER D 131 -16.98 19.72 -1.90
N ALA D 132 -16.95 18.55 -2.55
CA ALA D 132 -16.58 18.46 -3.96
C ALA D 132 -16.82 17.04 -4.43
N GLY D 133 -16.59 16.77 -5.72
CA GLY D 133 -16.67 15.38 -6.16
C GLY D 133 -16.32 15.15 -7.62
N TYR D 134 -16.28 13.88 -7.99
CA TYR D 134 -15.97 13.47 -9.36
C TYR D 134 -17.08 12.54 -9.83
N ALA D 135 -17.77 12.91 -10.92
CA ALA D 135 -18.78 12.07 -11.49
C ALA D 135 -18.18 11.39 -12.71
N LEU D 136 -17.86 10.09 -12.57
CA LEU D 136 -17.19 9.37 -13.66
C LEU D 136 -18.30 8.79 -14.59
N VAL D 137 -18.91 9.69 -15.36
CA VAL D 137 -20.05 9.37 -16.17
C VAL D 137 -19.64 8.92 -17.59
N ASN D 138 -20.59 8.28 -18.26
CA ASN D 138 -20.46 7.84 -19.65
C ASN D 138 -21.88 7.54 -20.10
N PRO D 139 -22.33 8.05 -21.26
CA PRO D 139 -21.62 8.79 -22.29
C PRO D 139 -21.27 10.22 -21.93
N PRO D 140 -20.28 10.79 -22.63
CA PRO D 140 -19.80 12.15 -22.38
C PRO D 140 -20.82 13.20 -22.88
N GLY D 141 -20.52 14.47 -22.63
CA GLY D 141 -21.53 15.49 -22.95
C GLY D 141 -21.18 16.69 -23.82
N HIS D 142 -19.92 17.13 -23.83
CA HIS D 142 -19.63 18.54 -24.22
C HIS D 142 -19.88 18.90 -25.70
N HIS D 143 -20.00 17.89 -26.58
CA HIS D 143 -20.30 18.21 -27.99
C HIS D 143 -21.78 18.42 -28.29
N ALA D 144 -22.67 17.95 -27.42
CA ALA D 144 -24.10 18.05 -27.67
C ALA D 144 -24.57 19.47 -27.45
N PRO D 145 -25.06 20.14 -28.52
CA PRO D 145 -25.59 21.49 -28.39
C PRO D 145 -27.05 21.47 -27.98
N HIS D 146 -27.66 22.64 -27.94
CA HIS D 146 -29.03 22.70 -27.46
C HIS D 146 -29.97 21.71 -28.17
N ASN D 147 -29.79 21.54 -29.47
CA ASN D 147 -30.77 20.82 -30.29
C ASN D 147 -30.22 19.59 -31.02
N ALA D 148 -29.12 19.02 -30.54
CA ALA D 148 -28.60 17.79 -31.15
C ALA D 148 -27.74 16.93 -30.22
N ALA D 149 -27.61 15.67 -30.60
CA ALA D 149 -26.50 14.81 -30.17
C ALA D 149 -25.34 14.91 -31.15
N MET D 150 -24.12 14.78 -30.63
CA MET D 150 -22.91 14.92 -31.45
C MET D 150 -21.68 14.37 -30.75
N GLY D 151 -20.76 13.80 -31.53
CA GLY D 151 -19.41 13.41 -31.08
C GLY D 151 -19.42 12.52 -29.84
N PHE D 152 -20.26 11.49 -29.89
CA PHE D 152 -20.38 10.46 -28.82
C PHE D 152 -21.25 10.98 -27.65
N CYS D 153 -21.79 12.20 -27.76
CA CYS D 153 -22.53 12.85 -26.67
C CYS D 153 -24.04 12.91 -26.99
N ILE D 154 -24.84 12.38 -26.07
CA ILE D 154 -26.30 12.40 -26.21
C ILE D 154 -26.88 13.67 -25.57
N PHE D 155 -26.53 13.88 -24.30
CA PHE D 155 -26.87 15.12 -23.60
C PHE D 155 -25.64 15.77 -23.02
N ASN D 156 -25.71 17.10 -22.92
CA ASN D 156 -24.63 17.88 -22.40
C ASN D 156 -24.68 17.84 -20.87
N ASN D 157 -24.04 16.82 -20.33
CA ASN D 157 -24.06 16.56 -18.88
C ASN D 157 -23.75 17.77 -18.02
N THR D 158 -22.65 18.47 -18.32
CA THR D 158 -22.24 19.59 -17.47
C THR D 158 -23.25 20.74 -17.61
N SER D 159 -23.86 20.88 -18.79
CA SER D 159 -24.89 21.93 -18.99
C SER D 159 -26.19 21.58 -18.30
N VAL D 160 -26.53 20.30 -18.27
CA VAL D 160 -27.69 19.85 -17.51
C VAL D 160 -27.47 20.17 -16.03
N ALA D 161 -26.26 19.87 -15.52
CA ALA D 161 -25.88 20.18 -14.13
C ALA D 161 -25.90 21.69 -13.85
N ALA D 162 -25.35 22.48 -14.78
CA ALA D 162 -25.31 23.93 -14.58
C ALA D 162 -26.70 24.51 -14.55
N GLY D 163 -27.55 24.03 -15.46
CA GLY D 163 -28.96 24.45 -15.53
C GLY D 163 -29.70 24.16 -14.25
N TYR D 164 -29.42 22.99 -13.68
CA TYR D 164 -29.94 22.64 -12.37
C TYR D 164 -29.48 23.63 -11.30
N ALA D 165 -28.18 23.91 -11.28
CA ALA D 165 -27.60 24.80 -10.28
C ALA D 165 -28.24 26.19 -10.35
N ARG D 166 -28.57 26.60 -11.59
CA ARG D 166 -29.14 27.93 -11.85
C ARG D 166 -30.61 27.99 -11.42
N ALA D 167 -31.42 27.06 -11.96
CA ALA D 167 -32.88 27.09 -11.81
C ALA D 167 -33.41 26.51 -10.49
N VAL D 168 -32.76 25.45 -10.00
CA VAL D 168 -33.22 24.78 -8.81
C VAL D 168 -32.46 25.23 -7.58
N LEU D 169 -31.14 25.34 -7.69
CA LEU D 169 -30.32 25.77 -6.56
C LEU D 169 -30.18 27.29 -6.42
N GLY D 170 -30.71 28.05 -7.38
CA GLY D 170 -30.72 29.51 -7.33
C GLY D 170 -29.37 30.23 -7.43
N MET D 171 -28.36 29.52 -7.93
CA MET D 171 -27.06 30.12 -8.19
C MET D 171 -27.18 31.08 -9.37
N GLU D 172 -26.63 32.28 -9.21
CA GLU D 172 -26.69 33.32 -10.23
C GLU D 172 -25.64 33.13 -11.32
N ARG D 173 -24.52 32.48 -10.97
CA ARG D 173 -23.40 32.30 -11.89
C ARG D 173 -22.76 30.93 -11.69
N VAL D 174 -22.49 30.23 -12.80
CA VAL D 174 -21.81 28.94 -12.79
C VAL D 174 -20.71 29.00 -13.86
N ALA D 175 -19.56 28.36 -13.62
CA ALA D 175 -18.53 28.30 -14.67
C ALA D 175 -18.35 26.86 -15.08
N ILE D 176 -18.26 26.62 -16.38
CA ILE D 176 -17.91 25.28 -16.88
C ILE D 176 -16.55 25.37 -17.54
N LEU D 177 -15.55 24.72 -16.92
CA LEU D 177 -14.17 24.66 -17.44
C LEU D 177 -13.95 23.30 -18.08
N ASP D 178 -13.72 23.32 -19.39
CA ASP D 178 -13.68 22.08 -20.16
C ASP D 178 -12.24 21.82 -20.64
N TRP D 179 -11.58 20.82 -20.09
CA TRP D 179 -10.19 20.57 -20.51
C TRP D 179 -10.08 19.25 -21.29
N ASP D 180 -11.22 18.68 -21.67
CA ASP D 180 -11.20 17.64 -22.72
C ASP D 180 -10.45 18.30 -23.89
N VAL D 181 -9.59 17.54 -24.58
CA VAL D 181 -8.72 18.08 -25.63
C VAL D 181 -9.49 18.63 -26.84
N HIS D 182 -10.76 18.28 -26.97
CA HIS D 182 -11.60 18.71 -28.09
C HIS D 182 -12.42 19.92 -27.67
N HIS D 183 -12.84 20.69 -28.66
CA HIS D 183 -13.62 21.88 -28.35
C HIS D 183 -15.02 21.54 -27.84
N GLY D 184 -15.37 22.12 -26.68
CA GLY D 184 -16.74 21.96 -26.13
C GLY D 184 -17.76 22.81 -26.87
N ASN D 185 -17.95 22.52 -28.16
CA ASN D 185 -18.91 23.30 -28.99
C ASN D 185 -20.36 23.23 -28.52
N GLY D 186 -20.75 22.11 -27.88
CA GLY D 186 -22.13 22.00 -27.43
C GLY D 186 -22.39 22.95 -26.26
N THR D 187 -21.48 22.93 -25.30
CA THR D 187 -21.57 23.79 -24.11
C THR D 187 -21.55 25.25 -24.54
N GLN D 188 -20.61 25.57 -25.43
CA GLN D 188 -20.55 26.91 -26.01
C GLN D 188 -21.89 27.31 -26.64
N ASP D 189 -22.48 26.41 -27.42
CA ASP D 189 -23.77 26.66 -28.05
C ASP D 189 -24.86 26.92 -27.02
N ILE D 190 -24.95 26.08 -25.99
CA ILE D 190 -26.10 26.14 -25.09
C ILE D 190 -26.13 27.48 -24.36
N TRP D 191 -24.94 27.93 -23.95
CA TRP D 191 -24.89 29.13 -23.11
C TRP D 191 -24.42 30.38 -23.87
N TRP D 192 -24.47 30.31 -25.20
CA TRP D 192 -23.99 31.39 -26.09
C TRP D 192 -24.50 32.77 -25.72
N ASN D 193 -25.81 32.88 -25.51
CA ASN D 193 -26.46 34.18 -25.26
C ASN D 193 -26.59 34.54 -23.79
N ASP D 194 -25.94 33.76 -22.91
CA ASP D 194 -26.25 33.77 -21.47
C ASP D 194 -25.04 34.06 -20.57
N PRO D 195 -24.98 35.23 -19.94
CA PRO D 195 -23.81 35.55 -19.14
C PRO D 195 -23.82 34.82 -17.79
N SER D 196 -24.91 34.14 -17.44
CA SER D 196 -24.98 33.44 -16.15
C SER D 196 -24.24 32.09 -16.11
N VAL D 197 -23.75 31.62 -17.25
CA VAL D 197 -22.85 30.46 -17.30
C VAL D 197 -21.64 30.85 -18.14
N LEU D 198 -20.49 30.92 -17.50
CA LEU D 198 -19.25 31.18 -18.20
C LEU D 198 -18.75 29.83 -18.70
N THR D 199 -18.47 29.76 -20.00
CA THR D 199 -17.92 28.55 -20.63
C THR D 199 -16.47 28.77 -21.08
N ILE D 200 -15.57 27.90 -20.65
CA ILE D 200 -14.17 27.98 -21.02
C ILE D 200 -13.77 26.65 -21.58
N SER D 201 -13.08 26.66 -22.73
CA SER D 201 -12.67 25.41 -23.34
C SER D 201 -11.22 25.54 -23.72
N LEU D 202 -10.37 24.66 -23.16
CA LEU D 202 -8.99 24.47 -23.63
C LEU D 202 -9.07 23.33 -24.64
N HIS D 203 -8.42 23.46 -25.79
CA HIS D 203 -8.47 22.35 -26.76
C HIS D 203 -7.38 22.44 -27.79
N GLN D 204 -7.03 21.30 -28.38
CA GLN D 204 -6.16 21.29 -29.55
C GLN D 204 -6.87 22.00 -30.69
N HIS D 205 -6.22 22.99 -31.31
CA HIS D 205 -6.90 23.77 -32.32
C HIS D 205 -7.38 22.94 -33.52
N LEU D 206 -8.69 23.01 -33.80
CA LEU D 206 -9.38 22.31 -34.92
C LEU D 206 -9.25 20.80 -34.87
N CYS D 207 -9.05 20.24 -33.69
CA CYS D 207 -9.00 18.78 -33.59
C CYS D 207 -10.40 18.17 -33.80
N PHE D 208 -11.35 18.56 -32.95
CA PHE D 208 -12.73 18.23 -33.19
C PHE D 208 -13.66 19.12 -32.37
N PRO D 209 -14.72 19.68 -32.99
CA PRO D 209 -15.15 19.56 -34.41
C PRO D 209 -14.26 20.37 -35.33
N PRO D 210 -14.32 20.11 -36.63
CA PRO D 210 -13.49 20.93 -37.51
C PRO D 210 -14.10 22.33 -37.54
N ASP D 211 -13.31 23.33 -37.89
CA ASP D 211 -13.88 24.69 -38.05
C ASP D 211 -14.69 25.23 -36.84
N SER D 212 -14.17 24.99 -35.65
CA SER D 212 -14.87 25.31 -34.42
C SER D 212 -13.83 25.61 -33.35
N GLY D 213 -14.12 26.50 -32.41
CA GLY D 213 -13.22 26.66 -31.26
C GLY D 213 -12.21 27.80 -31.32
N TYR D 214 -12.41 28.69 -32.28
CA TYR D 214 -11.55 29.88 -32.39
C TYR D 214 -11.83 30.87 -31.26
N SER D 215 -10.85 31.69 -30.93
CA SER D 215 -10.99 32.60 -29.81
C SER D 215 -11.91 33.78 -30.11
N THR D 216 -12.22 33.96 -31.38
CA THR D 216 -13.23 34.92 -31.81
C THR D 216 -14.67 34.51 -31.49
N GLU D 217 -14.86 33.27 -31.04
CA GLU D 217 -16.20 32.79 -30.70
C GLU D 217 -16.44 33.15 -29.24
N ARG D 218 -17.19 34.23 -29.01
CA ARG D 218 -17.22 34.85 -27.67
C ARG D 218 -18.60 34.94 -27.01
N GLY D 219 -19.61 34.29 -27.58
CA GLY D 219 -20.99 34.45 -27.17
C GLY D 219 -21.63 35.65 -27.84
N ALA D 220 -22.90 35.88 -27.54
CA ALA D 220 -23.62 36.99 -28.19
C ALA D 220 -24.61 37.67 -27.25
N GLY D 221 -24.93 38.92 -27.56
CA GLY D 221 -25.90 39.65 -26.74
C GLY D 221 -25.35 39.88 -25.36
N ASN D 222 -26.22 39.69 -24.36
CA ASN D 222 -25.82 39.74 -22.96
C ASN D 222 -24.76 38.70 -22.62
N GLY D 223 -24.67 37.68 -23.47
CA GLY D 223 -23.67 36.64 -23.31
C GLY D 223 -22.33 36.97 -23.94
N HIS D 224 -22.23 38.09 -24.67
CA HIS D 224 -20.94 38.40 -25.28
C HIS D 224 -19.85 38.61 -24.23
N GLY D 225 -18.74 37.87 -24.36
CA GLY D 225 -17.61 37.95 -23.44
C GLY D 225 -17.56 36.84 -22.40
N TYR D 226 -18.56 35.95 -22.45
CA TYR D 226 -18.71 34.88 -21.44
C TYR D 226 -18.59 33.48 -22.03
N ASN D 227 -18.00 33.42 -23.23
CA ASN D 227 -17.44 32.21 -23.80
C ASN D 227 -15.99 32.46 -24.10
N ILE D 228 -15.13 31.57 -23.62
CA ILE D 228 -13.70 31.72 -23.79
C ILE D 228 -13.12 30.42 -24.32
N ASN D 229 -12.65 30.46 -25.57
CA ASN D 229 -11.90 29.38 -26.19
C ASN D 229 -10.42 29.62 -26.11
N VAL D 230 -9.66 28.59 -25.75
CA VAL D 230 -8.19 28.66 -25.75
C VAL D 230 -7.65 27.54 -26.64
N PRO D 231 -7.67 27.75 -27.97
CA PRO D 231 -7.11 26.75 -28.88
C PRO D 231 -5.57 26.75 -28.78
N LEU D 232 -5.00 25.56 -28.63
CA LEU D 232 -3.57 25.35 -28.43
C LEU D 232 -3.03 24.49 -29.61
N PRO D 233 -1.76 24.67 -29.98
CA PRO D 233 -1.23 23.89 -31.11
C PRO D 233 -0.97 22.41 -30.74
N PRO D 234 -1.08 21.52 -31.72
CA PRO D 234 -0.69 20.14 -31.45
C PRO D 234 0.72 20.05 -30.84
N GLY D 235 0.92 19.06 -29.99
CA GLY D 235 2.21 18.88 -29.30
C GLY D 235 2.30 19.64 -27.98
N SER D 236 1.29 20.46 -27.67
CA SER D 236 1.27 21.20 -26.39
C SER D 236 1.25 20.22 -25.23
N GLY D 237 2.03 20.50 -24.19
CA GLY D 237 2.15 19.59 -23.06
C GLY D 237 1.91 20.32 -21.75
N ASN D 238 2.53 19.80 -20.70
CA ASN D 238 2.25 20.29 -19.35
C ASN D 238 2.52 21.81 -19.28
N ALA D 239 3.62 22.24 -19.89
CA ALA D 239 4.01 23.65 -19.77
C ALA D 239 2.94 24.56 -20.36
N ALA D 240 2.45 24.23 -21.56
CA ALA D 240 1.41 25.03 -22.21
C ALA D 240 0.09 24.99 -21.43
N TYR D 241 -0.31 23.79 -20.98
CA TYR D 241 -1.57 23.70 -20.24
C TYR D 241 -1.51 24.47 -18.91
N LEU D 242 -0.39 24.41 -18.21
CA LEU D 242 -0.26 25.13 -16.94
C LEU D 242 -0.15 26.63 -17.20
N HIS D 243 0.51 27.02 -18.30
CA HIS D 243 0.57 28.44 -18.65
C HIS D 243 -0.83 28.95 -18.98
N ALA D 244 -1.61 28.17 -19.73
CA ALA D 244 -3.00 28.52 -20.01
C ALA D 244 -3.83 28.64 -18.72
N MET D 245 -3.59 27.74 -17.79
CA MET D 245 -4.32 27.78 -16.50
C MET D 245 -4.01 29.11 -15.79
N ASP D 246 -2.73 29.45 -15.73
CA ASP D 246 -2.24 30.57 -14.91
C ASP D 246 -2.55 31.92 -15.53
N GLN D 247 -2.50 31.98 -16.87
CA GLN D 247 -2.63 33.25 -17.60
C GLN D 247 -4.05 33.57 -18.03
N VAL D 248 -4.87 32.52 -18.19
CA VAL D 248 -6.21 32.66 -18.70
C VAL D 248 -7.29 32.07 -17.78
N VAL D 249 -7.18 30.79 -17.44
CA VAL D 249 -8.31 30.12 -16.81
C VAL D 249 -8.57 30.63 -15.40
N LEU D 250 -7.53 30.62 -14.58
CA LEU D 250 -7.65 31.05 -13.18
C LEU D 250 -8.07 32.54 -13.12
N PRO D 251 -7.37 33.43 -13.86
CA PRO D 251 -7.90 34.82 -13.90
C PRO D 251 -9.36 34.97 -14.38
N ALA D 252 -9.76 34.23 -15.42
CA ALA D 252 -11.13 34.26 -15.85
C ALA D 252 -12.09 33.89 -14.72
N LEU D 253 -11.76 32.80 -14.02
CA LEU D 253 -12.59 32.35 -12.91
C LEU D 253 -12.67 33.39 -11.82
N ARG D 254 -11.53 33.96 -11.44
CA ARG D 254 -11.50 34.98 -10.37
C ARG D 254 -12.23 36.25 -10.76
N ALA D 255 -12.18 36.61 -12.04
CA ALA D 255 -12.95 37.76 -12.54
C ALA D 255 -14.47 37.52 -12.53
N TYR D 256 -14.88 36.31 -12.87
CA TYR D 256 -16.29 36.01 -13.06
C TYR D 256 -17.05 35.74 -11.74
N ARG D 257 -16.32 35.24 -10.76
CA ARG D 257 -16.90 34.94 -9.45
C ARG D 257 -18.12 34.00 -9.53
N PRO D 258 -17.89 32.77 -10.06
CA PRO D 258 -18.97 31.81 -10.15
C PRO D 258 -19.29 31.28 -8.74
N GLN D 259 -20.51 30.80 -8.53
CA GLN D 259 -20.87 30.18 -7.23
C GLN D 259 -20.50 28.72 -7.20
N LEU D 260 -20.17 28.17 -8.37
CA LEU D 260 -19.88 26.75 -8.52
C LEU D 260 -19.01 26.62 -9.76
N ILE D 261 -17.98 25.79 -9.66
CA ILE D 261 -17.16 25.44 -10.84
C ILE D 261 -17.43 24.00 -11.23
N ILE D 262 -17.80 23.79 -12.49
CA ILE D 262 -18.00 22.43 -13.02
C ILE D 262 -16.86 22.23 -14.00
N VAL D 263 -16.10 21.13 -13.85
CA VAL D 263 -14.99 20.83 -14.75
C VAL D 263 -15.39 19.69 -15.67
N GLY D 264 -15.35 19.98 -16.95
CA GLY D 264 -15.61 18.97 -17.98
C GLY D 264 -14.27 18.29 -18.11
N SER D 265 -14.11 17.17 -17.39
CA SER D 265 -12.79 16.55 -17.21
C SER D 265 -12.57 15.40 -18.16
N GLY D 266 -12.01 15.72 -19.32
CA GLY D 266 -11.55 14.69 -20.27
C GLY D 266 -10.06 14.48 -20.08
N PHE D 267 -9.56 13.31 -20.47
CA PHE D 267 -8.12 13.01 -20.39
C PHE D 267 -7.51 12.72 -21.76
N ASP D 268 -8.20 13.17 -22.80
CA ASP D 268 -7.73 12.96 -24.16
C ASP D 268 -6.57 13.88 -24.61
N ALA D 269 -6.22 14.85 -23.77
CA ALA D 269 -4.96 15.57 -23.95
C ALA D 269 -3.73 14.81 -23.47
N SER D 270 -3.92 13.57 -22.98
CA SER D 270 -2.81 12.81 -22.46
C SER D 270 -1.77 12.47 -23.52
N MET D 271 -0.54 12.25 -23.07
CA MET D 271 0.58 11.89 -23.91
C MET D 271 0.31 10.68 -24.80
N LEU D 272 -0.59 9.80 -24.38
CA LEU D 272 -0.75 8.51 -25.08
C LEU D 272 -2.13 8.37 -25.74
N ASP D 273 -2.83 9.48 -25.86
CA ASP D 273 -4.16 9.42 -26.44
C ASP D 273 -4.08 9.31 -27.97
N PRO D 274 -4.89 8.40 -28.57
CA PRO D 274 -4.91 8.34 -30.02
C PRO D 274 -5.73 9.47 -30.65
N LEU D 275 -6.70 10.04 -29.91
CA LEU D 275 -7.60 11.04 -30.54
C LEU D 275 -7.20 12.53 -30.42
N ALA D 276 -5.94 12.78 -30.04
CA ALA D 276 -5.36 14.13 -30.07
C ALA D 276 -3.85 13.98 -30.00
N ARG D 277 -3.16 15.11 -30.17
CA ARG D 277 -1.72 15.13 -30.32
C ARG D 277 -1.04 15.92 -29.19
N MET D 278 -1.65 15.92 -28.01
CA MET D 278 -1.10 16.68 -26.89
C MET D 278 -0.27 15.82 -25.97
N MET D 279 0.44 16.46 -25.03
CA MET D 279 1.52 15.84 -24.30
C MET D 279 1.35 15.94 -22.77
N VAL D 280 0.12 16.05 -22.33
CA VAL D 280 -0.14 16.15 -20.88
C VAL D 280 0.04 14.81 -20.20
N THR D 281 0.71 14.83 -19.05
CA THR D 281 0.93 13.61 -18.30
C THR D 281 -0.02 13.63 -17.08
N ALA D 282 -0.12 12.50 -16.39
CA ALA D 282 -0.89 12.44 -15.13
C ALA D 282 -0.45 13.55 -14.19
N ASP D 283 0.86 13.84 -14.12
CA ASP D 283 1.32 14.94 -13.24
C ASP D 283 0.78 16.29 -13.72
N GLY D 284 0.67 16.47 -15.03
CA GLY D 284 0.06 17.69 -15.56
C GLY D 284 -1.40 17.83 -15.19
N PHE D 285 -2.18 16.77 -15.36
CA PHE D 285 -3.55 16.82 -14.93
C PHE D 285 -3.65 17.04 -13.42
N ARG D 286 -2.74 16.42 -12.67
CA ARG D 286 -2.73 16.60 -11.22
C ARG D 286 -2.63 18.10 -10.89
N GLN D 287 -1.70 18.78 -11.55
CA GLN D 287 -1.43 20.20 -11.29
C GLN D 287 -2.58 21.08 -11.76
N MET D 288 -3.19 20.72 -12.88
CA MET D 288 -4.40 21.37 -13.34
C MET D 288 -5.53 21.24 -12.33
N ALA D 289 -5.76 20.03 -11.84
CA ALA D 289 -6.78 19.79 -10.83
C ALA D 289 -6.48 20.56 -9.52
N ARG D 290 -5.25 20.45 -9.05
CA ARG D 290 -4.81 21.17 -7.81
C ARG D 290 -5.15 22.65 -7.92
N ARG D 291 -4.75 23.26 -9.03
CA ARG D 291 -4.97 24.68 -9.24
C ARG D 291 -6.44 25.04 -9.24
N THR D 292 -7.26 24.24 -9.94
CA THR D 292 -8.68 24.53 -10.06
C THR D 292 -9.41 24.37 -8.72
N ILE D 293 -9.07 23.29 -8.00
CA ILE D 293 -9.64 23.04 -6.69
C ILE D 293 -9.29 24.19 -5.74
N ASP D 294 -8.02 24.58 -5.74
CA ASP D 294 -7.53 25.70 -4.90
C ASP D 294 -8.21 27.01 -5.24
N CYS D 295 -8.42 27.25 -6.54
CA CYS D 295 -9.24 28.38 -7.01
C CYS D 295 -10.68 28.34 -6.43
N ALA D 296 -11.36 27.20 -6.54
CA ALA D 296 -12.70 27.02 -5.95
C ALA D 296 -12.72 27.30 -4.44
N ALA D 297 -11.72 26.81 -3.75
CA ALA D 297 -11.56 27.07 -2.30
C ALA D 297 -11.59 28.58 -2.07
N ASP D 298 -10.87 29.32 -2.91
CA ASP D 298 -10.71 30.76 -2.71
C ASP D 298 -11.93 31.56 -3.08
N ILE D 299 -12.69 31.11 -4.08
CA ILE D 299 -13.73 31.97 -4.62
C ILE D 299 -15.18 31.49 -4.50
N CYS D 300 -15.40 30.19 -4.33
CA CYS D 300 -16.77 29.69 -4.25
C CYS D 300 -16.89 28.57 -3.22
N ASP D 301 -16.25 28.79 -2.06
CA ASP D 301 -16.43 27.91 -0.90
C ASP D 301 -16.10 26.46 -1.21
N GLY D 302 -15.13 26.27 -2.11
CA GLY D 302 -14.66 24.95 -2.49
C GLY D 302 -15.62 24.14 -3.34
N ARG D 303 -16.73 24.77 -3.80
CA ARG D 303 -17.76 24.07 -4.59
C ARG D 303 -17.26 23.77 -6.01
N ILE D 304 -16.83 22.53 -6.22
CA ILE D 304 -16.32 22.09 -7.51
C ILE D 304 -16.70 20.64 -7.77
N VAL D 305 -17.19 20.44 -9.00
CA VAL D 305 -17.75 19.17 -9.43
C VAL D 305 -17.07 18.83 -10.74
N PHE D 306 -16.32 17.72 -10.75
CA PHE D 306 -15.69 17.22 -11.99
C PHE D 306 -16.61 16.21 -12.64
N VAL D 307 -16.74 16.31 -13.97
CA VAL D 307 -17.63 15.44 -14.71
C VAL D 307 -16.86 14.86 -15.90
N GLN D 308 -16.85 13.55 -16.03
CA GLN D 308 -16.02 12.91 -17.04
C GLN D 308 -16.46 13.30 -18.46
N GLU D 309 -15.49 13.70 -19.27
CA GLU D 309 -15.69 13.87 -20.71
C GLU D 309 -14.93 12.76 -21.42
N GLY D 310 -14.08 13.09 -22.39
CA GLY D 310 -13.41 12.06 -23.20
C GLY D 310 -12.11 11.53 -22.65
N GLY D 311 -11.36 10.85 -23.50
CA GLY D 311 -10.14 10.18 -23.09
C GLY D 311 -10.23 8.76 -23.56
N TYR D 312 -9.16 8.32 -24.24
CA TYR D 312 -9.21 7.12 -25.09
C TYR D 312 -8.04 6.18 -24.93
N SER D 313 -7.10 6.47 -24.02
CA SER D 313 -6.02 5.48 -23.74
C SER D 313 -6.46 4.57 -22.59
N PRO D 314 -6.86 3.32 -22.89
CA PRO D 314 -7.22 2.45 -21.75
C PRO D 314 -6.02 2.17 -20.84
N HIS D 315 -4.81 2.27 -21.40
CA HIS D 315 -3.59 2.05 -20.63
C HIS D 315 -3.37 3.16 -19.62
N TYR D 316 -3.47 4.40 -20.10
CA TYR D 316 -2.95 5.57 -19.35
C TYR D 316 -4.01 6.43 -18.70
N LEU D 317 -5.19 6.54 -19.33
CA LEU D 317 -6.29 7.35 -18.77
C LEU D 317 -6.55 7.05 -17.29
N PRO D 318 -6.58 5.77 -16.89
CA PRO D 318 -6.85 5.53 -15.47
C PRO D 318 -5.89 6.28 -14.50
N PHE D 319 -4.60 6.34 -14.84
CA PHE D 319 -3.62 7.09 -14.01
C PHE D 319 -3.83 8.58 -14.04
N CYS D 320 -4.25 9.11 -15.20
CA CYS D 320 -4.59 10.54 -15.29
C CYS D 320 -5.79 10.87 -14.39
N GLY D 321 -6.84 10.06 -14.48
CA GLY D 321 -8.03 10.25 -13.66
C GLY D 321 -7.75 10.04 -12.17
N LEU D 322 -6.96 9.03 -11.84
CA LEU D 322 -6.56 8.77 -10.46
C LEU D 322 -5.88 10.01 -9.88
N ALA D 323 -4.98 10.63 -10.64
CA ALA D 323 -4.27 11.83 -10.17
C ALA D 323 -5.27 12.90 -9.76
N VAL D 324 -6.31 13.10 -10.56
CA VAL D 324 -7.33 14.11 -10.24
C VAL D 324 -8.10 13.75 -8.95
N ILE D 325 -8.52 12.49 -8.85
CA ILE D 325 -9.19 11.98 -7.65
C ILE D 325 -8.32 12.22 -6.39
N GLU D 326 -7.03 11.92 -6.49
CA GLU D 326 -6.11 12.13 -5.36
C GLU D 326 -6.00 13.60 -4.97
N GLU D 327 -6.14 14.50 -5.94
CA GLU D 327 -6.12 15.93 -5.56
C GLU D 327 -7.39 16.36 -4.80
N LEU D 328 -8.49 15.69 -5.09
CA LEU D 328 -9.72 15.87 -4.35
C LEU D 328 -9.63 15.28 -2.93
N THR D 329 -9.14 14.05 -2.81
CA THR D 329 -9.13 13.38 -1.50
C THR D 329 -7.95 13.85 -0.65
N GLY D 330 -6.87 14.25 -1.29
CA GLY D 330 -5.62 14.58 -0.59
C GLY D 330 -4.79 13.36 -0.20
N VAL D 331 -5.20 12.18 -0.68
CA VAL D 331 -4.51 10.91 -0.38
C VAL D 331 -3.73 10.47 -1.61
N ARG D 332 -2.42 10.63 -1.56
CA ARG D 332 -1.56 10.45 -2.73
C ARG D 332 -0.72 9.20 -2.63
N SER D 333 -1.38 8.07 -2.86
CA SER D 333 -0.89 6.77 -2.43
C SER D 333 -0.36 5.82 -3.52
N LEU D 334 -0.29 6.27 -4.76
CA LEU D 334 0.15 5.39 -5.85
C LEU D 334 0.92 6.19 -6.89
N PRO D 335 2.09 5.69 -7.35
CA PRO D 335 2.76 6.42 -8.41
C PRO D 335 2.07 6.25 -9.75
N ASP D 336 2.41 7.15 -10.65
CA ASP D 336 2.11 6.97 -12.06
C ASP D 336 3.22 6.08 -12.62
N PRO D 337 2.89 4.81 -12.99
CA PRO D 337 3.93 3.86 -13.39
C PRO D 337 4.56 4.21 -14.75
N TYR D 338 3.95 5.17 -15.45
CA TYR D 338 4.49 5.66 -16.73
C TYR D 338 5.30 6.94 -16.56
N HIS D 339 5.38 7.46 -15.32
CA HIS D 339 5.91 8.82 -15.14
C HIS D 339 7.25 9.06 -15.83
N GLU D 340 8.22 8.19 -15.59
CA GLU D 340 9.57 8.43 -16.09
C GLU D 340 9.65 8.23 -17.60
N PHE D 341 8.99 7.17 -18.07
CA PHE D 341 8.85 6.88 -19.50
C PHE D 341 8.33 8.09 -20.27
N LEU D 342 7.28 8.71 -19.75
CA LEU D 342 6.64 9.84 -20.45
C LEU D 342 7.36 11.16 -20.25
N ALA D 343 7.94 11.33 -19.07
CA ALA D 343 8.66 12.58 -18.77
C ALA D 343 9.73 12.90 -19.79
N GLY D 344 10.43 11.85 -20.25
CA GLY D 344 11.51 12.01 -21.22
C GLY D 344 11.08 12.51 -22.59
N MET D 345 9.78 12.45 -22.88
CA MET D 345 9.31 12.86 -24.20
C MET D 345 9.14 14.39 -24.07
N GLY D 346 8.80 15.12 -25.11
CA GLY D 346 8.61 16.61 -24.81
C GLY D 346 7.58 17.19 -23.78
N GLY D 347 7.20 18.43 -24.00
CA GLY D 347 5.99 19.00 -23.44
C GLY D 347 6.18 19.90 -22.23
N ASN D 348 7.35 19.85 -21.62
CA ASN D 348 7.47 20.51 -20.32
C ASN D 348 8.18 21.87 -20.39
N THR D 349 8.40 22.34 -21.61
CA THR D 349 8.94 23.69 -21.86
C THR D 349 7.92 24.47 -22.68
N LEU D 350 7.61 25.67 -22.22
CA LEU D 350 6.65 26.49 -22.91
C LEU D 350 7.25 27.01 -24.21
N LEU D 351 6.75 26.50 -25.33
CA LEU D 351 7.33 26.87 -26.62
C LEU D 351 6.77 28.21 -27.04
N ASP D 352 7.55 28.95 -27.82
CA ASP D 352 7.13 30.28 -28.27
C ASP D 352 5.73 30.28 -28.87
N ALA D 353 5.42 29.27 -29.71
CA ALA D 353 4.13 29.23 -30.36
C ALA D 353 2.97 28.94 -29.39
N GLU D 354 3.26 28.16 -28.34
CA GLU D 354 2.28 27.87 -27.28
C GLU D 354 1.98 29.13 -26.47
N ARG D 355 3.05 29.83 -26.11
CA ARG D 355 2.97 31.11 -25.41
C ARG D 355 2.09 32.08 -26.21
N ALA D 356 2.33 32.18 -27.51
CA ALA D 356 1.59 33.15 -28.33
C ALA D 356 0.13 32.80 -28.47
N ALA D 357 -0.18 31.51 -28.60
CA ALA D 357 -1.56 31.06 -28.66
C ALA D 357 -2.31 31.47 -27.40
N ILE D 358 -1.68 31.28 -26.25
CA ILE D 358 -2.26 31.67 -24.95
C ILE D 358 -2.42 33.19 -24.82
N GLU D 359 -1.44 33.94 -25.28
CA GLU D 359 -1.47 35.39 -25.16
C GLU D 359 -2.60 36.04 -25.97
N GLU D 360 -3.02 35.41 -27.07
CA GLU D 360 -4.14 35.89 -27.87
C GLU D 360 -5.41 35.99 -27.03
N ILE D 361 -5.47 35.23 -25.93
CA ILE D 361 -6.71 35.21 -25.14
C ILE D 361 -6.74 36.22 -23.98
N VAL D 362 -5.57 36.63 -23.51
CA VAL D 362 -5.42 37.57 -22.39
C VAL D 362 -6.31 38.84 -22.51
N PRO D 363 -6.30 39.51 -23.69
CA PRO D 363 -7.18 40.69 -23.81
C PRO D 363 -8.67 40.45 -23.50
N LEU D 364 -9.14 39.23 -23.72
CA LEU D 364 -10.55 38.90 -23.53
C LEU D 364 -10.99 38.93 -22.06
N LEU D 365 -10.02 38.79 -21.16
CA LEU D 365 -10.28 38.73 -19.70
C LEU D 365 -10.89 40.04 -19.20
N ALA D 366 -10.55 41.12 -19.88
CA ALA D 366 -10.97 42.44 -19.43
C ALA D 366 -12.49 42.63 -19.54
N ASP D 367 -13.11 41.83 -20.38
CA ASP D 367 -14.53 41.93 -20.62
C ASP D 367 -15.38 41.05 -19.72
N ILE D 368 -14.74 40.25 -18.86
CA ILE D 368 -15.50 39.41 -17.93
C ILE D 368 -15.96 40.31 -16.77
ZN ZN E . 8.37 3.17 -33.69
K K F . 12.97 6.77 -37.33
K K G . 26.77 4.30 -41.12
O1 SHH H . 9.96 2.39 -32.98
O2 SHH H . 7.51 1.73 -32.32
N1 SHH H . 9.62 1.46 -32.00
C1 SHH H . 8.43 1.55 -31.53
C2 SHH H . 8.29 1.38 -30.02
C3 SHH H . 8.61 2.61 -29.19
C4 SHH H . 8.32 2.46 -27.68
C5 SHH H . 8.94 1.24 -26.98
C6 SHH H . 9.02 1.40 -25.46
C7 SHH H . 9.69 0.22 -24.76
C8 SHH H . 9.99 0.62 -23.32
O3 SHH H . 9.10 0.98 -22.57
N2 SHH H . 11.27 0.56 -22.95
C9 SHH H . 11.73 0.93 -21.73
C10 SHH H . 12.64 0.10 -21.07
C11 SHH H . 13.14 0.45 -19.83
C12 SHH H . 12.72 1.64 -19.22
C13 SHH H . 11.80 2.48 -19.86
C14 SHH H . 11.31 2.11 -21.12
ZN ZN I . 7.11 -20.05 31.41
K K J . 9.48 -23.64 26.02
K K K . 17.70 -36.03 25.08
O1 SHH L . 8.64 -20.99 32.27
O2 SHH L . 6.78 -19.33 33.36
N1 SHH L . 8.51 -20.49 33.65
C1 SHH L . 7.88 -19.46 33.85
C2 SHH L . 8.57 -18.49 34.80
C3 SHH L . 9.80 -17.73 34.31
C4 SHH L . 9.86 -16.47 35.17
C5 SHH L . 11.21 -15.76 35.19
C6 SHH L . 11.97 -16.08 36.48
C7 SHH L . 12.47 -14.84 37.26
C8 SHH L . 13.99 -14.74 37.39
O3 SHH L . 14.69 -14.93 36.42
N2 SHH L . 14.54 -14.44 38.57
C9 SHH L . 15.89 -14.51 38.78
C10 SHH L . 16.71 -13.40 38.54
C11 SHH L . 18.08 -13.48 38.79
C12 SHH L . 18.64 -14.65 39.27
C13 SHH L . 17.82 -15.76 39.51
C14 SHH L . 16.46 -15.68 39.27
ZN ZN M . -2.16 2.74 27.47
K K N . 0.81 6.80 22.64
K K O . -3.03 19.22 16.07
O1 SHH P . -3.73 3.74 26.72
O2 SHH P . -3.70 1.89 28.63
N1 SHH P . -4.82 3.19 27.36
C1 SHH P . -4.71 2.06 27.98
C2 SHH P . -5.85 1.07 27.91
C3 SHH P . -6.01 0.31 26.59
C4 SHH P . -7.00 -0.86 26.68
C5 SHH P . -8.46 -0.39 26.56
C6 SHH P . -9.45 -1.49 26.22
C7 SHH P . -10.87 -1.06 26.62
C8 SHH P . -11.86 -0.96 25.47
O3 SHH P . -12.20 0.14 25.05
N2 SHH P . -12.35 -2.11 25.03
C9 SHH P . -13.28 -2.29 24.06
C10 SHH P . -13.09 -3.32 23.13
C11 SHH P . -14.04 -3.55 22.14
C12 SHH P . -15.18 -2.75 22.06
C13 SHH P . -15.39 -1.72 22.98
C14 SHH P . -14.45 -1.51 23.99
ZN ZN Q . -12.67 14.78 -26.23
K K R . -12.19 21.44 -24.30
K K S . -22.29 31.94 -21.61
O1 SHH T . -14.44 15.37 -26.79
O2 SHH T . -13.39 13.03 -27.09
N1 SHH T . -14.97 14.41 -27.65
C1 SHH T . -14.21 13.39 -27.91
C2 SHH T . -14.49 12.71 -29.25
C3 SHH T . -13.80 13.35 -30.45
C4 SHH T . -14.02 12.54 -31.72
C5 SHH T . -15.47 12.55 -32.21
C6 SHH T . -15.51 12.24 -33.70
C7 SHH T . -16.96 11.97 -34.10
C8 SHH T . -17.05 11.93 -35.60
O3 SHH T . -16.44 11.06 -36.22
N2 SHH T . -17.84 12.86 -36.14
C9 SHH T . -18.05 13.07 -37.47
C10 SHH T . -19.35 13.24 -37.92
C11 SHH T . -19.62 13.48 -39.27
C12 SHH T . -18.56 13.55 -40.18
C13 SHH T . -17.24 13.40 -39.73
C14 SHH T . -16.99 13.15 -38.37
#